data_5J08
# 
_entry.id   5J08 
# 
_audit_conform.dict_name       mmcif_pdbx.dic 
_audit_conform.dict_version    5.380 
_audit_conform.dict_location   http://mmcif.pdb.org/dictionaries/ascii/mmcif_pdbx.dic 
# 
loop_
_database_2.database_id 
_database_2.database_code 
_database_2.pdbx_database_accession 
_database_2.pdbx_DOI 
PDB   5J08         pdb_00005j08 10.2210/pdb5j08/pdb 
WWPDB D_1000219735 ?            ?                   
# 
_pdbx_database_status.status_code                     REL 
_pdbx_database_status.status_code_sf                  REL 
_pdbx_database_status.status_code_mr                  ? 
_pdbx_database_status.entry_id                        5J08 
_pdbx_database_status.recvd_initial_deposition_date   2016-03-28 
_pdbx_database_status.SG_entry                        N 
_pdbx_database_status.deposit_site                    RCSB 
_pdbx_database_status.process_site                    PDBJ 
_pdbx_database_status.status_code_cs                  ? 
_pdbx_database_status.methods_development_category    ? 
_pdbx_database_status.pdb_format_compatible           Y 
_pdbx_database_status.status_code_nmr_data            ? 
# 
loop_
_audit_author.name 
_audit_author.pdbx_ordinal 
'Zhang, F.'  1 
'Song, Y.'   2 
'Li, X.'     3 
'Teng, M.K.' 4 
# 
_citation.abstract                  ? 
_citation.abstract_id_CAS           ? 
_citation.book_id_ISBN              ? 
_citation.book_publisher            ? 
_citation.book_publisher_city       ? 
_citation.book_title                ? 
_citation.coordinate_linkage        ? 
_citation.country                   US 
_citation.database_id_Medline       ? 
_citation.details                   ? 
_citation.id                        primary 
_citation.journal_abbrev            Biochem.Biophys.Res.Commun. 
_citation.journal_id_ASTM           BBRCA9 
_citation.journal_id_CSD            0146 
_citation.journal_id_ISSN           1090-2104 
_citation.journal_full              ? 
_citation.journal_issue             ? 
_citation.journal_volume            477 
_citation.language                  ? 
_citation.page_first                786 
_citation.page_last                 793 
_citation.title                     
'Structural and functional insight into the N-terminal domain of the clathrin adaptor Ent5 from Saccharomyces cerevisiae' 
_citation.year                      2016 
_citation.database_id_CSD           ? 
_citation.pdbx_database_id_DOI      10.1016/j.bbrc.2016.06.136 
_citation.pdbx_database_id_PubMed   27369074 
_citation.unpublished_flag          ? 
# 
loop_
_citation_author.citation_id 
_citation_author.name 
_citation_author.ordinal 
_citation_author.identifier_ORCID 
primary 'Zhang, F.'    1 ? 
primary 'Song, Y.'     2 ? 
primary 'Ebrahimi, M.' 3 ? 
primary 'Niu, L.'      4 ? 
primary 'Teng, M.K.'   5 ? 
primary 'Li, X.'       6 ? 
# 
_cell.angle_alpha                  90.00 
_cell.angle_alpha_esd              ? 
_cell.angle_beta                   103.15 
_cell.angle_beta_esd               ? 
_cell.angle_gamma                  90.00 
_cell.angle_gamma_esd              ? 
_cell.entry_id                     5J08 
_cell.details                      ? 
_cell.formula_units_Z              ? 
_cell.length_a                     29.345 
_cell.length_a_esd                 ? 
_cell.length_b                     51.758 
_cell.length_b_esd                 ? 
_cell.length_c                     59.452 
_cell.length_c_esd                 ? 
_cell.volume                       ? 
_cell.volume_esd                   ? 
_cell.Z_PDB                        2 
_cell.reciprocal_angle_alpha       ? 
_cell.reciprocal_angle_beta        ? 
_cell.reciprocal_angle_gamma       ? 
_cell.reciprocal_angle_alpha_esd   ? 
_cell.reciprocal_angle_beta_esd    ? 
_cell.reciprocal_angle_gamma_esd   ? 
_cell.reciprocal_length_a          ? 
_cell.reciprocal_length_b          ? 
_cell.reciprocal_length_c          ? 
_cell.reciprocal_length_a_esd      ? 
_cell.reciprocal_length_b_esd      ? 
_cell.reciprocal_length_c_esd      ? 
_cell.pdbx_unique_axis             ? 
# 
_symmetry.entry_id                         5J08 
_symmetry.cell_setting                     ? 
_symmetry.Int_Tables_number                4 
_symmetry.space_group_name_Hall            ? 
_symmetry.space_group_name_H-M             'P 1 21 1' 
_symmetry.pdbx_full_space_group_name_H-M   ? 
# 
loop_
_entity.id 
_entity.type 
_entity.src_method 
_entity.pdbx_description 
_entity.formula_weight 
_entity.pdbx_number_of_molecules 
_entity.pdbx_ec 
_entity.pdbx_mutation 
_entity.pdbx_fragment 
_entity.details 
1 polymer man Epsin-5 20277.492 1  ? ? 'UNP residues 31-192' ? 
2 water   nat water   18.015    73 ? ? ?                     ? 
# 
_entity_poly.entity_id                      1 
_entity_poly.type                           'polypeptide(L)' 
_entity_poly.nstd_linkage                   no 
_entity_poly.nstd_monomer                   no 
_entity_poly.pdbx_seq_one_letter_code       
;SEPYQIDIRRATNTDAWGPTPKHLAKVLRNRYQVPLYLMTEYTLKRLVDHIATRPKNLYEKARKDYVNYGSEWRVVLKCL
VVIEFLLLNVDTGDELNQIRSCLLTHKHILTREIAQFKVKFSNDGKMEIHERGIRKKGELILQYLEDSQFLKKERAKNKK
NALEHHHHHH
;
_entity_poly.pdbx_seq_one_letter_code_can   
;SEPYQIDIRRATNTDAWGPTPKHLAKVLRNRYQVPLYLMTEYTLKRLVDHIATRPKNLYEKARKDYVNYGSEWRVVLKCL
VVIEFLLLNVDTGDELNQIRSCLLTHKHILTREIAQFKVKFSNDGKMEIHERGIRKKGELILQYLEDSQFLKKERAKNKK
NALEHHHHHH
;
_entity_poly.pdbx_strand_id                 A 
_entity_poly.pdbx_target_identifier         ? 
# 
loop_
_entity_poly_seq.entity_id 
_entity_poly_seq.num 
_entity_poly_seq.mon_id 
_entity_poly_seq.hetero 
1 1   SER n 
1 2   GLU n 
1 3   PRO n 
1 4   TYR n 
1 5   GLN n 
1 6   ILE n 
1 7   ASP n 
1 8   ILE n 
1 9   ARG n 
1 10  ARG n 
1 11  ALA n 
1 12  THR n 
1 13  ASN n 
1 14  THR n 
1 15  ASP n 
1 16  ALA n 
1 17  TRP n 
1 18  GLY n 
1 19  PRO n 
1 20  THR n 
1 21  PRO n 
1 22  LYS n 
1 23  HIS n 
1 24  LEU n 
1 25  ALA n 
1 26  LYS n 
1 27  VAL n 
1 28  LEU n 
1 29  ARG n 
1 30  ASN n 
1 31  ARG n 
1 32  TYR n 
1 33  GLN n 
1 34  VAL n 
1 35  PRO n 
1 36  LEU n 
1 37  TYR n 
1 38  LEU n 
1 39  MET n 
1 40  THR n 
1 41  GLU n 
1 42  TYR n 
1 43  THR n 
1 44  LEU n 
1 45  LYS n 
1 46  ARG n 
1 47  LEU n 
1 48  VAL n 
1 49  ASP n 
1 50  HIS n 
1 51  ILE n 
1 52  ALA n 
1 53  THR n 
1 54  ARG n 
1 55  PRO n 
1 56  LYS n 
1 57  ASN n 
1 58  LEU n 
1 59  TYR n 
1 60  GLU n 
1 61  LYS n 
1 62  ALA n 
1 63  ARG n 
1 64  LYS n 
1 65  ASP n 
1 66  TYR n 
1 67  VAL n 
1 68  ASN n 
1 69  TYR n 
1 70  GLY n 
1 71  SER n 
1 72  GLU n 
1 73  TRP n 
1 74  ARG n 
1 75  VAL n 
1 76  VAL n 
1 77  LEU n 
1 78  LYS n 
1 79  CYS n 
1 80  LEU n 
1 81  VAL n 
1 82  VAL n 
1 83  ILE n 
1 84  GLU n 
1 85  PHE n 
1 86  LEU n 
1 87  LEU n 
1 88  LEU n 
1 89  ASN n 
1 90  VAL n 
1 91  ASP n 
1 92  THR n 
1 93  GLY n 
1 94  ASP n 
1 95  GLU n 
1 96  LEU n 
1 97  ASN n 
1 98  GLN n 
1 99  ILE n 
1 100 ARG n 
1 101 SER n 
1 102 CYS n 
1 103 LEU n 
1 104 LEU n 
1 105 THR n 
1 106 HIS n 
1 107 LYS n 
1 108 HIS n 
1 109 ILE n 
1 110 LEU n 
1 111 THR n 
1 112 ARG n 
1 113 GLU n 
1 114 ILE n 
1 115 ALA n 
1 116 GLN n 
1 117 PHE n 
1 118 LYS n 
1 119 VAL n 
1 120 LYS n 
1 121 PHE n 
1 122 SER n 
1 123 ASN n 
1 124 ASP n 
1 125 GLY n 
1 126 LYS n 
1 127 MET n 
1 128 GLU n 
1 129 ILE n 
1 130 HIS n 
1 131 GLU n 
1 132 ARG n 
1 133 GLY n 
1 134 ILE n 
1 135 ARG n 
1 136 LYS n 
1 137 LYS n 
1 138 GLY n 
1 139 GLU n 
1 140 LEU n 
1 141 ILE n 
1 142 LEU n 
1 143 GLN n 
1 144 TYR n 
1 145 LEU n 
1 146 GLU n 
1 147 ASP n 
1 148 SER n 
1 149 GLN n 
1 150 PHE n 
1 151 LEU n 
1 152 LYS n 
1 153 LYS n 
1 154 GLU n 
1 155 ARG n 
1 156 ALA n 
1 157 LYS n 
1 158 ASN n 
1 159 LYS n 
1 160 LYS n 
1 161 ASN n 
1 162 ALA n 
1 163 LEU n 
1 164 GLU n 
1 165 HIS n 
1 166 HIS n 
1 167 HIS n 
1 168 HIS n 
1 169 HIS n 
1 170 HIS n 
# 
_entity_src_gen.entity_id                          1 
_entity_src_gen.pdbx_src_id                        1 
_entity_src_gen.pdbx_alt_source_flag               sample 
_entity_src_gen.pdbx_seq_type                      'Biological sequence' 
_entity_src_gen.pdbx_beg_seq_num                   1 
_entity_src_gen.pdbx_end_seq_num                   170 
_entity_src_gen.gene_src_common_name               yeast 
_entity_src_gen.gene_src_genus                     ? 
_entity_src_gen.pdbx_gene_src_gene                 'ENT5, YDR153C' 
_entity_src_gen.gene_src_species                   ? 
_entity_src_gen.gene_src_strain                    'ATCC 204508 / S288c' 
_entity_src_gen.gene_src_tissue                    ? 
_entity_src_gen.gene_src_tissue_fraction           ? 
_entity_src_gen.gene_src_details                   ? 
_entity_src_gen.pdbx_gene_src_fragment             ? 
_entity_src_gen.pdbx_gene_src_scientific_name      'Saccharomyces cerevisiae (strain ATCC 204508 / S288c)' 
_entity_src_gen.pdbx_gene_src_ncbi_taxonomy_id     559292 
_entity_src_gen.pdbx_gene_src_variant              ? 
_entity_src_gen.pdbx_gene_src_cell_line            ? 
_entity_src_gen.pdbx_gene_src_atcc                 ? 
_entity_src_gen.pdbx_gene_src_organ                ? 
_entity_src_gen.pdbx_gene_src_organelle            ? 
_entity_src_gen.pdbx_gene_src_cell                 ? 
_entity_src_gen.pdbx_gene_src_cellular_location    ? 
_entity_src_gen.host_org_common_name               ? 
_entity_src_gen.pdbx_host_org_scientific_name      'Escherichia coli' 
_entity_src_gen.pdbx_host_org_ncbi_taxonomy_id     562 
_entity_src_gen.host_org_genus                     ? 
_entity_src_gen.pdbx_host_org_gene                 ? 
_entity_src_gen.pdbx_host_org_organ                ? 
_entity_src_gen.host_org_species                   ? 
_entity_src_gen.pdbx_host_org_tissue               ? 
_entity_src_gen.pdbx_host_org_tissue_fraction      ? 
_entity_src_gen.pdbx_host_org_strain               ? 
_entity_src_gen.pdbx_host_org_variant              ? 
_entity_src_gen.pdbx_host_org_cell_line            ? 
_entity_src_gen.pdbx_host_org_atcc                 ? 
_entity_src_gen.pdbx_host_org_culture_collection   ? 
_entity_src_gen.pdbx_host_org_cell                 ? 
_entity_src_gen.pdbx_host_org_organelle            ? 
_entity_src_gen.pdbx_host_org_cellular_location    ? 
_entity_src_gen.pdbx_host_org_vector_type          plasmid 
_entity_src_gen.pdbx_host_org_vector               ? 
_entity_src_gen.host_org_details                   ? 
_entity_src_gen.expression_system_id               ? 
_entity_src_gen.plasmid_name                       ? 
_entity_src_gen.plasmid_details                    ? 
_entity_src_gen.pdbx_description                   ? 
# 
_struct_ref.id                         1 
_struct_ref.db_name                    UNP 
_struct_ref.db_code                    ENT5_YEAST 
_struct_ref.pdbx_db_accession          Q03769 
_struct_ref.pdbx_db_isoform            ? 
_struct_ref.entity_id                  1 
_struct_ref.pdbx_seq_one_letter_code   
;EPYQIDIRRATNTDAWGPTPKHLAKVLRNRYQVPLYLMTEYTLKRLVDHIATRPKNLYEKARKDYVNYGSEWRVVLKCLV
VIEFLLLNVDTGDELNQIRSCLLTHKHILTREIAQFKVKFSNDGKMEIHERGIRKKGELILQYLEDSQFLKKERAKNKKN
AL
;
_struct_ref.pdbx_align_begin           31 
# 
_struct_ref_seq.align_id                      1 
_struct_ref_seq.ref_id                        1 
_struct_ref_seq.pdbx_PDB_id_code              5J08 
_struct_ref_seq.pdbx_strand_id                A 
_struct_ref_seq.seq_align_beg                 2 
_struct_ref_seq.pdbx_seq_align_beg_ins_code   ? 
_struct_ref_seq.seq_align_end                 163 
_struct_ref_seq.pdbx_seq_align_end_ins_code   ? 
_struct_ref_seq.pdbx_db_accession             Q03769 
_struct_ref_seq.db_align_beg                  31 
_struct_ref_seq.pdbx_db_align_beg_ins_code    ? 
_struct_ref_seq.db_align_end                  192 
_struct_ref_seq.pdbx_db_align_end_ins_code    ? 
_struct_ref_seq.pdbx_auth_seq_align_beg       31 
_struct_ref_seq.pdbx_auth_seq_align_end       192 
# 
loop_
_struct_ref_seq_dif.align_id 
_struct_ref_seq_dif.pdbx_pdb_id_code 
_struct_ref_seq_dif.mon_id 
_struct_ref_seq_dif.pdbx_pdb_strand_id 
_struct_ref_seq_dif.seq_num 
_struct_ref_seq_dif.pdbx_pdb_ins_code 
_struct_ref_seq_dif.pdbx_seq_db_name 
_struct_ref_seq_dif.pdbx_seq_db_accession_code 
_struct_ref_seq_dif.db_mon_id 
_struct_ref_seq_dif.pdbx_seq_db_seq_num 
_struct_ref_seq_dif.details 
_struct_ref_seq_dif.pdbx_auth_seq_num 
_struct_ref_seq_dif.pdbx_ordinal 
1 5J08 SER A 1   ? UNP Q03769 ? ? 'expression tag' 30  1 
1 5J08 GLU A 164 ? UNP Q03769 ? ? 'expression tag' 193 2 
1 5J08 HIS A 165 ? UNP Q03769 ? ? 'expression tag' 194 3 
1 5J08 HIS A 166 ? UNP Q03769 ? ? 'expression tag' 195 4 
1 5J08 HIS A 167 ? UNP Q03769 ? ? 'expression tag' 196 5 
1 5J08 HIS A 168 ? UNP Q03769 ? ? 'expression tag' 197 6 
1 5J08 HIS A 169 ? UNP Q03769 ? ? 'expression tag' 198 7 
1 5J08 HIS A 170 ? UNP Q03769 ? ? 'expression tag' 199 8 
# 
loop_
_chem_comp.id 
_chem_comp.type 
_chem_comp.mon_nstd_flag 
_chem_comp.name 
_chem_comp.pdbx_synonyms 
_chem_comp.formula 
_chem_comp.formula_weight 
ALA 'L-peptide linking' y ALANINE         ? 'C3 H7 N O2'     89.093  
ARG 'L-peptide linking' y ARGININE        ? 'C6 H15 N4 O2 1' 175.209 
ASN 'L-peptide linking' y ASPARAGINE      ? 'C4 H8 N2 O3'    132.118 
ASP 'L-peptide linking' y 'ASPARTIC ACID' ? 'C4 H7 N O4'     133.103 
CYS 'L-peptide linking' y CYSTEINE        ? 'C3 H7 N O2 S'   121.158 
GLN 'L-peptide linking' y GLUTAMINE       ? 'C5 H10 N2 O3'   146.144 
GLU 'L-peptide linking' y 'GLUTAMIC ACID' ? 'C5 H9 N O4'     147.129 
GLY 'peptide linking'   y GLYCINE         ? 'C2 H5 N O2'     75.067  
HIS 'L-peptide linking' y HISTIDINE       ? 'C6 H10 N3 O2 1' 156.162 
HOH non-polymer         . WATER           ? 'H2 O'           18.015  
ILE 'L-peptide linking' y ISOLEUCINE      ? 'C6 H13 N O2'    131.173 
LEU 'L-peptide linking' y LEUCINE         ? 'C6 H13 N O2'    131.173 
LYS 'L-peptide linking' y LYSINE          ? 'C6 H15 N2 O2 1' 147.195 
MET 'L-peptide linking' y METHIONINE      ? 'C5 H11 N O2 S'  149.211 
PHE 'L-peptide linking' y PHENYLALANINE   ? 'C9 H11 N O2'    165.189 
PRO 'L-peptide linking' y PROLINE         ? 'C5 H9 N O2'     115.130 
SER 'L-peptide linking' y SERINE          ? 'C3 H7 N O3'     105.093 
THR 'L-peptide linking' y THREONINE       ? 'C4 H9 N O3'     119.119 
TRP 'L-peptide linking' y TRYPTOPHAN      ? 'C11 H12 N2 O2'  204.225 
TYR 'L-peptide linking' y TYROSINE        ? 'C9 H11 N O3'    181.189 
VAL 'L-peptide linking' y VALINE          ? 'C5 H11 N O2'    117.146 
# 
_exptl.absorpt_coefficient_mu     ? 
_exptl.absorpt_correction_T_max   ? 
_exptl.absorpt_correction_T_min   ? 
_exptl.absorpt_correction_type    ? 
_exptl.absorpt_process_details    ? 
_exptl.entry_id                   5J08 
_exptl.crystals_number            1 
_exptl.details                    ? 
_exptl.method                     'X-RAY DIFFRACTION' 
_exptl.method_details             ? 
# 
_exptl_crystal.colour                      ? 
_exptl_crystal.density_diffrn              ? 
_exptl_crystal.density_Matthews            2.17 
_exptl_crystal.density_method              ? 
_exptl_crystal.density_percent_sol         43.27 
_exptl_crystal.description                 ? 
_exptl_crystal.F_000                       ? 
_exptl_crystal.id                          1 
_exptl_crystal.preparation                 ? 
_exptl_crystal.size_max                    ? 
_exptl_crystal.size_mid                    ? 
_exptl_crystal.size_min                    ? 
_exptl_crystal.size_rad                    ? 
_exptl_crystal.colour_lustre               ? 
_exptl_crystal.colour_modifier             ? 
_exptl_crystal.colour_primary              ? 
_exptl_crystal.density_meas                ? 
_exptl_crystal.density_meas_esd            ? 
_exptl_crystal.density_meas_gt             ? 
_exptl_crystal.density_meas_lt             ? 
_exptl_crystal.density_meas_temp           ? 
_exptl_crystal.density_meas_temp_esd       ? 
_exptl_crystal.density_meas_temp_gt        ? 
_exptl_crystal.density_meas_temp_lt        ? 
_exptl_crystal.pdbx_crystal_image_url      ? 
_exptl_crystal.pdbx_crystal_image_format   ? 
_exptl_crystal.pdbx_mosaicity              ? 
_exptl_crystal.pdbx_mosaicity_esd          ? 
# 
_exptl_crystal_grow.apparatus       ? 
_exptl_crystal_grow.atmosphere      ? 
_exptl_crystal_grow.crystal_id      1 
_exptl_crystal_grow.details         ? 
_exptl_crystal_grow.method          'VAPOR DIFFUSION, SITTING DROP' 
_exptl_crystal_grow.method_ref      ? 
_exptl_crystal_grow.pH              7.0 
_exptl_crystal_grow.pressure        ? 
_exptl_crystal_grow.pressure_esd    ? 
_exptl_crystal_grow.seeding         ? 
_exptl_crystal_grow.seeding_ref     ? 
_exptl_crystal_grow.temp            289 
_exptl_crystal_grow.temp_details    ? 
_exptl_crystal_grow.temp_esd        ? 
_exptl_crystal_grow.time            ? 
_exptl_crystal_grow.pdbx_details    '0.5M Potassium thiocyanate,0.1M BIS-TRIS propane pH 7.0' 
_exptl_crystal_grow.pdbx_pH_range   ? 
# 
_diffrn.ambient_environment    ? 
_diffrn.ambient_temp           100 
_diffrn.ambient_temp_details   ? 
_diffrn.ambient_temp_esd       ? 
_diffrn.crystal_id             1 
_diffrn.crystal_support        ? 
_diffrn.crystal_treatment      ? 
_diffrn.details                ? 
_diffrn.id                     1 
_diffrn.ambient_pressure       ? 
_diffrn.ambient_pressure_esd   ? 
_diffrn.ambient_pressure_gt    ? 
_diffrn.ambient_pressure_lt    ? 
_diffrn.ambient_temp_gt        ? 
_diffrn.ambient_temp_lt        ? 
# 
_diffrn_detector.details                      ? 
_diffrn_detector.detector                     CCD 
_diffrn_detector.diffrn_id                    1 
_diffrn_detector.type                         'ADSC QUANTUM 315r' 
_diffrn_detector.area_resol_mean              ? 
_diffrn_detector.dtime                        ? 
_diffrn_detector.pdbx_frames_total            ? 
_diffrn_detector.pdbx_collection_time_total   ? 
_diffrn_detector.pdbx_collection_date         2014-05-13 
# 
_diffrn_radiation.collimation                      ? 
_diffrn_radiation.diffrn_id                        1 
_diffrn_radiation.filter_edge                      ? 
_diffrn_radiation.inhomogeneity                    ? 
_diffrn_radiation.monochromator                    ? 
_diffrn_radiation.polarisn_norm                    ? 
_diffrn_radiation.polarisn_ratio                   ? 
_diffrn_radiation.probe                            ? 
_diffrn_radiation.type                             ? 
_diffrn_radiation.xray_symbol                      ? 
_diffrn_radiation.wavelength_id                    1 
_diffrn_radiation.pdbx_monochromatic_or_laue_m_l   M 
_diffrn_radiation.pdbx_wavelength_list             ? 
_diffrn_radiation.pdbx_wavelength                  ? 
_diffrn_radiation.pdbx_diffrn_protocol             'SINGLE WAVELENGTH' 
_diffrn_radiation.pdbx_analyzer                    ? 
_diffrn_radiation.pdbx_scattering_type             x-ray 
# 
_diffrn_radiation_wavelength.id           1 
_diffrn_radiation_wavelength.wavelength   0.9792 
_diffrn_radiation_wavelength.wt           1.0 
# 
_diffrn_source.current                     ? 
_diffrn_source.details                     ? 
_diffrn_source.diffrn_id                   1 
_diffrn_source.power                       ? 
_diffrn_source.size                        ? 
_diffrn_source.source                      SYNCHROTRON 
_diffrn_source.target                      ? 
_diffrn_source.type                        'SSRF BEAMLINE BL17U' 
_diffrn_source.voltage                     ? 
_diffrn_source.take-off_angle              ? 
_diffrn_source.pdbx_wavelength_list        0.9792 
_diffrn_source.pdbx_wavelength             ? 
_diffrn_source.pdbx_synchrotron_beamline   BL17U 
_diffrn_source.pdbx_synchrotron_site       SSRF 
# 
_reflns.B_iso_Wilson_estimate            ? 
_reflns.entry_id                         5J08 
_reflns.data_reduction_details           ? 
_reflns.data_reduction_method            ? 
_reflns.d_resolution_high                1.80 
_reflns.d_resolution_low                 50.00 
_reflns.details                          ? 
_reflns.limit_h_max                      ? 
_reflns.limit_h_min                      ? 
_reflns.limit_k_max                      ? 
_reflns.limit_k_min                      ? 
_reflns.limit_l_max                      ? 
_reflns.limit_l_min                      ? 
_reflns.number_all                       ? 
_reflns.number_obs                       13631 
_reflns.observed_criterion               ? 
_reflns.observed_criterion_F_max         ? 
_reflns.observed_criterion_F_min         ? 
_reflns.observed_criterion_I_max         ? 
_reflns.observed_criterion_I_min         ? 
_reflns.observed_criterion_sigma_F       ? 
_reflns.observed_criterion_sigma_I       ? 
_reflns.percent_possible_obs             84.1 
_reflns.R_free_details                   ? 
_reflns.Rmerge_F_all                     ? 
_reflns.Rmerge_F_obs                     ? 
_reflns.Friedel_coverage                 ? 
_reflns.number_gt                        ? 
_reflns.threshold_expression             ? 
_reflns.pdbx_redundancy                  3.6 
_reflns.pdbx_Rmerge_I_obs                0.075 
_reflns.pdbx_Rmerge_I_all                ? 
_reflns.pdbx_Rsym_value                  ? 
_reflns.pdbx_netI_over_av_sigmaI         ? 
_reflns.pdbx_netI_over_sigmaI            35.5 
_reflns.pdbx_res_netI_over_av_sigmaI_2   ? 
_reflns.pdbx_res_netI_over_sigmaI_2      ? 
_reflns.pdbx_chi_squared                 ? 
_reflns.pdbx_scaling_rejects             ? 
_reflns.pdbx_d_res_high_opt              ? 
_reflns.pdbx_d_res_low_opt               ? 
_reflns.pdbx_d_res_opt_method            ? 
_reflns.phase_calculation_details        ? 
_reflns.pdbx_Rrim_I_all                  ? 
_reflns.pdbx_Rpim_I_all                  ? 
_reflns.pdbx_d_opt                       ? 
_reflns.pdbx_number_measured_all         ? 
_reflns.pdbx_diffrn_id                   1 
_reflns.pdbx_ordinal                     1 
_reflns.pdbx_CC_half                     ? 
_reflns.pdbx_R_split                     ? 
# 
_reflns_shell.d_res_high                  1.80 
_reflns_shell.d_res_low                   1.83 
_reflns_shell.meanI_over_sigI_all         ? 
_reflns_shell.meanI_over_sigI_obs         12.8 
_reflns_shell.number_measured_all         ? 
_reflns_shell.number_measured_obs         ? 
_reflns_shell.number_possible             ? 
_reflns_shell.number_unique_all           ? 
_reflns_shell.number_unique_obs           ? 
_reflns_shell.percent_possible_all        96.9 
_reflns_shell.percent_possible_obs        ? 
_reflns_shell.Rmerge_F_all                ? 
_reflns_shell.Rmerge_F_obs                ? 
_reflns_shell.Rmerge_I_all                ? 
_reflns_shell.Rmerge_I_obs                0.306 
_reflns_shell.meanI_over_sigI_gt          ? 
_reflns_shell.meanI_over_uI_all           ? 
_reflns_shell.meanI_over_uI_gt            ? 
_reflns_shell.number_measured_gt          ? 
_reflns_shell.number_unique_gt            ? 
_reflns_shell.percent_possible_gt         ? 
_reflns_shell.Rmerge_F_gt                 ? 
_reflns_shell.Rmerge_I_gt                 ? 
_reflns_shell.pdbx_redundancy             4.1 
_reflns_shell.pdbx_Rsym_value             ? 
_reflns_shell.pdbx_chi_squared            ? 
_reflns_shell.pdbx_netI_over_sigmaI_all   ? 
_reflns_shell.pdbx_netI_over_sigmaI_obs   ? 
_reflns_shell.pdbx_Rrim_I_all             ? 
_reflns_shell.pdbx_Rpim_I_all             ? 
_reflns_shell.pdbx_rejects                ? 
_reflns_shell.pdbx_ordinal                1 
_reflns_shell.pdbx_diffrn_id              1 
_reflns_shell.pdbx_CC_half                ? 
_reflns_shell.pdbx_R_split                ? 
# 
_refine.aniso_B[1][1]                            -0.57 
_refine.aniso_B[1][2]                            -0.00 
_refine.aniso_B[1][3]                            2.34 
_refine.aniso_B[2][2]                            -2.58 
_refine.aniso_B[2][3]                            -0.00 
_refine.aniso_B[3][3]                            2.34 
_refine.B_iso_max                                ? 
_refine.B_iso_mean                               27.518 
_refine.B_iso_min                                ? 
_refine.correlation_coeff_Fo_to_Fc               0.940 
_refine.correlation_coeff_Fo_to_Fc_free          0.923 
_refine.details                                  'HYDROGENS HAVE BEEN ADDED IN THE RIDING POSITIONS' 
_refine.diff_density_max                         ? 
_refine.diff_density_max_esd                     ? 
_refine.diff_density_min                         ? 
_refine.diff_density_min_esd                     ? 
_refine.diff_density_rms                         ? 
_refine.diff_density_rms_esd                     ? 
_refine.entry_id                                 5J08 
_refine.pdbx_refine_id                           'X-RAY DIFFRACTION' 
_refine.ls_abs_structure_details                 ? 
_refine.ls_abs_structure_Flack                   ? 
_refine.ls_abs_structure_Flack_esd               ? 
_refine.ls_abs_structure_Rogers                  ? 
_refine.ls_abs_structure_Rogers_esd              ? 
_refine.ls_d_res_high                            1.80 
_refine.ls_d_res_low                             28.96 
_refine.ls_extinction_coef                       ? 
_refine.ls_extinction_coef_esd                   ? 
_refine.ls_extinction_expression                 ? 
_refine.ls_extinction_method                     ? 
_refine.ls_goodness_of_fit_all                   ? 
_refine.ls_goodness_of_fit_all_esd               ? 
_refine.ls_goodness_of_fit_obs                   ? 
_refine.ls_goodness_of_fit_obs_esd               ? 
_refine.ls_hydrogen_treatment                    ? 
_refine.ls_matrix_type                           ? 
_refine.ls_number_constraints                    ? 
_refine.ls_number_parameters                     ? 
_refine.ls_number_reflns_all                     ? 
_refine.ls_number_reflns_obs                     12944 
_refine.ls_number_reflns_R_free                  676 
_refine.ls_number_reflns_R_work                  ? 
_refine.ls_number_restraints                     ? 
_refine.ls_percent_reflns_obs                    84.13 
_refine.ls_percent_reflns_R_free                 5.0 
_refine.ls_R_factor_all                          ? 
_refine.ls_R_factor_obs                          0.20086 
_refine.ls_R_factor_R_free                       0.22002 
_refine.ls_R_factor_R_free_error                 ? 
_refine.ls_R_factor_R_free_error_details         ? 
_refine.ls_R_factor_R_work                       0.19984 
_refine.ls_R_Fsqd_factor_obs                     ? 
_refine.ls_R_I_factor_obs                        ? 
_refine.ls_redundancy_reflns_all                 ? 
_refine.ls_redundancy_reflns_obs                 ? 
_refine.ls_restrained_S_all                      ? 
_refine.ls_restrained_S_obs                      ? 
_refine.ls_shift_over_esd_max                    ? 
_refine.ls_shift_over_esd_mean                   ? 
_refine.ls_structure_factor_coef                 ? 
_refine.ls_weighting_details                     ? 
_refine.ls_weighting_scheme                      ? 
_refine.ls_wR_factor_all                         ? 
_refine.ls_wR_factor_obs                         ? 
_refine.ls_wR_factor_R_free                      ? 
_refine.ls_wR_factor_R_work                      ? 
_refine.occupancy_max                            ? 
_refine.occupancy_min                            ? 
_refine.solvent_model_details                    ? 
_refine.solvent_model_param_bsol                 ? 
_refine.solvent_model_param_ksol                 ? 
_refine.ls_R_factor_gt                           ? 
_refine.ls_goodness_of_fit_gt                    ? 
_refine.ls_goodness_of_fit_ref                   ? 
_refine.ls_shift_over_su_max                     ? 
_refine.ls_shift_over_su_max_lt                  ? 
_refine.ls_shift_over_su_mean                    ? 
_refine.ls_shift_over_su_mean_lt                 ? 
_refine.pdbx_ls_sigma_I                          ? 
_refine.pdbx_ls_sigma_F                          ? 
_refine.pdbx_ls_sigma_Fsqd                       ? 
_refine.pdbx_data_cutoff_high_absF               ? 
_refine.pdbx_data_cutoff_high_rms_absF           ? 
_refine.pdbx_data_cutoff_low_absF                ? 
_refine.pdbx_isotropic_thermal_model             ? 
_refine.pdbx_ls_cross_valid_method               THROUGHOUT 
_refine.pdbx_method_to_determine_struct          'MOLECULAR REPLACEMENT' 
_refine.pdbx_starting_model                      5CMW 
_refine.pdbx_stereochemistry_target_values       ? 
_refine.pdbx_R_Free_selection_details            RANDOM 
_refine.pdbx_stereochem_target_val_spec_case     ? 
_refine.pdbx_overall_ESU_R                       0.166 
_refine.pdbx_overall_ESU_R_Free                  0.139 
_refine.pdbx_solvent_vdw_probe_radii             1.20 
_refine.pdbx_solvent_ion_probe_radii             0.80 
_refine.pdbx_solvent_shrinkage_radii             0.80 
_refine.pdbx_real_space_R                        ? 
_refine.pdbx_density_correlation                 ? 
_refine.pdbx_pd_number_of_powder_patterns        ? 
_refine.pdbx_pd_number_of_points                 ? 
_refine.pdbx_pd_meas_number_of_points            ? 
_refine.pdbx_pd_proc_ls_prof_R_factor            ? 
_refine.pdbx_pd_proc_ls_prof_wR_factor           ? 
_refine.pdbx_pd_Marquardt_correlation_coeff      ? 
_refine.pdbx_pd_Fsqrd_R_factor                   ? 
_refine.pdbx_pd_ls_matrix_band_width             ? 
_refine.pdbx_overall_phase_error                 ? 
_refine.pdbx_overall_SU_R_free_Cruickshank_DPI   ? 
_refine.pdbx_overall_SU_R_free_Blow_DPI          ? 
_refine.pdbx_overall_SU_R_Blow_DPI               ? 
_refine.pdbx_TLS_residual_ADP_flag               ? 
_refine.pdbx_diffrn_id                           1 
_refine.overall_SU_B                             2.559 
_refine.overall_SU_ML                            0.080 
_refine.overall_SU_R_Cruickshank_DPI             ? 
_refine.overall_SU_R_free                        ? 
_refine.overall_FOM_free_R_set                   ? 
_refine.overall_FOM_work_R_set                   ? 
_refine.pdbx_average_fsc_overall                 ? 
_refine.pdbx_average_fsc_work                    ? 
_refine.pdbx_average_fsc_free                    ? 
# 
_refine_hist.pdbx_refine_id                   'X-RAY DIFFRACTION' 
_refine_hist.cycle_id                         1 
_refine_hist.pdbx_number_atoms_protein        1294 
_refine_hist.pdbx_number_atoms_nucleic_acid   0 
_refine_hist.pdbx_number_atoms_ligand         0 
_refine_hist.number_atoms_solvent             73 
_refine_hist.number_atoms_total               1367 
_refine_hist.d_res_high                       1.80 
_refine_hist.d_res_low                        28.96 
# 
loop_
_refine_ls_restr.pdbx_refine_id 
_refine_ls_restr.criterion 
_refine_ls_restr.dev_ideal 
_refine_ls_restr.dev_ideal_target 
_refine_ls_restr.number 
_refine_ls_restr.rejects 
_refine_ls_restr.type 
_refine_ls_restr.weight 
_refine_ls_restr.pdbx_restraint_function 
'X-RAY DIFFRACTION' ? 0.007  0.019  1324 ? r_bond_refined_d             ? ? 
'X-RAY DIFFRACTION' ? 0.004  0.020  1301 ? r_bond_other_d               ? ? 
'X-RAY DIFFRACTION' ? 1.251  1.964  1789 ? r_angle_refined_deg          ? ? 
'X-RAY DIFFRACTION' ? 0.823  3.000  2965 ? r_angle_other_deg            ? ? 
'X-RAY DIFFRACTION' ? 4.666  5.000  162  ? r_dihedral_angle_1_deg       ? ? 
'X-RAY DIFFRACTION' ? 37.651 22.982 57   ? r_dihedral_angle_2_deg       ? ? 
'X-RAY DIFFRACTION' ? 12.823 15.000 240  ? r_dihedral_angle_3_deg       ? ? 
'X-RAY DIFFRACTION' ? 16.703 15.000 11   ? r_dihedral_angle_4_deg       ? ? 
'X-RAY DIFFRACTION' ? 0.071  0.200  205  ? r_chiral_restr               ? ? 
'X-RAY DIFFRACTION' ? 0.005  0.020  1472 ? r_gen_planes_refined         ? ? 
'X-RAY DIFFRACTION' ? 0.001  0.020  311  ? r_gen_planes_other           ? ? 
'X-RAY DIFFRACTION' ? ?      ?      ?    ? r_nbd_refined                ? ? 
'X-RAY DIFFRACTION' ? ?      ?      ?    ? r_nbd_other                  ? ? 
'X-RAY DIFFRACTION' ? ?      ?      ?    ? r_nbtor_refined              ? ? 
'X-RAY DIFFRACTION' ? ?      ?      ?    ? r_nbtor_other                ? ? 
'X-RAY DIFFRACTION' ? ?      ?      ?    ? r_xyhbond_nbd_refined        ? ? 
'X-RAY DIFFRACTION' ? ?      ?      ?    ? r_xyhbond_nbd_other          ? ? 
'X-RAY DIFFRACTION' ? ?      ?      ?    ? r_metal_ion_refined          ? ? 
'X-RAY DIFFRACTION' ? ?      ?      ?    ? r_metal_ion_other            ? ? 
'X-RAY DIFFRACTION' ? ?      ?      ?    ? r_symmetry_vdw_refined       ? ? 
'X-RAY DIFFRACTION' ? ?      ?      ?    ? r_symmetry_vdw_other         ? ? 
'X-RAY DIFFRACTION' ? ?      ?      ?    ? r_symmetry_hbond_refined     ? ? 
'X-RAY DIFFRACTION' ? ?      ?      ?    ? r_symmetry_hbond_other       ? ? 
'X-RAY DIFFRACTION' ? ?      ?      ?    ? r_symmetry_metal_ion_refined ? ? 
'X-RAY DIFFRACTION' ? ?      ?      ?    ? r_symmetry_metal_ion_other   ? ? 
'X-RAY DIFFRACTION' ? 1.519  2.715  651  ? r_mcbond_it                  ? ? 
'X-RAY DIFFRACTION' ? 1.511  2.712  650  ? r_mcbond_other               ? ? 
'X-RAY DIFFRACTION' ? 2.450  4.064  812  ? r_mcangle_it                 ? ? 
'X-RAY DIFFRACTION' ? 2.449  4.065  813  ? r_mcangle_other              ? ? 
'X-RAY DIFFRACTION' ? 1.906  2.920  673  ? r_scbond_it                  ? ? 
'X-RAY DIFFRACTION' ? 1.905  2.921  674  ? r_scbond_other               ? ? 
'X-RAY DIFFRACTION' ? ?      ?      ?    ? r_scangle_it                 ? ? 
'X-RAY DIFFRACTION' ? 3.168  4.286  978  ? r_scangle_other              ? ? 
'X-RAY DIFFRACTION' ? 4.499  21.970 1554 ? r_long_range_B_refined       ? ? 
'X-RAY DIFFRACTION' ? 4.431  21.882 1539 ? r_long_range_B_other         ? ? 
'X-RAY DIFFRACTION' ? ?      ?      ?    ? r_rigid_bond_restr           ? ? 
'X-RAY DIFFRACTION' ? ?      ?      ?    ? r_sphericity_free            ? ? 
'X-RAY DIFFRACTION' ? ?      ?      ?    ? r_sphericity_bonded          ? ? 
# 
_refine_ls_shell.pdbx_refine_id                   'X-RAY DIFFRACTION' 
_refine_ls_shell.d_res_high                       1.800 
_refine_ls_shell.d_res_low                        1.847 
_refine_ls_shell.number_reflns_all                ? 
_refine_ls_shell.number_reflns_obs                ? 
_refine_ls_shell.number_reflns_R_free             57 
_refine_ls_shell.number_reflns_R_work             1094 
_refine_ls_shell.percent_reflns_obs               97.13 
_refine_ls_shell.percent_reflns_R_free            ? 
_refine_ls_shell.R_factor_all                     ? 
_refine_ls_shell.R_factor_obs                     ? 
_refine_ls_shell.R_factor_R_free                  0.200 
_refine_ls_shell.R_factor_R_free_error            ? 
_refine_ls_shell.R_factor_R_work                  0.196 
_refine_ls_shell.redundancy_reflns_all            ? 
_refine_ls_shell.redundancy_reflns_obs            ? 
_refine_ls_shell.wR_factor_all                    ? 
_refine_ls_shell.wR_factor_obs                    ? 
_refine_ls_shell.wR_factor_R_free                 ? 
_refine_ls_shell.wR_factor_R_work                 ? 
_refine_ls_shell.pdbx_total_number_of_bins_used   20 
_refine_ls_shell.pdbx_phase_error                 ? 
_refine_ls_shell.pdbx_fsc_work                    ? 
_refine_ls_shell.pdbx_fsc_free                    ? 
# 
_struct.entry_id                     5J08 
_struct.title                        'Crystal structure of yeast Ent5 N-terminal domain-native P21' 
_struct.pdbx_model_details           ? 
_struct.pdbx_formula_weight          ? 
_struct.pdbx_formula_weight_method   ? 
_struct.pdbx_model_type_details      ? 
_struct.pdbx_CASP_flag               ? 
# 
_struct_keywords.entry_id        5J08 
_struct_keywords.text            'Vesicular transport, ENT5, N-terminal domain, inositol phosphate, PROTEIN TRANSPORT' 
_struct_keywords.pdbx_keywords   'PROTEIN TRANSPORT' 
# 
loop_
_struct_asym.id 
_struct_asym.pdbx_blank_PDB_chainid_flag 
_struct_asym.pdbx_modified 
_struct_asym.entity_id 
_struct_asym.details 
A N N 1 ? 
B N N 2 ? 
# 
loop_
_struct_conf.conf_type_id 
_struct_conf.id 
_struct_conf.pdbx_PDB_helix_id 
_struct_conf.beg_label_comp_id 
_struct_conf.beg_label_asym_id 
_struct_conf.beg_label_seq_id 
_struct_conf.pdbx_beg_PDB_ins_code 
_struct_conf.end_label_comp_id 
_struct_conf.end_label_asym_id 
_struct_conf.end_label_seq_id 
_struct_conf.pdbx_end_PDB_ins_code 
_struct_conf.beg_auth_comp_id 
_struct_conf.beg_auth_asym_id 
_struct_conf.beg_auth_seq_id 
_struct_conf.end_auth_comp_id 
_struct_conf.end_auth_asym_id 
_struct_conf.end_auth_seq_id 
_struct_conf.pdbx_PDB_helix_class 
_struct_conf.details 
_struct_conf.pdbx_PDB_helix_length 
HELX_P HELX_P1  AA1 GLU A 2   ? THR A 12  ? GLU A 31  THR A 41  1 ? 11 
HELX_P HELX_P2  AA2 THR A 20  ? ASN A 30  ? THR A 49  ASN A 59  1 ? 11 
HELX_P HELX_P3  AA3 ARG A 31  ? GLN A 33  ? ARG A 60  GLN A 62  5 ? 3  
HELX_P HELX_P4  AA4 PRO A 35  ? THR A 53  ? PRO A 64  THR A 82  1 ? 19 
HELX_P HELX_P5  AA5 ASN A 57  ? ALA A 62  ? ASN A 86  ALA A 91  1 ? 6  
HELX_P HELX_P6  AA6 SER A 71  ? VAL A 90  ? SER A 100 VAL A 119 1 ? 20 
HELX_P HELX_P7  AA7 GLY A 93  ? HIS A 106 ? GLY A 122 HIS A 135 1 ? 14 
HELX_P HELX_P8  AA8 LYS A 107 ? ARG A 112 ? LYS A 136 ARG A 141 1 ? 6  
HELX_P HELX_P9  AA9 LYS A 126 ? ASP A 147 ? LYS A 155 ASP A 176 1 ? 22 
HELX_P HELX_P10 AB1 ASP A 147 ? LYS A 159 ? ASP A 176 LYS A 188 1 ? 13 
# 
_struct_conf_type.id          HELX_P 
_struct_conf_type.criteria    ? 
_struct_conf_type.reference   ? 
# 
_struct_mon_prot_cis.pdbx_id                1 
_struct_mon_prot_cis.label_comp_id          GLY 
_struct_mon_prot_cis.label_seq_id           18 
_struct_mon_prot_cis.label_asym_id          A 
_struct_mon_prot_cis.label_alt_id           . 
_struct_mon_prot_cis.pdbx_PDB_ins_code      ? 
_struct_mon_prot_cis.auth_comp_id           GLY 
_struct_mon_prot_cis.auth_seq_id            47 
_struct_mon_prot_cis.auth_asym_id           A 
_struct_mon_prot_cis.pdbx_label_comp_id_2   PRO 
_struct_mon_prot_cis.pdbx_label_seq_id_2    19 
_struct_mon_prot_cis.pdbx_label_asym_id_2   A 
_struct_mon_prot_cis.pdbx_PDB_ins_code_2    ? 
_struct_mon_prot_cis.pdbx_auth_comp_id_2    PRO 
_struct_mon_prot_cis.pdbx_auth_seq_id_2     48 
_struct_mon_prot_cis.pdbx_auth_asym_id_2    A 
_struct_mon_prot_cis.pdbx_PDB_model_num     1 
_struct_mon_prot_cis.pdbx_omega_angle       0.84 
# 
_atom_sites.entry_id                    5J08 
_atom_sites.fract_transf_matrix[1][1]   0.01872547 
_atom_sites.fract_transf_matrix[1][2]   0.02083947 
_atom_sites.fract_transf_matrix[1][3]   0.02096961 
_atom_sites.fract_transf_matrix[2][1]   -0.01327615 
_atom_sites.fract_transf_matrix[2][2]   -0.00204486 
_atom_sites.fract_transf_matrix[2][3]   0.01388753 
_atom_sites.fract_transf_matrix[3][1]   0.01036926 
_atom_sites.fract_transf_matrix[3][2]   -0.01105403 
_atom_sites.fract_transf_matrix[3][3]   0.00828512 
_atom_sites.fract_transf_vector[1]      0.406014 
_atom_sites.fract_transf_vector[2]      0.224524 
_atom_sites.fract_transf_vector[3]      1.279000 
# 
loop_
_atom_type.symbol 
C 
N 
O 
S 
# 
loop_
_atom_site.group_PDB 
_atom_site.id 
_atom_site.type_symbol 
_atom_site.label_atom_id 
_atom_site.label_alt_id 
_atom_site.label_comp_id 
_atom_site.label_asym_id 
_atom_site.label_entity_id 
_atom_site.label_seq_id 
_atom_site.pdbx_PDB_ins_code 
_atom_site.Cartn_x 
_atom_site.Cartn_y 
_atom_site.Cartn_z 
_atom_site.occupancy 
_atom_site.B_iso_or_equiv 
_atom_site.pdbx_formal_charge 
_atom_site.auth_seq_id 
_atom_site.auth_comp_id 
_atom_site.auth_asym_id 
_atom_site.auth_atom_id 
_atom_site.pdbx_PDB_model_num 
ATOM   1    N N   . SER A 1 1   ? -17.808 3.087   -0.249  1.00 49.93 ? 30  SER A N   1 
ATOM   2    C CA  . SER A 1 1   ? -18.778 3.593   0.774   1.00 46.43 ? 30  SER A CA  1 
ATOM   3    C C   . SER A 1 1   ? -18.850 2.779   2.071   1.00 43.14 ? 30  SER A C   1 
ATOM   4    O O   . SER A 1 1   ? -19.438 3.243   3.044   1.00 43.72 ? 30  SER A O   1 
ATOM   5    C CB  . SER A 1 1   ? -20.177 3.701   0.162   1.00 48.34 ? 30  SER A CB  1 
ATOM   6    N N   . GLU A 1 2   ? -18.260 1.585   2.106   1.00 40.39 ? 31  GLU A N   1 
ATOM   7    C CA  . GLU A 1 2   ? -18.214 0.817   3.346   1.00 36.77 ? 31  GLU A CA  1 
ATOM   8    C C   . GLU A 1 2   ? -17.226 1.459   4.327   1.00 33.83 ? 31  GLU A C   1 
ATOM   9    O O   . GLU A 1 2   ? -16.259 2.104   3.907   1.00 31.02 ? 31  GLU A O   1 
ATOM   10   C CB  . GLU A 1 2   ? -17.843 -0.642  3.080   1.00 39.02 ? 31  GLU A CB  1 
ATOM   11   C CG  . GLU A 1 2   ? -18.815 -1.375  2.160   1.00 41.23 ? 31  GLU A CG  1 
ATOM   12   C CD  . GLU A 1 2   ? -20.210 -1.511  2.758   1.00 44.13 ? 31  GLU A CD  1 
ATOM   13   O OE1 . GLU A 1 2   ? -20.321 -1.909  3.940   1.00 46.46 ? 31  GLU A OE1 1 
ATOM   14   O OE2 . GLU A 1 2   ? -21.195 -1.221  2.042   1.00 48.35 ? 31  GLU A OE2 1 
ATOM   15   N N   . PRO A 1 3   ? -17.476 1.298   5.639   1.00 31.48 ? 32  PRO A N   1 
ATOM   16   C CA  . PRO A 1 3   ? -16.590 1.903   6.633   1.00 29.31 ? 32  PRO A CA  1 
ATOM   17   C C   . PRO A 1 3   ? -15.119 1.549   6.449   1.00 26.61 ? 32  PRO A C   1 
ATOM   18   O O   . PRO A 1 3   ? -14.287 2.447   6.493   1.00 25.65 ? 32  PRO A O   1 
ATOM   19   C CB  . PRO A 1 3   ? -17.126 1.367   7.958   1.00 30.85 ? 32  PRO A CB  1 
ATOM   20   C CG  . PRO A 1 3   ? -18.573 1.122   7.697   1.00 31.31 ? 32  PRO A CG  1 
ATOM   21   C CD  . PRO A 1 3   ? -18.658 0.671   6.267   1.00 32.10 ? 32  PRO A CD  1 
ATOM   22   N N   . TYR A 1 4   ? -14.791 0.274   6.219   1.00 24.17 ? 33  TYR A N   1 
ATOM   23   C CA  . TYR A 1 4   ? -13.376 -0.092  6.069   1.00 23.29 ? 33  TYR A CA  1 
ATOM   24   C C   . TYR A 1 4   ? -12.756 0.612   4.878   1.00 22.89 ? 33  TYR A C   1 
ATOM   25   O O   . TYR A 1 4   ? -11.558 0.924   4.893   1.00 22.38 ? 33  TYR A O   1 
ATOM   26   C CB  . TYR A 1 4   ? -13.174 -1.613  5.975   1.00 24.07 ? 33  TYR A CB  1 
ATOM   27   C CG  . TYR A 1 4   ? -13.470 -2.249  4.630   1.00 24.73 ? 33  TYR A CG  1 
ATOM   28   C CD1 . TYR A 1 4   ? -14.766 -2.608  4.276   1.00 25.99 ? 33  TYR A CD1 1 
ATOM   29   C CD2 . TYR A 1 4   ? -12.440 -2.549  3.741   1.00 26.01 ? 33  TYR A CD2 1 
ATOM   30   C CE1 . TYR A 1 4   ? -15.037 -3.219  3.061   1.00 27.15 ? 33  TYR A CE1 1 
ATOM   31   C CE2 . TYR A 1 4   ? -12.696 -3.151  2.518   1.00 26.03 ? 33  TYR A CE2 1 
ATOM   32   C CZ  . TYR A 1 4   ? -13.993 -3.489  2.185   1.00 28.63 ? 33  TYR A CZ  1 
ATOM   33   O OH  . TYR A 1 4   ? -14.254 -4.092  0.972   1.00 31.13 ? 33  TYR A OH  1 
ATOM   34   N N   . GLN A 1 5   ? -13.559 0.863   3.846   1.00 23.44 ? 34  GLN A N   1 
ATOM   35   C CA  . GLN A 1 5   ? -13.061 1.522   2.651   1.00 24.52 ? 34  GLN A CA  1 
ATOM   36   C C   . GLN A 1 5   ? -12.755 2.996   2.936   1.00 25.23 ? 34  GLN A C   1 
ATOM   37   O O   . GLN A 1 5   ? -11.736 3.530   2.479   1.00 25.23 ? 34  GLN A O   1 
ATOM   38   C CB  . GLN A 1 5   ? -14.035 1.350   1.475   1.00 25.28 ? 34  GLN A CB  1 
ATOM   39   C CG  . GLN A 1 5   ? -14.135 -0.081  0.970   1.00 26.68 ? 34  GLN A CG  1 
ATOM   40   C CD  . GLN A 1 5   ? -15.339 -0.356  0.078   1.00 28.51 ? 34  GLN A CD  1 
ATOM   41   O OE1 . GLN A 1 5   ? -16.262 0.449   -0.013  1.00 30.38 ? 34  GLN A OE1 1 
ATOM   42   N NE2 . GLN A 1 5   ? -15.341 -1.517  -0.567  1.00 30.63 ? 34  GLN A NE2 1 
ATOM   43   N N   . ILE A 1 6   ? -13.620 3.645   3.714   1.00 25.87 ? 35  ILE A N   1 
ATOM   44   C CA  . ILE A 1 6   ? -13.369 5.012   4.158   1.00 26.62 ? 35  ILE A CA  1 
ATOM   45   C C   . ILE A 1 6   ? -12.095 5.066   4.992   1.00 25.22 ? 35  ILE A C   1 
ATOM   46   O O   . ILE A 1 6   ? -11.292 5.984   4.841   1.00 24.18 ? 35  ILE A O   1 
ATOM   47   C CB  . ILE A 1 6   ? -14.570 5.578   4.945   1.00 28.74 ? 35  ILE A CB  1 
ATOM   48   C CG1 . ILE A 1 6   ? -15.793 5.638   4.018   1.00 30.25 ? 35  ILE A CG1 1 
ATOM   49   C CG2 . ILE A 1 6   ? -14.247 6.958   5.518   1.00 29.65 ? 35  ILE A CG2 1 
ATOM   50   C CD1 . ILE A 1 6   ? -17.075 6.083   4.703   1.00 33.06 ? 35  ILE A CD1 1 
ATOM   51   N N   . ASP A 1 7   ? -11.882 4.065   5.840   1.00 23.56 ? 36  ASP A N   1 
ATOM   52   C CA  . ASP A 1 7   ? -10.682 4.057   6.679   1.00 23.94 ? 36  ASP A CA  1 
ATOM   53   C C   . ASP A 1 7   ? -9.425  3.881   5.841   1.00 23.32 ? 36  ASP A C   1 
ATOM   54   O O   . ASP A 1 7   ? -8.397  4.494   6.120   1.00 22.89 ? 36  ASP A O   1 
ATOM   55   C CB  . ASP A 1 7   ? -10.774 2.968   7.751   1.00 24.68 ? 36  ASP A CB  1 
ATOM   56   C CG  . ASP A 1 7   ? -11.839 3.268   8.805   1.00 27.78 ? 36  ASP A CG  1 
ATOM   57   O OD1 . ASP A 1 7   ? -12.241 4.445   8.978   1.00 29.23 ? 36  ASP A OD1 1 
ATOM   58   O OD2 . ASP A 1 7   ? -12.277 2.312   9.470   1.00 28.25 ? 36  ASP A OD2 1 
ATOM   59   N N   . ILE A 1 8   ? -9.503  3.040   4.815   1.00 22.58 ? 37  ILE A N   1 
ATOM   60   C CA  . ILE A 1 8   ? -8.337  2.785   3.965   1.00 22.86 ? 37  ILE A CA  1 
ATOM   61   C C   . ILE A 1 8   ? -8.032  4.038   3.148   1.00 21.59 ? 37  ILE A C   1 
ATOM   62   O O   . ILE A 1 8   ? -6.878  4.427   3.027   1.00 22.59 ? 37  ILE A O   1 
ATOM   63   C CB  . ILE A 1 8   ? -8.540  1.540   3.079   1.00 21.92 ? 37  ILE A CB  1 
ATOM   64   C CG1 . ILE A 1 8   ? -8.412  0.304   3.969   1.00 21.96 ? 37  ILE A CG1 1 
ATOM   65   C CG2 . ILE A 1 8   ? -7.533  1.497   1.930   1.00 22.78 ? 37  ILE A CG2 1 
ATOM   66   C CD1 . ILE A 1 8   ? -8.895  -0.976  3.347   1.00 22.11 ? 37  ILE A CD1 1 
ATOM   67   N N   . ARG A 1 9   ? -9.083  4.670   2.637   1.00 22.37 ? 38  ARG A N   1 
ATOM   68   C CA  . ARG A 1 9   ? -8.960  5.922   1.883   1.00 22.60 ? 38  ARG A CA  1 
ATOM   69   C C   . ARG A 1 9   ? -8.335  7.030   2.736   1.00 24.41 ? 38  ARG A C   1 
ATOM   70   O O   . ARG A 1 9   ? -7.471  7.766   2.259   1.00 24.59 ? 38  ARG A O   1 
ATOM   71   C CB  . ARG A 1 9   ? -10.320 6.345   1.324   1.00 23.55 ? 38  ARG A CB  1 
ATOM   72   N N   . ARG A 1 10  ? -8.735  7.127   4.003   1.00 25.55 ? 39  ARG A N   1 
ATOM   73   C CA  . ARG A 1 10  ? -8.133  8.116   4.905   1.00 27.09 ? 39  ARG A CA  1 
ATOM   74   C C   . ARG A 1 10  ? -6.647  7.838   5.058   1.00 26.51 ? 39  ARG A C   1 
ATOM   75   O O   . ARG A 1 10  ? -5.829  8.753   5.002   1.00 24.94 ? 39  ARG A O   1 
ATOM   76   C CB  . ARG A 1 10  ? -8.820  8.132   6.273   1.00 28.39 ? 39  ARG A CB  1 
ATOM   77   C CG  . ARG A 1 10  ? -8.227  9.140   7.255   1.00 31.17 ? 39  ARG A CG  1 
ATOM   78   C CD  . ARG A 1 10  ? -8.741  8.906   8.667   1.00 33.08 ? 39  ARG A CD  1 
ATOM   79   N NE  . ARG A 1 10  ? -10.207 8.919   8.729   1.00 34.00 ? 39  ARG A NE  1 
ATOM   80   C CZ  . ARG A 1 10  ? -10.990 7.853   8.929   1.00 36.74 ? 39  ARG A CZ  1 
ATOM   81   N NH1 . ARG A 1 10  ? -10.484 6.630   9.110   1.00 34.80 ? 39  ARG A NH1 1 
ATOM   82   N NH2 . ARG A 1 10  ? -12.309 8.014   8.952   1.00 37.70 ? 39  ARG A NH2 1 
ATOM   83   N N   . ALA A 1 11  ? -6.297  6.566   5.229   1.00 25.34 ? 40  ALA A N   1 
ATOM   84   C CA  . ALA A 1 11  ? -4.905  6.194   5.459   1.00 24.34 ? 40  ALA A CA  1 
ATOM   85   C C   . ALA A 1 11  ? -4.037  6.360   4.222   1.00 25.02 ? 40  ALA A C   1 
ATOM   86   O O   . ALA A 1 11  ? -2.813  6.453   4.347   1.00 26.74 ? 40  ALA A O   1 
ATOM   87   C CB  . ALA A 1 11  ? -4.818  4.763   5.973   1.00 24.27 ? 40  ALA A CB  1 
ATOM   88   N N   . THR A 1 12  ? -4.657  6.376   3.043   1.00 23.81 ? 41  THR A N   1 
ATOM   89   C CA  . THR A 1 12  ? -3.941  6.383   1.774   1.00 26.15 ? 41  THR A CA  1 
ATOM   90   C C   . THR A 1 12  ? -4.372  7.587   0.920   1.00 26.59 ? 41  THR A C   1 
ATOM   91   O O   . THR A 1 12  ? -4.397  7.498   -0.292  1.00 27.23 ? 41  THR A O   1 
ATOM   92   C CB  . THR A 1 12  ? -4.174  5.057   0.995   1.00 26.51 ? 41  THR A CB  1 
ATOM   93   O OG1 . THR A 1 12  ? -5.572  4.892   0.695   1.00 27.48 ? 41  THR A OG1 1 
ATOM   94   C CG2 . THR A 1 12  ? -3.716  3.849   1.811   1.00 26.41 ? 41  THR A CG2 1 
ATOM   95   N N   . ASN A 1 13  ? -4.694  8.713   1.564   1.00 29.64 ? 42  ASN A N   1 
ATOM   96   C CA  . ASN A 1 13  ? -5.170  9.917   0.842   1.00 30.95 ? 42  ASN A CA  1 
ATOM   97   C C   . ASN A 1 13  ? -4.016  10.619  0.083   1.00 30.30 ? 42  ASN A C   1 
ATOM   98   O O   . ASN A 1 13  ? -2.857  10.237  0.237   1.00 26.71 ? 42  ASN A O   1 
ATOM   99   C CB  . ASN A 1 13  ? -5.939  10.868  1.801   1.00 32.48 ? 42  ASN A CB  1 
ATOM   100  C CG  . ASN A 1 13  ? -5.053  11.520  2.858   1.00 34.65 ? 42  ASN A CG  1 
ATOM   101  O OD1 . ASN A 1 13  ? -3.906  11.866  2.600   1.00 38.15 ? 42  ASN A OD1 1 
ATOM   102  N ND2 . ASN A 1 13  ? -5.600  11.716  4.060   1.00 38.13 ? 42  ASN A ND2 1 
ATOM   103  N N   . THR A 1 14  ? -4.313  11.623  -0.747  1.00 29.45 ? 43  THR A N   1 
ATOM   104  C CA  . THR A 1 14  ? -3.240  12.351  -1.455  1.00 30.86 ? 43  THR A CA  1 
ATOM   105  C C   . THR A 1 14  ? -2.588  13.455  -0.621  1.00 29.86 ? 43  THR A C   1 
ATOM   106  O O   . THR A 1 14  ? -1.742  14.192  -1.125  1.00 29.30 ? 43  THR A O   1 
ATOM   107  C CB  . THR A 1 14  ? -3.749  13.002  -2.745  1.00 32.95 ? 43  THR A CB  1 
ATOM   108  O OG1 . THR A 1 14  ? -4.920  13.761  -2.433  1.00 33.15 ? 43  THR A OG1 1 
ATOM   109  C CG2 . THR A 1 14  ? -4.061  11.942  -3.785  1.00 35.22 ? 43  THR A CG2 1 
ATOM   110  N N   . ASP A 1 15  ? -2.988  13.584  0.642   1.00 29.58 ? 44  ASP A N   1 
ATOM   111  C CA  . ASP A 1 15  ? -2.349  14.532  1.543   1.00 29.49 ? 44  ASP A CA  1 
ATOM   112  C C   . ASP A 1 15  ? -0.879  14.209  1.744   1.00 28.60 ? 44  ASP A C   1 
ATOM   113  O O   . ASP A 1 15  ? -0.463  13.035  1.737   1.00 27.11 ? 44  ASP A O   1 
ATOM   114  C CB  . ASP A 1 15  ? -3.047  14.544  2.906   1.00 31.93 ? 44  ASP A CB  1 
ATOM   115  N N   . ALA A 1 16  ? -0.090  15.261  1.944   1.00 29.14 ? 45  ALA A N   1 
ATOM   116  C CA  . ALA A 1 16  ? 1.353   15.136  2.138   1.00 30.34 ? 45  ALA A CA  1 
ATOM   117  C C   . ALA A 1 16  ? 1.760   14.406  3.418   1.00 30.56 ? 45  ALA A C   1 
ATOM   118  O O   . ALA A 1 16  ? 2.857   13.850  3.499   1.00 31.75 ? 45  ALA A O   1 
ATOM   119  C CB  . ALA A 1 16  ? 1.997   16.514  2.113   1.00 32.62 ? 45  ALA A CB  1 
ATOM   120  N N   . TRP A 1 17  ? 0.886   14.422  4.416   1.00 27.47 ? 46  TRP A N   1 
ATOM   121  C CA  . TRP A 1 17  ? 1.181   13.841  5.720   1.00 26.51 ? 46  TRP A CA  1 
ATOM   122  C C   . TRP A 1 17  ? 0.304   12.620  5.981   1.00 28.09 ? 46  TRP A C   1 
ATOM   123  O O   . TRP A 1 17  ? -0.845  12.573  5.555   1.00 30.76 ? 46  TRP A O   1 
ATOM   124  C CB  . TRP A 1 17  ? 0.966   14.901  6.788   1.00 26.53 ? 46  TRP A CB  1 
ATOM   125  C CG  . TRP A 1 17  ? 1.799   16.072  6.478   1.00 26.36 ? 46  TRP A CG  1 
ATOM   126  C CD1 . TRP A 1 17  ? 1.458   17.147  5.711   1.00 26.87 ? 46  TRP A CD1 1 
ATOM   127  C CD2 . TRP A 1 17  ? 3.169   16.247  6.836   1.00 26.47 ? 46  TRP A CD2 1 
ATOM   128  N NE1 . TRP A 1 17  ? 2.525   18.006  5.603   1.00 27.40 ? 46  TRP A NE1 1 
ATOM   129  C CE2 . TRP A 1 17  ? 3.591   17.475  6.283   1.00 25.80 ? 46  TRP A CE2 1 
ATOM   130  C CE3 . TRP A 1 17  ? 4.076   15.495  7.593   1.00 26.32 ? 46  TRP A CE3 1 
ATOM   131  C CZ2 . TRP A 1 17  ? 4.882   17.969  6.459   1.00 26.54 ? 46  TRP A CZ2 1 
ATOM   132  C CZ3 . TRP A 1 17  ? 5.365   15.995  7.776   1.00 27.29 ? 46  TRP A CZ3 1 
ATOM   133  C CH2 . TRP A 1 17  ? 5.755   17.216  7.205   1.00 26.96 ? 46  TRP A CH2 1 
ATOM   134  N N   . GLY A 1 18  ? 0.870   11.636  6.670   1.00 27.34 ? 47  GLY A N   1 
ATOM   135  C CA  . GLY A 1 18  ? 0.152   10.422  7.046   1.00 27.06 ? 47  GLY A CA  1 
ATOM   136  C C   . GLY A 1 18  ? 0.611   9.214   6.244   1.00 26.98 ? 47  GLY A C   1 
ATOM   137  O O   . GLY A 1 18  ? 1.381   9.369   5.292   1.00 28.49 ? 47  GLY A O   1 
ATOM   138  N N   . PRO A 1 19  ? 0.129   8.005   6.599   1.00 24.96 ? 48  PRO A N   1 
ATOM   139  C CA  . PRO A 1 19  ? -0.811  7.770   7.681   1.00 24.86 ? 48  PRO A CA  1 
ATOM   140  C C   . PRO A 1 19  ? -0.177  7.855   9.067   1.00 25.08 ? 48  PRO A C   1 
ATOM   141  O O   . PRO A 1 19  ? 0.981   7.504   9.258   1.00 24.98 ? 48  PRO A O   1 
ATOM   142  C CB  . PRO A 1 19  ? -1.326  6.353   7.408   1.00 24.96 ? 48  PRO A CB  1 
ATOM   143  C CG  . PRO A 1 19  ? -0.233  5.690   6.642   1.00 23.89 ? 48  PRO A CG  1 
ATOM   144  C CD  . PRO A 1 19  ? 0.341   6.787   5.793   1.00 25.23 ? 48  PRO A CD  1 
ATOM   145  N N   . THR A 1 20  ? -0.954  8.367   10.006  1.00 25.03 ? 49  THR A N   1 
ATOM   146  C CA  . THR A 1 20  ? -0.592  8.379   11.409  1.00 25.05 ? 49  THR A CA  1 
ATOM   147  C C   . THR A 1 20  ? -0.817  6.993   11.993  1.00 24.22 ? 49  THR A C   1 
ATOM   148  O O   . THR A 1 20  ? -1.531  6.163   11.396  1.00 22.70 ? 49  THR A O   1 
ATOM   149  C CB  . THR A 1 20  ? -1.468  9.371   12.196  1.00 25.04 ? 49  THR A CB  1 
ATOM   150  O OG1 . THR A 1 20  ? -2.817  8.876   12.259  1.00 25.63 ? 49  THR A OG1 1 
ATOM   151  C CG2 . THR A 1 20  ? -1.467  10.751  11.549  1.00 25.01 ? 49  THR A CG2 1 
ATOM   152  N N   . PRO A 1 21  ? -0.231  6.730   13.171  1.00 24.80 ? 50  PRO A N   1 
ATOM   153  C CA  . PRO A 1 21  ? -0.515  5.494   13.887  1.00 25.06 ? 50  PRO A CA  1 
ATOM   154  C C   . PRO A 1 21  ? -1.999  5.266   14.103  1.00 25.08 ? 50  PRO A C   1 
ATOM   155  O O   . PRO A 1 21  ? -2.463  4.129   13.988  1.00 25.59 ? 50  PRO A O   1 
ATOM   156  C CB  . PRO A 1 21  ? 0.190   5.704   15.226  1.00 26.26 ? 50  PRO A CB  1 
ATOM   157  C CG  . PRO A 1 21  ? 1.366   6.551   14.873  1.00 25.97 ? 50  PRO A CG  1 
ATOM   158  C CD  . PRO A 1 21  ? 0.861   7.489   13.813  1.00 25.98 ? 50  PRO A CD  1 
ATOM   159  N N   . LYS A 1 22  ? -2.735  6.335   14.387  1.00 24.53 ? 51  LYS A N   1 
ATOM   160  C CA  . LYS A 1 22  ? -4.173  6.216   14.594  1.00 26.14 ? 51  LYS A CA  1 
ATOM   161  C C   . LYS A 1 22  ? -4.899  5.808   13.308  1.00 24.16 ? 51  LYS A C   1 
ATOM   162  O O   . LYS A 1 22  ? -5.828  5.002   13.355  1.00 23.78 ? 51  LYS A O   1 
ATOM   163  C CB  . LYS A 1 22  ? -4.775  7.493   15.183  1.00 29.61 ? 51  LYS A CB  1 
ATOM   164  C CG  . LYS A 1 22  ? -6.137  7.228   15.804  1.00 35.16 ? 51  LYS A CG  1 
ATOM   165  C CD  . LYS A 1 22  ? -6.774  8.423   16.500  1.00 40.82 ? 51  LYS A CD  1 
ATOM   166  C CE  . LYS A 1 22  ? -8.119  7.984   17.087  1.00 44.30 ? 51  LYS A CE  1 
ATOM   167  N NZ  . LYS A 1 22  ? -8.996  9.080   17.585  1.00 47.72 ? 51  LYS A NZ  1 
ATOM   168  N N   . HIS A 1 23  ? -4.490  6.351   12.168  1.00 21.58 ? 52  HIS A N   1 
ATOM   169  C CA  . HIS A 1 23  ? -5.078  5.934   10.891  1.00 22.42 ? 52  HIS A CA  1 
ATOM   170  C C   . HIS A 1 23  ? -4.912  4.464   10.633  1.00 21.17 ? 52  HIS A C   1 
ATOM   171  O O   . HIS A 1 23  ? -5.849  3.784   10.235  1.00 21.29 ? 52  HIS A O   1 
ATOM   172  C CB  . HIS A 1 23  ? -4.436  6.677   9.734   1.00 23.55 ? 52  HIS A CB  1 
ATOM   173  C CG  . HIS A 1 23  ? -4.691  8.141   9.765   1.00 25.11 ? 52  HIS A CG  1 
ATOM   174  N ND1 . HIS A 1 23  ? -3.876  9.043   9.128   1.00 26.28 ? 52  HIS A ND1 1 
ATOM   175  C CD2 . HIS A 1 23  ? -5.641  8.868   10.393  1.00 27.81 ? 52  HIS A CD2 1 
ATOM   176  C CE1 . HIS A 1 23  ? -4.334  10.266  9.330   1.00 26.34 ? 52  HIS A CE1 1 
ATOM   177  N NE2 . HIS A 1 23  ? -5.399  10.187  10.103  1.00 26.66 ? 52  HIS A NE2 1 
ATOM   178  N N   . LEU A 1 24  ? -3.694  3.980   10.831  1.00 20.26 ? 53  LEU A N   1 
ATOM   179  C CA  . LEU A 1 24  ? -3.413  2.563   10.661  1.00 20.61 ? 53  LEU A CA  1 
ATOM   180  C C   . LEU A 1 24  ? -4.164  1.676   11.654  1.00 21.42 ? 53  LEU A C   1 
ATOM   181  O O   . LEU A 1 24  ? -4.699  0.628   11.278  1.00 22.24 ? 53  LEU A O   1 
ATOM   182  C CB  . LEU A 1 24  ? -1.922  2.319   10.774  1.00 21.11 ? 53  LEU A CB  1 
ATOM   183  C CG  . LEU A 1 24  ? -1.127  3.038   9.685   1.00 21.36 ? 53  LEU A CG  1 
ATOM   184  C CD1 . LEU A 1 24  ? 0.361   2.986   10.016  1.00 22.32 ? 53  LEU A CD1 1 
ATOM   185  C CD2 . LEU A 1 24  ? -1.405  2.494   8.290   1.00 22.57 ? 53  LEU A CD2 1 
ATOM   186  N N   . ALA A 1 25  ? -4.221  2.078   12.914  1.00 22.63 ? 54  ALA A N   1 
ATOM   187  C CA  . ALA A 1 25  ? -4.989  1.312   13.904  1.00 23.37 ? 54  ALA A CA  1 
ATOM   188  C C   . ALA A 1 25  ? -6.469  1.200   13.498  1.00 23.32 ? 54  ALA A C   1 
ATOM   189  O O   . ALA A 1 25  ? -7.095  0.146   13.664  1.00 24.14 ? 54  ALA A O   1 
ATOM   190  C CB  . ALA A 1 25  ? -4.859  1.937   15.281  1.00 23.51 ? 54  ALA A CB  1 
ATOM   191  N N   . LYS A 1 26  ? -7.007  2.283   12.962  1.00 23.91 ? 55  LYS A N   1 
ATOM   192  C CA  . LYS A 1 26  ? -8.392  2.333   12.535  1.00 25.47 ? 55  LYS A CA  1 
ATOM   193  C C   . LYS A 1 26  ? -8.674  1.362   11.388  1.00 24.20 ? 55  LYS A C   1 
ATOM   194  O O   . LYS A 1 26  ? -9.691  0.671   11.398  1.00 22.96 ? 55  LYS A O   1 
ATOM   195  C CB  . LYS A 1 26  ? -8.748  3.745   12.085  1.00 28.42 ? 55  LYS A CB  1 
ATOM   196  C CG  . LYS A 1 26  ? -10.223 3.935   11.837  1.00 31.91 ? 55  LYS A CG  1 
ATOM   197  C CD  . LYS A 1 26  ? -10.987 4.004   13.149  1.00 36.54 ? 55  LYS A CD  1 
ATOM   198  C CE  . LYS A 1 26  ? -12.463 3.685   12.963  1.00 40.31 ? 55  LYS A CE  1 
ATOM   199  N NZ  . LYS A 1 26  ? -13.124 4.610   12.006  1.00 42.90 ? 55  LYS A NZ  1 
ATOM   200  N N   . VAL A 1 27  ? -7.778  1.334   10.403  1.00 21.77 ? 56  VAL A N   1 
ATOM   201  C CA  . VAL A 1 27  ? -7.867  0.375   9.309   1.00 20.91 ? 56  VAL A CA  1 
ATOM   202  C C   . VAL A 1 27  ? -7.874  -1.009  9.930   1.00 21.44 ? 56  VAL A C   1 
ATOM   203  O O   . VAL A 1 27  ? -8.743  -1.814  9.641   1.00 21.21 ? 56  VAL A O   1 
ATOM   204  C CB  . VAL A 1 27  ? -6.692  0.502   8.315   1.00 20.47 ? 56  VAL A CB  1 
ATOM   205  C CG1 . VAL A 1 27  ? -6.677  -0.634  7.285   1.00 20.72 ? 56  VAL A CG1 1 
ATOM   206  C CG2 . VAL A 1 27  ? -6.760  1.849   7.611   1.00 20.42 ? 56  VAL A CG2 1 
ATOM   207  N N   . LEU A 1 28  ? -6.919  -1.282  10.806  1.00 21.68 ? 57  LEU A N   1 
ATOM   208  C CA  . LEU A 1 28  ? -6.799  -2.628  11.351  1.00 22.83 ? 57  LEU A CA  1 
ATOM   209  C C   . LEU A 1 28  ? -8.059  -3.090  12.088  1.00 23.66 ? 57  LEU A C   1 
ATOM   210  O O   . LEU A 1 28  ? -8.435  -4.267  11.981  1.00 23.12 ? 57  LEU A O   1 
ATOM   211  C CB  . LEU A 1 28  ? -5.588  -2.729  12.267  1.00 24.33 ? 57  LEU A CB  1 
ATOM   212  C CG  . LEU A 1 28  ? -5.323  -4.101  12.887  1.00 25.91 ? 57  LEU A CG  1 
ATOM   213  C CD1 . LEU A 1 28  ? -5.009  -5.125  11.819  1.00 26.14 ? 57  LEU A CD1 1 
ATOM   214  C CD2 . LEU A 1 28  ? -4.164  -3.975  13.867  1.00 26.51 ? 57  LEU A CD2 1 
ATOM   215  N N   . ARG A 1 29  ? -8.701  -2.186  12.836  1.00 22.88 ? 58  ARG A N   1 
ATOM   216  C CA  . ARG A 1 29  ? -9.874  -2.554  13.660  1.00 24.01 ? 58  ARG A CA  1 
ATOM   217  C C   . ARG A 1 29  ? -11.069 -3.032  12.820  1.00 23.91 ? 58  ARG A C   1 
ATOM   218  O O   . ARG A 1 29  ? -12.012 -3.623  13.347  1.00 24.03 ? 58  ARG A O   1 
ATOM   219  C CB  . ARG A 1 29  ? -10.305 -1.408  14.589  1.00 26.33 ? 58  ARG A CB  1 
ATOM   220  C CG  . ARG A 1 29  ? -9.582  -1.398  15.930  1.00 28.57 ? 58  ARG A CG  1 
ATOM   221  C CD  . ARG A 1 29  ? -9.857  -0.136  16.747  1.00 28.70 ? 58  ARG A CD  1 
ATOM   222  N N   . ASN A 1 30  ? -11.032 -2.805  11.515  1.00 23.60 ? 59  ASN A N   1 
ATOM   223  C CA  . ASN A 1 30  ? -12.078 -3.354  10.635  1.00 22.41 ? 59  ASN A CA  1 
ATOM   224  C C   . ASN A 1 30  ? -12.092 -4.885  10.550  1.00 22.40 ? 59  ASN A C   1 
ATOM   225  O O   . ASN A 1 30  ? -13.093 -5.470  10.122  1.00 23.13 ? 59  ASN A O   1 
ATOM   226  C CB  . ASN A 1 30  ? -11.959 -2.749  9.239   1.00 22.24 ? 59  ASN A CB  1 
ATOM   227  C CG  . ASN A 1 30  ? -12.353 -1.293  9.217   1.00 23.14 ? 59  ASN A CG  1 
ATOM   228  O OD1 . ASN A 1 30  ? -11.502 -0.393  9.165   1.00 24.99 ? 59  ASN A OD1 1 
ATOM   229  N ND2 . ASN A 1 30  ? -13.641 -1.046  9.295   1.00 21.53 ? 59  ASN A ND2 1 
ATOM   230  N N   . ARG A 1 31  ? -10.997 -5.520  10.964  1.00 21.56 ? 60  ARG A N   1 
ATOM   231  C CA  . ARG A 1 31  ? -10.901 -6.993  10.988  1.00 22.69 ? 60  ARG A CA  1 
ATOM   232  C C   . ARG A 1 31  ? -11.952 -7.679  11.868  1.00 23.23 ? 60  ARG A C   1 
ATOM   233  O O   . ARG A 1 31  ? -12.168 -8.891  11.754  1.00 22.84 ? 60  ARG A O   1 
ATOM   234  C CB  . ARG A 1 31  ? -9.517  -7.435  11.439  1.00 22.77 ? 60  ARG A CB  1 
ATOM   235  C CG  . ARG A 1 31  ? -9.213  -7.133  12.891  1.00 23.21 ? 60  ARG A CG  1 
ATOM   236  C CD  . ARG A 1 31  ? -7.828  -7.644  13.197  1.00 23.75 ? 60  ARG A CD  1 
ATOM   237  N NE  . ARG A 1 31  ? -7.236  -6.978  14.335  1.00 24.17 ? 60  ARG A NE  1 
ATOM   238  C CZ  . ARG A 1 31  ? -6.177  -7.422  14.994  1.00 24.07 ? 60  ARG A CZ  1 
ATOM   239  N NH1 . ARG A 1 31  ? -5.564  -8.559  14.654  1.00 24.31 ? 60  ARG A NH1 1 
ATOM   240  N NH2 . ARG A 1 31  ? -5.725  -6.717  16.013  1.00 25.57 ? 60  ARG A NH2 1 
ATOM   241  N N   . TYR A 1 32  ? -12.592 -6.921  12.757  1.00 23.67 ? 61  TYR A N   1 
ATOM   242  C CA  . TYR A 1 32  ? -13.674 -7.476  13.566  1.00 25.08 ? 61  TYR A CA  1 
ATOM   243  C C   . TYR A 1 32  ? -14.986 -7.579  12.815  1.00 25.86 ? 61  TYR A C   1 
ATOM   244  O O   . TYR A 1 32  ? -15.897 -8.253  13.277  1.00 26.83 ? 61  TYR A O   1 
ATOM   245  C CB  . TYR A 1 32  ? -13.846 -6.672  14.856  1.00 24.97 ? 61  TYR A CB  1 
ATOM   246  C CG  . TYR A 1 32  ? -12.595 -6.698  15.689  1.00 24.54 ? 61  TYR A CG  1 
ATOM   247  C CD1 . TYR A 1 32  ? -12.006 -7.904  16.028  1.00 26.43 ? 61  TYR A CD1 1 
ATOM   248  C CD2 . TYR A 1 32  ? -11.994 -5.527  16.134  1.00 25.71 ? 61  TYR A CD2 1 
ATOM   249  C CE1 . TYR A 1 32  ? -10.855 -7.956  16.787  1.00 27.32 ? 61  TYR A CE1 1 
ATOM   250  C CE2 . TYR A 1 32  ? -10.830 -5.565  16.896  1.00 26.26 ? 61  TYR A CE2 1 
ATOM   251  C CZ  . TYR A 1 32  ? -10.264 -6.781  17.218  1.00 27.63 ? 61  TYR A CZ  1 
ATOM   252  O OH  . TYR A 1 32  ? -9.112  -6.850  17.975  1.00 26.57 ? 61  TYR A OH  1 
ATOM   253  N N   . GLN A 1 33  ? -15.083 -6.941  11.657  1.00 27.29 ? 62  GLN A N   1 
ATOM   254  C CA  . GLN A 1 33  ? -16.307 -7.008  10.860  1.00 29.59 ? 62  GLN A CA  1 
ATOM   255  C C   . GLN A 1 33  ? -16.110 -7.455  9.417   1.00 29.55 ? 62  GLN A C   1 
ATOM   256  O O   . GLN A 1 33  ? -17.078 -7.882  8.789   1.00 29.67 ? 62  GLN A O   1 
ATOM   257  C CB  . GLN A 1 33  ? -16.997 -5.650  10.836  1.00 33.18 ? 62  GLN A CB  1 
ATOM   258  C CG  . GLN A 1 33  ? -17.508 -5.178  12.187  1.00 37.83 ? 62  GLN A CG  1 
ATOM   259  C CD  . GLN A 1 33  ? -16.488 -4.362  12.964  1.00 40.81 ? 62  GLN A CD  1 
ATOM   260  O OE1 . GLN A 1 33  ? -15.581 -3.752  12.385  1.00 44.45 ? 62  GLN A OE1 1 
ATOM   261  N NE2 . GLN A 1 33  ? -16.634 -4.339  14.285  1.00 41.90 ? 62  GLN A NE2 1 
ATOM   262  N N   . VAL A 1 34  ? -14.887 -7.312  8.894   1.00 26.79 ? 63  VAL A N   1 
ATOM   263  C CA  . VAL A 1 34  ? -14.565 -7.504  7.463   1.00 25.63 ? 63  VAL A CA  1 
ATOM   264  C C   . VAL A 1 34  ? -13.409 -8.510  7.321   1.00 24.50 ? 63  VAL A C   1 
ATOM   265  O O   . VAL A 1 34  ? -12.453 -8.439  8.082   1.00 21.25 ? 63  VAL A O   1 
ATOM   266  C CB  . VAL A 1 34  ? -14.119 -6.148  6.852   1.00 26.13 ? 63  VAL A CB  1 
ATOM   267  C CG1 . VAL A 1 34  ? -13.888 -6.237  5.350   1.00 25.90 ? 63  VAL A CG1 1 
ATOM   268  C CG2 . VAL A 1 34  ? -15.151 -5.069  7.143   1.00 26.74 ? 63  VAL A CG2 1 
ATOM   269  N N   . PRO A 1 35  ? -13.466 -9.437  6.335   1.00 22.85 ? 64  PRO A N   1 
ATOM   270  C CA  . PRO A 1 35  ? -12.293 -10.307 6.158   1.00 22.53 ? 64  PRO A CA  1 
ATOM   271  C C   . PRO A 1 35  ? -11.036 -9.541  5.738   1.00 21.56 ? 64  PRO A C   1 
ATOM   272  O O   . PRO A 1 35  ? -11.124 -8.580  4.961   1.00 20.60 ? 64  PRO A O   1 
ATOM   273  C CB  . PRO A 1 35  ? -12.713 -11.244 5.010   1.00 22.97 ? 64  PRO A CB  1 
ATOM   274  C CG  . PRO A 1 35  ? -14.198 -11.246 5.048   1.00 23.68 ? 64  PRO A CG  1 
ATOM   275  C CD  . PRO A 1 35  ? -14.606 -9.876  5.509   1.00 24.18 ? 64  PRO A CD  1 
ATOM   276  N N   . LEU A 1 36  ? -9.879  -9.979  6.219   1.00 21.76 ? 65  LEU A N   1 
ATOM   277  C CA  . LEU A 1 36  ? -8.620  -9.375  5.779   1.00 22.06 ? 65  LEU A CA  1 
ATOM   278  C C   . LEU A 1 36  ? -8.415  -9.433  4.262   1.00 23.11 ? 65  LEU A C   1 
ATOM   279  O O   . LEU A 1 36  ? -7.763  -8.553  3.708   1.00 21.81 ? 65  LEU A O   1 
ATOM   280  C CB  . LEU A 1 36  ? -7.411  -9.978  6.504   1.00 21.94 ? 65  LEU A CB  1 
ATOM   281  C CG  . LEU A 1 36  ? -6.808  -9.119  7.622   1.00 22.12 ? 65  LEU A CG  1 
ATOM   282  C CD1 . LEU A 1 36  ? -6.235  -7.823  7.049   1.00 22.11 ? 65  LEU A CD1 1 
ATOM   283  C CD2 . LEU A 1 36  ? -7.847  -8.811  8.687   1.00 22.14 ? 65  LEU A CD2 1 
ATOM   284  N N   . TYR A 1 37  ? -8.971  -10.452 3.601   1.00 22.08 ? 66  TYR A N   1 
ATOM   285  C CA  . TYR A 1 37  ? -8.811  -10.602 2.159   1.00 21.65 ? 66  TYR A CA  1 
ATOM   286  C C   . TYR A 1 37  ? -9.372  -9.370  1.484   1.00 21.95 ? 66  TYR A C   1 
ATOM   287  O O   . TYR A 1 37  ? -8.740  -8.826  0.577   1.00 21.49 ? 66  TYR A O   1 
ATOM   288  C CB  . TYR A 1 37  ? -9.529  -11.846 1.616   1.00 22.00 ? 66  TYR A CB  1 
ATOM   289  C CG  . TYR A 1 37  ? -9.166  -12.150 0.174   1.00 21.84 ? 66  TYR A CG  1 
ATOM   290  C CD1 . TYR A 1 37  ? -9.756  -11.466 -0.877  1.00 22.71 ? 66  TYR A CD1 1 
ATOM   291  C CD2 . TYR A 1 37  ? -8.199  -13.105 -0.126  1.00 23.86 ? 66  TYR A CD2 1 
ATOM   292  C CE1 . TYR A 1 37  ? -9.407  -11.732 -2.192  1.00 22.87 ? 66  TYR A CE1 1 
ATOM   293  C CE2 . TYR A 1 37  ? -7.847  -13.374 -1.430  1.00 23.83 ? 66  TYR A CE2 1 
ATOM   294  C CZ  . TYR A 1 37  ? -8.456  -12.682 -2.451  1.00 23.90 ? 66  TYR A CZ  1 
ATOM   295  O OH  . TYR A 1 37  ? -8.097  -12.962 -3.740  1.00 27.87 ? 66  TYR A OH  1 
ATOM   296  N N   . LEU A 1 38  ? -10.568 -8.953  1.915   1.00 22.12 ? 67  LEU A N   1 
ATOM   297  C CA  . LEU A 1 38  ? -11.230 -7.773  1.361   1.00 23.16 ? 67  LEU A CA  1 
ATOM   298  C C   . LEU A 1 38  ? -10.506 -6.478  1.668   1.00 21.81 ? 67  LEU A C   1 
ATOM   299  O O   . LEU A 1 38  ? -10.426 -5.619  0.804   1.00 22.62 ? 67  LEU A O   1 
ATOM   300  C CB  . LEU A 1 38  ? -12.678 -7.654  1.821   1.00 23.90 ? 67  LEU A CB  1 
ATOM   301  C CG  . LEU A 1 38  ? -13.679 -8.588  1.152   1.00 26.22 ? 67  LEU A CG  1 
ATOM   302  C CD1 . LEU A 1 38  ? -15.070 -8.047  1.434   0.80 26.69 ? 67  LEU A CD1 1 
ATOM   303  C CD2 . LEU A 1 38  ? -13.485 -8.739  -0.353  0.80 26.59 ? 67  LEU A CD2 1 
ATOM   304  N N   . MET A 1 39  ? -10.001 -6.334  2.896   1.00 21.76 ? 68  MET A N   1 
ATOM   305  C CA  . MET A 1 39  ? -9.226  -5.156  3.274   1.00 20.86 ? 68  MET A CA  1 
ATOM   306  C C   . MET A 1 39  ? -7.974  -5.064  2.425   1.00 21.20 ? 68  MET A C   1 
ATOM   307  O O   . MET A 1 39  ? -7.618  -3.985  1.949   1.00 20.67 ? 68  MET A O   1 
ATOM   308  C CB  . MET A 1 39  ? -8.864  -5.192  4.762   1.00 21.48 ? 68  MET A CB  1 
ATOM   309  C CG  . MET A 1 39  ? -10.056 -5.045  5.683   1.00 22.69 ? 68  MET A CG  1 
ATOM   310  S SD  . MET A 1 39  ? -9.747  -5.539  7.393   1.00 24.73 ? 68  MET A SD  1 
ATOM   311  C CE  . MET A 1 39  ? -8.213  -4.700  7.780   1.00 24.73 ? 68  MET A CE  1 
ATOM   312  N N   . THR A 1 40  ? -7.313  -6.204  2.220   1.00 20.59 ? 69  THR A N   1 
ATOM   313  C CA  . THR A 1 40  ? -6.104  -6.252  1.400   1.00 19.75 ? 69  THR A CA  1 
ATOM   314  C C   . THR A 1 40  ? -6.426  -5.968  -0.075  1.00 19.63 ? 69  THR A C   1 
ATOM   315  O O   . THR A 1 40  ? -5.712  -5.238  -0.774  1.00 19.64 ? 69  THR A O   1 
ATOM   316  C CB  . THR A 1 40  ? -5.447  -7.638  1.496   1.00 19.05 ? 69  THR A CB  1 
ATOM   317  O OG1 . THR A 1 40  ? -5.210  -7.975  2.873   1.00 19.86 ? 69  THR A OG1 1 
ATOM   318  C CG2 . THR A 1 40  ? -4.156  -7.688  0.686   1.00 20.00 ? 69  THR A CG2 1 
ATOM   319  N N   . GLU A 1 41  ? -7.525  -6.540  -0.546  1.00 19.93 ? 70  GLU A N   1 
ATOM   320  C CA  . GLU A 1 41  ? -7.899  -6.435  -1.939  1.00 20.19 ? 70  GLU A CA  1 
ATOM   321  C C   . GLU A 1 41  ? -8.263  -4.992  -2.279  1.00 19.97 ? 70  GLU A C   1 
ATOM   322  O O   . GLU A 1 41  ? -7.911  -4.492  -3.347  1.00 20.65 ? 70  GLU A O   1 
ATOM   323  C CB  . GLU A 1 41  ? -9.091  -7.353  -2.207  1.00 22.04 ? 70  GLU A CB  1 
ATOM   324  C CG  . GLU A 1 41  ? -9.362  -7.623  -3.676  1.00 23.02 ? 70  GLU A CG  1 
ATOM   325  C CD  . GLU A 1 41  ? -10.750 -8.202  -3.913  1.00 24.39 ? 70  GLU A CD  1 
ATOM   326  O OE1 . GLU A 1 41  ? -11.718 -7.673  -3.316  1.00 26.01 ? 70  GLU A OE1 1 
ATOM   327  O OE2 . GLU A 1 41  ? -10.882 -9.164  -4.710  1.00 26.68 ? 70  GLU A OE2 1 
ATOM   328  N N   . TYR A 1 42  ? -8.973  -4.322  -1.374  1.00 20.23 ? 71  TYR A N   1 
ATOM   329  C CA  . TYR A 1 42  ? -9.378  -2.940  -1.624  1.00 20.42 ? 71  TYR A CA  1 
ATOM   330  C C   . TYR A 1 42  ? -8.151  -2.030  -1.635  1.00 19.90 ? 71  TYR A C   1 
ATOM   331  O O   . TYR A 1 42  ? -8.089  -1.092  -2.416  1.00 20.17 ? 71  TYR A O   1 
ATOM   332  C CB  . TYR A 1 42  ? -10.415 -2.481  -0.601  1.00 22.55 ? 71  TYR A CB  1 
ATOM   333  C CG  . TYR A 1 42  ? -10.949 -1.115  -0.903  1.00 24.04 ? 71  TYR A CG  1 
ATOM   334  C CD1 . TYR A 1 42  ? -11.875 -0.924  -1.926  1.00 26.24 ? 71  TYR A CD1 1 
ATOM   335  C CD2 . TYR A 1 42  ? -10.507 -0.009  -0.199  1.00 24.87 ? 71  TYR A CD2 1 
ATOM   336  C CE1 . TYR A 1 42  ? -12.371 0.338   -2.215  1.00 28.17 ? 71  TYR A CE1 1 
ATOM   337  C CE2 . TYR A 1 42  ? -10.993 1.251   -0.483  1.00 26.86 ? 71  TYR A CE2 1 
ATOM   338  C CZ  . TYR A 1 42  ? -11.927 1.414   -1.488  1.00 28.45 ? 71  TYR A CZ  1 
ATOM   339  O OH  . TYR A 1 42  ? -12.413 2.663   -1.784  1.00 31.37 ? 71  TYR A OH  1 
ATOM   340  N N   . THR A 1 43  ? -7.177  -2.324  -0.781  1.00 19.95 ? 72  THR A N   1 
ATOM   341  C CA  . THR A 1 43  ? -5.940  -1.555  -0.726  1.00 20.52 ? 72  THR A CA  1 
ATOM   342  C C   . THR A 1 43  ? -5.201  -1.712  -2.065  1.00 21.24 ? 72  THR A C   1 
ATOM   343  O O   . THR A 1 43  ? -4.736  -0.729  -2.655  1.00 20.39 ? 72  THR A O   1 
ATOM   344  C CB  . THR A 1 43  ? -5.082  -1.940  0.505   1.00 21.40 ? 72  THR A CB  1 
ATOM   345  O OG1 . THR A 1 43  ? -5.832  -1.723  1.708   1.00 19.42 ? 72  THR A OG1 1 
ATOM   346  C CG2 . THR A 1 43  ? -3.802  -1.098  0.580   1.00 22.08 ? 72  THR A CG2 1 
ATOM   347  N N   . LEU A 1 44  ? -5.124  -2.939  -2.569  1.00 21.64 ? 73  LEU A N   1 
ATOM   348  C CA  . LEU A 1 44  ? -4.492  -3.181  -3.860  1.00 22.22 ? 73  LEU A CA  1 
ATOM   349  C C   . LEU A 1 44  ? -5.250  -2.522  -4.999  1.00 22.74 ? 73  LEU A C   1 
ATOM   350  O O   . LEU A 1 44  ? -4.640  -2.015  -5.934  1.00 22.03 ? 73  LEU A O   1 
ATOM   351  C CB  . LEU A 1 44  ? -4.344  -4.679  -4.132  1.00 22.32 ? 73  LEU A CB  1 
ATOM   352  C CG  . LEU A 1 44  ? -3.435  -5.459  -3.183  1.00 23.45 ? 73  LEU A CG  1 
ATOM   353  C CD1 . LEU A 1 44  ? -3.523  -6.949  -3.470  1.00 24.55 ? 73  LEU A CD1 1 
ATOM   354  C CD2 . LEU A 1 44  ? -1.989  -4.978  -3.241  1.00 23.77 ? 73  LEU A CD2 1 
ATOM   355  N N   . LYS A 1 45  ? -6.578  -2.527  -4.936  1.00 22.66 ? 74  LYS A N   1 
ATOM   356  C CA  . LYS A 1 45  ? -7.360  -1.921  -6.008  1.00 24.23 ? 74  LYS A CA  1 
ATOM   357  C C   . LYS A 1 45  ? -7.135  -0.409  -6.075  1.00 22.72 ? 74  LYS A C   1 
ATOM   358  O O   . LYS A 1 45  ? -7.040  0.164   -7.155  1.00 23.14 ? 74  LYS A O   1 
ATOM   359  C CB  . LYS A 1 45  ? -8.844  -2.249  -5.838  1.00 25.62 ? 74  LYS A CB  1 
ATOM   360  C CG  . LYS A 1 45  ? -9.738  -1.607  -6.882  1.00 28.28 ? 74  LYS A CG  1 
ATOM   361  C CD  . LYS A 1 45  ? -11.178 -2.067  -6.733  1.00 30.14 ? 74  LYS A CD  1 
ATOM   362  C CE  . LYS A 1 45  ? -12.026 -1.580  -7.902  1.00 32.18 ? 74  LYS A CE  1 
ATOM   363  N NZ  . LYS A 1 45  ? -12.185 -0.102  -7.897  1.00 32.24 ? 74  LYS A NZ  1 
ATOM   364  N N   . ARG A 1 46  ? -7.024  0.225   -4.915  1.00 23.33 ? 75  ARG A N   1 
ATOM   365  C CA  . ARG A 1 46  ? -6.737  1.656   -4.843  1.00 23.72 ? 75  ARG A CA  1 
ATOM   366  C C   . ARG A 1 46  ? -5.358  1.958   -5.419  1.00 24.32 ? 75  ARG A C   1 
ATOM   367  O O   . ARG A 1 46  ? -5.183  2.904   -6.197  1.00 23.94 ? 75  ARG A O   1 
ATOM   368  C CB  . ARG A 1 46  ? -6.826  2.103   -3.391  1.00 25.88 ? 75  ARG A CB  1 
ATOM   369  C CG  . ARG A 1 46  ? -6.711  3.578   -3.192  1.00 27.48 ? 75  ARG A CG  1 
ATOM   370  C CD  . ARG A 1 46  ? -7.371  4.012   -1.903  1.00 27.16 ? 75  ARG A CD  1 
ATOM   371  N NE  . ARG A 1 46  ? -6.882  5.339   -1.652  1.00 28.14 ? 75  ARG A NE  1 
ATOM   372  C CZ  . ARG A 1 46  ? -7.369  6.446   -2.196  1.00 29.27 ? 75  ARG A CZ  1 
ATOM   373  N NH1 . ARG A 1 46  ? -6.796  7.608   -1.908  1.00 30.54 ? 75  ARG A NH1 1 
ATOM   374  N NH2 . ARG A 1 46  ? -8.432  6.408   -2.995  1.00 29.91 ? 75  ARG A NH2 1 
ATOM   375  N N   . LEU A 1 47  ? -4.386  1.132   -5.046  1.00 23.33 ? 76  LEU A N   1 
ATOM   376  C CA  . LEU A 1 47  ? -3.043  1.243   -5.571  1.00 25.23 ? 76  LEU A CA  1 
ATOM   377  C C   . LEU A 1 47  ? -3.068  1.139   -7.094  1.00 24.79 ? 76  LEU A C   1 
ATOM   378  O O   . LEU A 1 47  ? -2.546  2.015   -7.784  1.00 25.91 ? 76  LEU A O   1 
ATOM   379  C CB  . LEU A 1 47  ? -2.146  0.174   -4.925  1.00 27.01 ? 76  LEU A CB  1 
ATOM   380  C CG  . LEU A 1 47  ? -0.646  0.143   -5.282  1.00 29.47 ? 76  LEU A CG  1 
ATOM   381  C CD1 . LEU A 1 47  ? 0.178   -0.485  -4.176  1.00 30.52 ? 76  LEU A CD1 1 
ATOM   382  C CD2 . LEU A 1 47  ? -0.424  -0.629  -6.566  1.00 30.64 ? 76  LEU A CD2 1 
ATOM   383  N N   . VAL A 1 48  ? -3.715  0.105   -7.620  1.00 23.17 ? 77  VAL A N   1 
ATOM   384  C CA  . VAL A 1 48  ? -3.763  -0.111  -9.061  1.00 24.63 ? 77  VAL A CA  1 
ATOM   385  C C   . VAL A 1 48  ? -4.493  1.017   -9.794  1.00 25.31 ? 77  VAL A C   1 
ATOM   386  O O   . VAL A 1 48  ? -4.035  1.477   -10.859 1.00 25.58 ? 77  VAL A O   1 
ATOM   387  C CB  . VAL A 1 48  ? -4.412  -1.472  -9.396  1.00 24.57 ? 77  VAL A CB  1 
ATOM   388  C CG1 . VAL A 1 48  ? -4.842  -1.543  -10.855 1.00 25.18 ? 77  VAL A CG1 1 
ATOM   389  C CG2 . VAL A 1 48  ? -3.426  -2.581  -9.075  1.00 23.72 ? 77  VAL A CG2 1 
ATOM   390  N N   . ASP A 1 49  ? -5.614  1.451   -9.221  1.00 26.28 ? 78  ASP A N   1 
ATOM   391  C CA  . ASP A 1 49  ? -6.452  2.478   -9.840  1.00 29.10 ? 78  ASP A CA  1 
ATOM   392  C C   . ASP A 1 49  ? -5.708  3.816   -9.912  1.00 29.41 ? 78  ASP A C   1 
ATOM   393  O O   . ASP A 1 49  ? -5.799  4.526   -10.911 1.00 31.21 ? 78  ASP A O   1 
ATOM   394  C CB  . ASP A 1 49  ? -7.793  2.613   -9.104  1.00 31.35 ? 78  ASP A CB  1 
ATOM   395  C CG  . ASP A 1 49  ? -8.783  1.481   -9.449  1.00 35.25 ? 78  ASP A CG  1 
ATOM   396  O OD1 . ASP A 1 49  ? -8.465  0.626   -10.311 1.00 36.94 ? 78  ASP A OD1 1 
ATOM   397  O OD2 . ASP A 1 49  ? -9.889  1.441   -8.857  1.00 39.36 ? 78  ASP A OD2 1 
ATOM   398  N N   . HIS A 1 50  ? -4.940  4.133   -8.877  1.00 29.14 ? 79  HIS A N   1 
ATOM   399  C CA  . HIS A 1 50  ? -4.131  5.352   -8.873  1.00 30.01 ? 79  HIS A CA  1 
ATOM   400  C C   . HIS A 1 50  ? -2.856  5.251   -9.735  1.00 30.86 ? 79  HIS A C   1 
ATOM   401  O O   . HIS A 1 50  ? -2.381  6.267   -10.237 1.00 34.45 ? 79  HIS A O   1 
ATOM   402  C CB  . HIS A 1 50  ? -3.842  5.806   -7.442  1.00 30.64 ? 79  HIS A CB  1 
ATOM   403  C CG  . HIS A 1 50  ? -5.033  6.423   -6.767  1.00 32.53 ? 79  HIS A CG  1 
ATOM   404  N ND1 . HIS A 1 50  ? -5.130  7.775   -6.509  1.00 33.15 ? 79  HIS A ND1 1 
ATOM   405  C CD2 . HIS A 1 50  ? -6.193  5.878   -6.331  1.00 32.77 ? 79  HIS A CD2 1 
ATOM   406  C CE1 . HIS A 1 50  ? -6.288  8.031   -5.929  1.00 33.19 ? 79  HIS A CE1 1 
ATOM   407  N NE2 . HIS A 1 50  ? -6.952  6.898   -5.811  1.00 34.32 ? 79  HIS A NE2 1 
ATOM   408  N N   . ILE A 1 51  ? -2.308  4.053   -9.936  1.00 29.29 ? 80  ILE A N   1 
ATOM   409  C CA  . ILE A 1 51  ? -1.263  3.879   -10.966 1.00 29.42 ? 80  ILE A CA  1 
ATOM   410  C C   . ILE A 1 51  ? -1.839  4.066   -12.377 1.00 29.69 ? 80  ILE A C   1 
ATOM   411  O O   . ILE A 1 51  ? -1.212  4.700   -13.227 1.00 29.71 ? 80  ILE A O   1 
ATOM   412  C CB  . ILE A 1 51  ? -0.540  2.522   -10.853 1.00 30.07 ? 80  ILE A CB  1 
ATOM   413  C CG1 . ILE A 1 51  ? 0.238   2.455   -9.542  1.00 31.04 ? 80  ILE A CG1 1 
ATOM   414  C CG2 . ILE A 1 51  ? 0.424   2.313   -12.015 1.00 30.44 ? 80  ILE A CG2 1 
ATOM   415  C CD1 . ILE A 1 51  ? 0.994   1.158   -9.333  1.00 32.13 ? 80  ILE A CD1 1 
ATOM   416  N N   . ALA A 1 52  ? -3.031  3.526   -12.626 1.00 31.19 ? 81  ALA A N   1 
ATOM   417  C CA  . ALA A 1 52  ? -3.668  3.616   -13.946 1.00 32.69 ? 81  ALA A CA  1 
ATOM   418  C C   . ALA A 1 52  ? -4.150  5.027   -14.314 1.00 34.73 ? 81  ALA A C   1 
ATOM   419  O O   . ALA A 1 52  ? -4.235  5.345   -15.504 1.00 34.93 ? 81  ALA A O   1 
ATOM   420  C CB  . ALA A 1 52  ? -4.840  2.645   -14.036 1.00 32.84 ? 81  ALA A CB  1 
ATOM   421  N N   . THR A 1 53  ? -4.489  5.857   -13.319 1.00 36.05 ? 82  THR A N   1 
ATOM   422  C CA  . THR A 1 53  ? -5.031  7.209   -13.600 1.00 38.31 ? 82  THR A CA  1 
ATOM   423  C C   . THR A 1 53  ? -4.002  8.195   -14.164 1.00 38.36 ? 82  THR A C   1 
ATOM   424  O O   . THR A 1 53  ? -4.377  9.260   -14.663 1.00 40.83 ? 82  THR A O   1 
ATOM   425  C CB  . THR A 1 53  ? -5.711  7.876   -12.373 1.00 40.33 ? 82  THR A CB  1 
ATOM   426  O OG1 . THR A 1 53  ? -4.836  7.859   -11.233 1.00 39.82 ? 82  THR A OG1 1 
ATOM   427  C CG2 . THR A 1 53  ? -7.029  7.197   -12.041 1.00 40.42 ? 82  THR A CG2 1 
ATOM   428  N N   . ARG A 1 54  ? -2.722  7.839   -14.096 1.00 35.14 ? 83  ARG A N   1 
ATOM   429  C CA  . ARG A 1 54  ? -1.636  8.712   -14.547 1.00 32.38 ? 83  ARG A CA  1 
ATOM   430  C C   . ARG A 1 54  ? -1.552  8.801   -16.060 1.00 31.56 ? 83  ARG A C   1 
ATOM   431  O O   . ARG A 1 54  ? -1.840  7.832   -16.753 1.00 30.84 ? 83  ARG A O   1 
ATOM   432  C CB  . ARG A 1 54  ? -0.292  8.179   -14.051 1.00 31.71 ? 83  ARG A CB  1 
ATOM   433  C CG  . ARG A 1 54  ? -0.228  7.951   -12.557 1.00 31.50 ? 83  ARG A CG  1 
ATOM   434  C CD  . ARG A 1 54  ? 1.149   7.461   -12.147 1.00 30.09 ? 83  ARG A CD  1 
ATOM   435  N NE  . ARG A 1 54  ? 1.501   6.185   -12.766 1.00 29.33 ? 83  ARG A NE  1 
ATOM   436  C CZ  . ARG A 1 54  ? 2.739   5.695   -12.836 1.00 28.61 ? 83  ARG A CZ  1 
ATOM   437  N NH1 . ARG A 1 54  ? 3.757   6.367   -12.325 1.00 28.33 ? 83  ARG A NH1 1 
ATOM   438  N NH2 . ARG A 1 54  ? 2.971   4.532   -13.425 1.00 28.39 ? 83  ARG A NH2 1 
ATOM   439  N N   . PRO A 1 55  ? -1.093  9.953   -16.580 1.00 31.59 ? 84  PRO A N   1 
ATOM   440  C CA  . PRO A 1 55  ? -0.937  10.065  -18.039 1.00 33.31 ? 84  PRO A CA  1 
ATOM   441  C C   . PRO A 1 55  ? 0.219   9.212   -18.561 1.00 37.18 ? 84  PRO A C   1 
ATOM   442  O O   . PRO A 1 55  ? 1.203   9.030   -17.846 1.00 34.39 ? 84  PRO A O   1 
ATOM   443  C CB  . PRO A 1 55  ? -0.642  11.555  -18.249 1.00 32.90 ? 84  PRO A CB  1 
ATOM   444  C CG  . PRO A 1 55  ? -0.061  12.031  -16.952 1.00 32.68 ? 84  PRO A CG  1 
ATOM   445  C CD  . PRO A 1 55  ? -0.680  11.183  -15.872 1.00 32.76 ? 84  PRO A CD  1 
ATOM   446  N N   . LYS A 1 56  ? 0.082   8.676   -19.775 1.00 40.69 ? 85  LYS A N   1 
ATOM   447  C CA  . LYS A 1 56  ? 1.166   7.921   -20.428 1.00 44.65 ? 85  LYS A CA  1 
ATOM   448  C C   . LYS A 1 56  ? 2.240   8.845   -21.010 1.00 46.84 ? 85  LYS A C   1 
ATOM   449  O O   . LYS A 1 56  ? 3.439   8.558   -20.914 1.00 49.05 ? 85  LYS A O   1 
ATOM   450  C CB  . LYS A 1 56  ? 0.616   7.018   -21.536 1.00 44.94 ? 85  LYS A CB  1 
ATOM   451  N N   . ASN A 1 57  ? 1.807   9.949   -21.611 1.00 44.78 ? 86  ASN A N   1 
ATOM   452  C CA  . ASN A 1 57  ? 2.710   10.884  -22.269 1.00 45.75 ? 86  ASN A CA  1 
ATOM   453  C C   . ASN A 1 57  ? 2.090   12.269  -22.292 1.00 45.13 ? 86  ASN A C   1 
ATOM   454  O O   . ASN A 1 57  ? 0.949   12.440  -21.849 1.00 40.87 ? 86  ASN A O   1 
ATOM   455  C CB  . ASN A 1 57  ? 2.994   10.423  -23.696 1.00 47.26 ? 86  ASN A CB  1 
ATOM   456  C CG  . ASN A 1 57  ? 1.732   10.310  -24.522 1.00 48.24 ? 86  ASN A CG  1 
ATOM   457  O OD1 . ASN A 1 57  ? 1.060   11.309  -24.787 1.00 47.97 ? 86  ASN A OD1 1 
ATOM   458  N ND2 . ASN A 1 57  ? 1.386   9.087   -24.912 1.00 47.69 ? 86  ASN A ND2 1 
ATOM   459  N N   . LEU A 1 58  ? 2.837   13.227  -22.847 1.00 44.17 ? 87  LEU A N   1 
ATOM   460  C CA  . LEU A 1 58  ? 2.481   14.647  -22.813 1.00 43.15 ? 87  LEU A CA  1 
ATOM   461  C C   . LEU A 1 58  ? 1.154   14.965  -23.498 1.00 40.18 ? 87  LEU A C   1 
ATOM   462  O O   . LEU A 1 58  ? 0.440   15.858  -23.057 1.00 39.56 ? 87  LEU A O   1 
ATOM   463  C CB  . LEU A 1 58  ? 3.599   15.496  -23.429 1.00 45.06 ? 87  LEU A CB  1 
ATOM   464  N N   . TYR A 1 59  ? 0.835   14.240  -24.567 1.00 38.20 ? 88  TYR A N   1 
ATOM   465  C CA  . TYR A 1 59  ? -0.452  14.389  -25.245 1.00 35.27 ? 88  TYR A CA  1 
ATOM   466  C C   . TYR A 1 59  ? -1.628  14.168  -24.310 1.00 34.61 ? 88  TYR A C   1 
ATOM   467  O O   . TYR A 1 59  ? -2.565  14.966  -24.267 1.00 29.36 ? 88  TYR A O   1 
ATOM   468  C CB  . TYR A 1 59  ? -0.593  13.380  -26.372 1.00 34.90 ? 88  TYR A CB  1 
ATOM   469  C CG  . TYR A 1 59  ? -1.803  13.659  -27.205 1.00 34.05 ? 88  TYR A CG  1 
ATOM   470  C CD1 . TYR A 1 59  ? -1.785  14.711  -28.101 1.00 33.83 ? 88  TYR A CD1 1 
ATOM   471  C CD2 . TYR A 1 59  ? -2.973  12.903  -27.085 1.00 33.45 ? 88  TYR A CD2 1 
ATOM   472  C CE1 . TYR A 1 59  ? -2.874  15.000  -28.875 1.00 33.10 ? 88  TYR A CE1 1 
ATOM   473  C CE2 . TYR A 1 59  ? -4.086  13.195  -27.860 1.00 33.17 ? 88  TYR A CE2 1 
ATOM   474  C CZ  . TYR A 1 59  ? -4.015  14.252  -28.760 1.00 33.67 ? 88  TYR A CZ  1 
ATOM   475  O OH  . TYR A 1 59  ? -5.064  14.612  -29.559 1.00 33.77 ? 88  TYR A OH  1 
ATOM   476  N N   . GLU A 1 60  ? -1.613  13.047  -23.599 1.00 34.68 ? 89  GLU A N   1 
ATOM   477  C CA  . GLU A 1 60  ? -2.736  12.759  -22.714 1.00 34.73 ? 89  GLU A CA  1 
ATOM   478  C C   . GLU A 1 60  ? -2.617  13.574  -21.430 1.00 30.15 ? 89  GLU A C   1 
ATOM   479  O O   . GLU A 1 60  ? -3.633  13.979  -20.884 1.00 26.94 ? 89  GLU A O   1 
ATOM   480  C CB  . GLU A 1 60  ? -2.967  11.255  -22.454 1.00 39.34 ? 89  GLU A CB  1 
ATOM   481  C CG  . GLU A 1 60  ? -1.753  10.359  -22.410 1.00 43.61 ? 89  GLU A CG  1 
ATOM   482  C CD  . GLU A 1 60  ? -2.147  8.894   -22.343 1.00 47.29 ? 89  GLU A CD  1 
ATOM   483  O OE1 . GLU A 1 60  ? -2.460  8.311   -23.410 1.00 51.77 ? 89  GLU A OE1 1 
ATOM   484  O OE2 . GLU A 1 60  ? -2.144  8.332   -21.226 1.00 48.65 ? 89  GLU A OE2 1 
ATOM   485  N N   . LYS A 1 61  ? -1.391  13.876  -21.000 1.00 28.57 ? 90  LYS A N   1 
ATOM   486  C CA  . LYS A 1 61  ? -1.177  14.717  -19.817 1.00 26.79 ? 90  LYS A CA  1 
ATOM   487  C C   . LYS A 1 61  ? -1.886  16.062  -19.946 1.00 26.95 ? 90  LYS A C   1 
ATOM   488  O O   . LYS A 1 61  ? -2.479  16.565  -18.989 1.00 25.76 ? 90  LYS A O   1 
ATOM   489  C CB  . LYS A 1 61  ? 0.311   14.952  -19.584 1.00 27.70 ? 90  LYS A CB  1 
ATOM   490  N N   . ALA A 1 62  ? -1.830  16.627  -21.150 1.00 26.74 ? 91  ALA A N   1 
ATOM   491  C CA  . ALA A 1 62  ? -2.398  17.944  -21.416 1.00 26.17 ? 91  ALA A CA  1 
ATOM   492  C C   . ALA A 1 62  ? -3.904  17.922  -21.631 1.00 26.64 ? 91  ALA A C   1 
ATOM   493  O O   . ALA A 1 62  ? -4.525  18.984  -21.642 1.00 27.38 ? 91  ALA A O   1 
ATOM   494  C CB  . ALA A 1 62  ? -1.720  18.559  -22.635 1.00 27.33 ? 91  ALA A CB  1 
ATOM   495  N N   . ARG A 1 63  ? -4.485  16.740  -21.840 1.00 26.67 ? 92  ARG A N   1 
ATOM   496  C CA  . ARG A 1 63  ? -5.894  16.636  -22.273 1.00 29.15 ? 92  ARG A CA  1 
ATOM   497  C C   . ARG A 1 63  ? -6.827  15.926  -21.300 1.00 33.22 ? 92  ARG A C   1 
ATOM   498  O O   . ARG A 1 63  ? -8.032  16.148  -21.335 1.00 36.26 ? 92  ARG A O   1 
ATOM   499  C CB  . ARG A 1 63  ? -5.988  15.979  -23.655 1.00 27.56 ? 92  ARG A CB  1 
ATOM   500  C CG  . ARG A 1 63  ? -5.632  16.935  -24.772 1.00 26.45 ? 92  ARG A CG  1 
ATOM   501  C CD  . ARG A 1 63  ? -5.152  16.260  -26.045 1.00 26.35 ? 92  ARG A CD  1 
ATOM   502  N NE  . ARG A 1 63  ? -4.592  17.237  -26.977 1.00 24.70 ? 92  ARG A NE  1 
ATOM   503  C CZ  . ARG A 1 63  ? -3.371  17.766  -26.876 1.00 24.97 ? 92  ARG A CZ  1 
ATOM   504  N NH1 . ARG A 1 63  ? -2.550  17.410  -25.891 1.00 24.50 ? 92  ARG A NH1 1 
ATOM   505  N NH2 . ARG A 1 63  ? -2.955  18.655  -27.757 1.00 24.52 ? 92  ARG A NH2 1 
ATOM   506  N N   . LYS A 1 64  ? -6.298  15.062  -20.455 1.00 38.89 ? 93  LYS A N   1 
ATOM   507  C CA  . LYS A 1 64  ? -7.104  14.522  -19.368 1.00 44.01 ? 93  LYS A CA  1 
ATOM   508  C C   . LYS A 1 64  ? -7.043  15.528  -18.214 1.00 47.91 ? 93  LYS A C   1 
ATOM   509  O O   . LYS A 1 64  ? -6.039  16.226  -18.056 1.00 49.30 ? 93  LYS A O   1 
ATOM   510  C CB  . LYS A 1 64  ? -6.563  13.169  -18.946 1.00 46.16 ? 93  LYS A CB  1 
ATOM   511  C CG  . LYS A 1 64  ? -5.231  13.275  -18.234 1.00 47.23 ? 93  LYS A CG  1 
ATOM   512  C CD  . LYS A 1 64  ? -4.508  11.950  -18.207 1.00 48.56 ? 93  LYS A CD  1 
ATOM   513  C CE  . LYS A 1 64  ? -3.675  11.854  -16.952 1.00 49.44 ? 93  LYS A CE  1 
ATOM   514  N NZ  . LYS A 1 64  ? -4.461  11.700  -15.697 1.00 50.04 ? 93  LYS A NZ  1 
ATOM   515  N N   . ASP A 1 65  ? -8.109  15.613  -17.418 1.00 53.21 ? 94  ASP A N   1 
ATOM   516  C CA  . ASP A 1 65  ? -8.177  16.604  -16.332 1.00 56.69 ? 94  ASP A CA  1 
ATOM   517  C C   . ASP A 1 65  ? -7.170  16.296  -15.215 1.00 58.92 ? 94  ASP A C   1 
ATOM   518  O O   . ASP A 1 65  ? -6.367  17.158  -14.849 1.00 62.10 ? 94  ASP A O   1 
ATOM   519  C CB  . ASP A 1 65  ? -9.599  16.699  -15.769 1.00 57.58 ? 94  ASP A CB  1 
ATOM   520  N N   . TYR A 1 66  ? -7.227  15.075  -14.682 1.00 58.12 ? 95  TYR A N   1 
ATOM   521  C CA  . TYR A 1 66  ? -6.202  14.549  -13.763 1.00 57.34 ? 95  TYR A CA  1 
ATOM   522  C C   . TYR A 1 66  ? -6.001  15.320  -12.454 1.00 58.13 ? 95  TYR A C   1 
ATOM   523  O O   . TYR A 1 66  ? -4.922  15.878  -12.218 1.00 57.46 ? 95  TYR A O   1 
ATOM   524  C CB  . TYR A 1 66  ? -4.851  14.460  -14.480 1.00 57.03 ? 95  TYR A CB  1 
ATOM   525  N N   . VAL A 1 67  ? -7.021  15.334  -11.598 1.00 56.79 ? 96  VAL A N   1 
ATOM   526  C CA  . VAL A 1 67  ? -6.854  15.803  -10.220 1.00 55.78 ? 96  VAL A CA  1 
ATOM   527  C C   . VAL A 1 67  ? -5.825  14.900  -9.538  1.00 54.16 ? 96  VAL A C   1 
ATOM   528  O O   . VAL A 1 67  ? -5.739  13.707  -9.845  1.00 56.92 ? 96  VAL A O   1 
ATOM   529  C CB  . VAL A 1 67  ? -8.181  15.778  -9.434  1.00 55.68 ? 96  VAL A CB  1 
ATOM   530  N N   . ASN A 1 68  ? -5.037  15.474  -8.633  1.00 51.96 ? 97  ASN A N   1 
ATOM   531  C CA  . ASN A 1 68  ? -3.923  14.765  -7.985  1.00 48.16 ? 97  ASN A CA  1 
ATOM   532  C C   . ASN A 1 68  ? -2.690  14.587  -8.888  1.00 45.87 ? 97  ASN A C   1 
ATOM   533  O O   . ASN A 1 68  ? -1.777  13.825  -8.542  1.00 43.36 ? 97  ASN A O   1 
ATOM   534  C CB  . ASN A 1 68  ? -4.375  13.404  -7.437  1.00 47.63 ? 97  ASN A CB  1 
ATOM   535  N N   . TYR A 1 69  ? -2.647  15.290  -10.026 1.00 43.32 ? 98  TYR A N   1 
ATOM   536  C CA  . TYR A 1 69  ? -1.487  15.209  -10.914 1.00 41.12 ? 98  TYR A CA  1 
ATOM   537  C C   . TYR A 1 69  ? -0.194  15.486  -10.143 1.00 38.18 ? 98  TYR A C   1 
ATOM   538  O O   . TYR A 1 69  ? -0.091  16.480  -9.425  1.00 36.86 ? 98  TYR A O   1 
ATOM   539  C CB  . TYR A 1 69  ? -1.573  16.177  -12.105 1.00 42.29 ? 98  TYR A CB  1 
ATOM   540  C CG  . TYR A 1 69  ? -0.304  16.103  -12.928 1.00 42.70 ? 98  TYR A CG  1 
ATOM   541  C CD1 . TYR A 1 69  ? 0.019   14.937  -13.621 1.00 44.03 ? 98  TYR A CD1 1 
ATOM   542  C CD2 . TYR A 1 69  ? 0.601   17.162  -12.963 1.00 43.63 ? 98  TYR A CD2 1 
ATOM   543  C CE1 . TYR A 1 69  ? 1.191   14.835  -14.348 1.00 44.46 ? 98  TYR A CE1 1 
ATOM   544  C CE2 . TYR A 1 69  ? 1.776   17.069  -13.691 1.00 44.11 ? 98  TYR A CE2 1 
ATOM   545  C CZ  . TYR A 1 69  ? 2.063   15.907  -14.379 1.00 45.17 ? 98  TYR A CZ  1 
ATOM   546  O OH  . TYR A 1 69  ? 3.223   15.810  -15.102 1.00 46.89 ? 98  TYR A OH  1 
ATOM   547  N N   . GLY A 1 70  ? 0.773   14.584  -10.288 1.00 36.72 ? 99  GLY A N   1 
ATOM   548  C CA  . GLY A 1 70  ? 2.085   14.726  -9.656  1.00 36.01 ? 99  GLY A CA  1 
ATOM   549  C C   . GLY A 1 70  ? 2.123   14.358  -8.183  1.00 35.27 ? 99  GLY A C   1 
ATOM   550  O O   . GLY A 1 70  ? 3.158   14.498  -7.536  1.00 37.76 ? 99  GLY A O   1 
ATOM   551  N N   . SER A 1 71  ? 1.007   13.900  -7.632  1.00 36.85 ? 100 SER A N   1 
ATOM   552  C CA  . SER A 1 71  ? 1.005   13.425  -6.251  1.00 37.98 ? 100 SER A CA  1 
ATOM   553  C C   . SER A 1 71  ? 0.419   12.012  -6.115  1.00 35.28 ? 100 SER A C   1 
ATOM   554  O O   . SER A 1 71  ? 0.277   11.513  -5.000  1.00 32.81 ? 100 SER A O   1 
ATOM   555  C CB  . SER A 1 71  ? 0.306   14.438  -5.335  1.00 41.24 ? 100 SER A CB  1 
ATOM   556  O OG  . SER A 1 71  ? -1.105  14.304  -5.362  1.00 45.47 ? 100 SER A OG  1 
ATOM   557  N N   . GLU A 1 72  ? 0.132   11.349  -7.241  1.00 32.09 ? 101 GLU A N   1 
ATOM   558  C CA  . GLU A 1 72  ? -0.355  9.967   -7.206  1.00 31.87 ? 101 GLU A CA  1 
ATOM   559  C C   . GLU A 1 72  ? 0.659   9.010   -6.580  1.00 28.33 ? 101 GLU A C   1 
ATOM   560  O O   . GLU A 1 72  ? 0.274   7.992   -5.982  1.00 27.30 ? 101 GLU A O   1 
ATOM   561  C CB  . GLU A 1 72  ? -0.758  9.472   -8.607  1.00 34.84 ? 101 GLU A CB  1 
ATOM   562  C CG  . GLU A 1 72  ? -2.009  10.132  -9.185  1.00 39.02 ? 101 GLU A CG  1 
ATOM   563  C CD  . GLU A 1 72  ? -3.279  9.888   -8.369  1.00 42.28 ? 101 GLU A CD  1 
ATOM   564  O OE1 . GLU A 1 72  ? -3.201  9.376   -7.226  1.00 44.74 ? 101 GLU A OE1 1 
ATOM   565  O OE2 . GLU A 1 72  ? -4.378  10.209  -8.872  1.00 46.22 ? 101 GLU A OE2 1 
ATOM   566  N N   . TRP A 1 73  ? 1.947   9.326   -6.687  1.00 28.10 ? 102 TRP A N   1 
ATOM   567  C CA  . TRP A 1 73  ? 2.965   8.484   -6.065  1.00 26.05 ? 102 TRP A CA  1 
ATOM   568  C C   . TRP A 1 73  ? 2.708   8.299   -4.561  1.00 25.25 ? 102 TRP A C   1 
ATOM   569  O O   . TRP A 1 73  ? 3.081   7.282   -4.004  1.00 25.34 ? 102 TRP A O   1 
ATOM   570  C CB  . TRP A 1 73  ? 4.375   9.042   -6.283  1.00 26.23 ? 102 TRP A CB  1 
ATOM   571  C CG  . TRP A 1 73  ? 4.616   10.335  -5.583  1.00 26.38 ? 102 TRP A CG  1 
ATOM   572  C CD1 . TRP A 1 73  ? 4.407   11.582  -6.087  1.00 26.97 ? 102 TRP A CD1 1 
ATOM   573  C CD2 . TRP A 1 73  ? 5.068   10.517  -4.239  1.00 27.81 ? 102 TRP A CD2 1 
ATOM   574  N NE1 . TRP A 1 73  ? 4.723   12.525  -5.158  1.00 27.17 ? 102 TRP A NE1 1 
ATOM   575  C CE2 . TRP A 1 73  ? 5.131   11.904  -4.010  1.00 28.62 ? 102 TRP A CE2 1 
ATOM   576  C CE3 . TRP A 1 73  ? 5.434   9.645   -3.207  1.00 28.04 ? 102 TRP A CE3 1 
ATOM   577  C CZ2 . TRP A 1 73  ? 5.535   12.445  -2.787  1.00 28.78 ? 102 TRP A CZ2 1 
ATOM   578  C CZ3 . TRP A 1 73  ? 5.839   10.183  -1.995  1.00 28.85 ? 102 TRP A CZ3 1 
ATOM   579  C CH2 . TRP A 1 73  ? 5.893   11.570  -1.800  1.00 30.00 ? 102 TRP A CH2 1 
ATOM   580  N N   . ARG A 1 74  ? 2.087   9.288   -3.912  1.00 24.93 ? 103 ARG A N   1 
ATOM   581  C CA  . ARG A 1 74  ? 1.817   9.224   -2.462  1.00 25.70 ? 103 ARG A CA  1 
ATOM   582  C C   . ARG A 1 74  ? 0.807   8.166   -2.106  1.00 23.17 ? 103 ARG A C   1 
ATOM   583  O O   . ARG A 1 74  ? 0.934   7.502   -1.090  1.00 23.07 ? 103 ARG A O   1 
ATOM   584  C CB  . ARG A 1 74  ? 1.234   10.535  -1.960  1.00 27.12 ? 103 ARG A CB  1 
ATOM   585  C CG  . ARG A 1 74  ? 2.179   11.688  -2.011  1.00 30.84 ? 103 ARG A CG  1 
ATOM   586  C CD  . ARG A 1 74  ? 1.429   12.944  -1.649  1.00 34.08 ? 103 ARG A CD  1 
ATOM   587  N NE  . ARG A 1 74  ? 2.376   13.996  -1.337  1.00 37.08 ? 103 ARG A NE  1 
ATOM   588  C CZ  . ARG A 1 74  ? 2.109   15.291  -1.364  1.00 38.42 ? 103 ARG A CZ  1 
ATOM   589  N NH1 . ARG A 1 74  ? 0.906   15.746  -1.704  1.00 39.41 ? 103 ARG A NH1 1 
ATOM   590  N NH2 . ARG A 1 74  ? 3.077   16.137  -1.056  1.00 41.43 ? 103 ARG A NH2 1 
ATOM   591  N N   . VAL A 1 75  ? -0.223  8.037   -2.933  1.00 23.59 ? 104 VAL A N   1 
ATOM   592  C CA  . VAL A 1 75  ? -1.251  7.031   -2.704  1.00 24.15 ? 104 VAL A CA  1 
ATOM   593  C C   . VAL A 1 75  ? -0.592  5.664   -2.823  1.00 23.38 ? 104 VAL A C   1 
ATOM   594  O O   . VAL A 1 75  ? -0.794  4.800   -1.976  1.00 22.27 ? 104 VAL A O   1 
ATOM   595  C CB  . VAL A 1 75  ? -2.422  7.139   -3.694  1.00 26.52 ? 104 VAL A CB  1 
ATOM   596  C CG1 . VAL A 1 75  ? -3.465  6.064   -3.399  1.00 27.80 ? 104 VAL A CG1 1 
ATOM   597  C CG2 . VAL A 1 75  ? -3.069  8.513   -3.625  1.00 28.41 ? 104 VAL A CG2 1 
ATOM   598  N N   . VAL A 1 76  ? 0.247   5.506   -3.843  1.00 22.44 ? 105 VAL A N   1 
ATOM   599  C CA  . VAL A 1 76  ? 0.962   4.251   -4.075  1.00 22.50 ? 105 VAL A CA  1 
ATOM   600  C C   . VAL A 1 76  ? 1.823   3.885   -2.875  1.00 22.27 ? 105 VAL A C   1 
ATOM   601  O O   . VAL A 1 76  ? 1.700   2.773   -2.336  1.00 21.65 ? 105 VAL A O   1 
ATOM   602  C CB  . VAL A 1 76  ? 1.805   4.315   -5.360  1.00 22.80 ? 105 VAL A CB  1 
ATOM   603  C CG1 . VAL A 1 76  ? 2.626   3.041   -5.548  1.00 23.30 ? 105 VAL A CG1 1 
ATOM   604  C CG2 . VAL A 1 76  ? 0.883   4.516   -6.557  1.00 22.92 ? 105 VAL A CG2 1 
ATOM   605  N N   . LEU A 1 77  ? 2.679   4.811   -2.442  1.00 21.65 ? 106 LEU A N   1 
ATOM   606  C CA  . LEU A 1 77  ? 3.498   4.579   -1.253  1.00 21.30 ? 106 LEU A CA  1 
ATOM   607  C C   . LEU A 1 77  ? 2.657   4.286   -0.003  1.00 21.13 ? 106 LEU A C   1 
ATOM   608  O O   . LEU A 1 77  ? 2.952   3.351   0.737   1.00 20.09 ? 106 LEU A O   1 
ATOM   609  C CB  . LEU A 1 77  ? 4.459   5.756   -1.002  1.00 22.59 ? 106 LEU A CB  1 
ATOM   610  C CG  . LEU A 1 77  ? 5.413   5.577   0.180   1.00 24.31 ? 106 LEU A CG  1 
ATOM   611  C CD1 . LEU A 1 77  ? 6.190   4.274   0.071   1.00 24.37 ? 106 LEU A CD1 1 
ATOM   612  C CD2 . LEU A 1 77  ? 6.362   6.768   0.280   1.00 25.94 ? 106 LEU A CD2 1 
ATOM   613  N N   . LYS A 1 78  ? 1.602   5.059   0.243   1.00 19.92 ? 107 LYS A N   1 
ATOM   614  C CA  . LYS A 1 78  ? 0.801   4.809   1.437   1.00 20.11 ? 107 LYS A CA  1 
ATOM   615  C C   . LYS A 1 78  ? 0.085   3.445   1.381   1.00 20.00 ? 107 LYS A C   1 
ATOM   616  O O   . LYS A 1 78  ? -0.059  2.777   2.416   1.00 19.53 ? 107 LYS A O   1 
ATOM   617  C CB  . LYS A 1 78  ? -0.208  5.926   1.691   1.00 20.39 ? 107 LYS A CB  1 
ATOM   618  C CG  . LYS A 1 78  ? 0.385   7.287   2.035   1.00 20.98 ? 107 LYS A CG  1 
ATOM   619  C CD  . LYS A 1 78  ? -0.726  8.312   2.197   1.00 22.26 ? 107 LYS A CD  1 
ATOM   620  C CE  . LYS A 1 78  ? -0.202  9.722   2.362   1.00 24.20 ? 107 LYS A CE  1 
ATOM   621  N NZ  . LYS A 1 78  ? -1.326  10.653  2.653   1.00 24.54 ? 107 LYS A NZ  1 
ATOM   622  N N   . CYS A 1 79  ? -0.366  3.030   0.194   1.00 19.98 ? 108 CYS A N   1 
ATOM   623  C CA  . CYS A 1 79  ? -0.995  1.716   0.073   1.00 20.57 ? 108 CYS A CA  1 
ATOM   624  C C   . CYS A 1 79  ? 0.016   0.642   0.441   1.00 20.30 ? 108 CYS A C   1 
ATOM   625  O O   . CYS A 1 79  ? -0.312  -0.306  1.150   1.00 19.58 ? 108 CYS A O   1 
ATOM   626  C CB  . CYS A 1 79  ? -1.547  1.463   -1.328  1.00 21.25 ? 108 CYS A CB  1 
ATOM   627  S SG  . CYS A 1 79  ? -3.062  2.372   -1.708  1.00 25.00 ? 108 CYS A SG  1 
ATOM   628  N N   . LEU A 1 80  ? 1.261   0.794   0.006   1.00 19.36 ? 109 LEU A N   1 
ATOM   629  C CA  . LEU A 1 80  ? 2.278   -0.180  0.431   1.00 20.07 ? 109 LEU A CA  1 
ATOM   630  C C   . LEU A 1 80  ? 2.551   -0.140  1.943   1.00 19.30 ? 109 LEU A C   1 
ATOM   631  O O   . LEU A 1 80  ? 2.760   -1.186  2.577   1.00 18.43 ? 109 LEU A O   1 
ATOM   632  C CB  . LEU A 1 80  ? 3.556   -0.030  -0.384  1.00 21.39 ? 109 LEU A CB  1 
ATOM   633  C CG  . LEU A 1 80  ? 3.401   -0.179  -1.903  1.00 22.27 ? 109 LEU A CG  1 
ATOM   634  C CD1 . LEU A 1 80  ? 4.657   0.329   -2.584  1.00 22.67 ? 109 LEU A CD1 1 
ATOM   635  C CD2 . LEU A 1 80  ? 3.096   -1.619  -2.299  1.00 23.13 ? 109 LEU A CD2 1 
ATOM   636  N N   . VAL A 1 81  ? 2.529   1.045   2.540   1.00 20.00 ? 110 VAL A N   1 
ATOM   637  C CA  . VAL A 1 81  ? 2.676   1.171   3.987   1.00 19.87 ? 110 VAL A CA  1 
ATOM   638  C C   . VAL A 1 81  ? 1.548   0.427   4.726   1.00 19.69 ? 110 VAL A C   1 
ATOM   639  O O   . VAL A 1 81  ? 1.778   -0.259  5.734   1.00 18.78 ? 110 VAL A O   1 
ATOM   640  C CB  . VAL A 1 81  ? 2.717   2.668   4.418   1.00 20.28 ? 110 VAL A CB  1 
ATOM   641  C CG1 . VAL A 1 81  ? 2.599   2.820   5.929   1.00 19.82 ? 110 VAL A CG1 1 
ATOM   642  C CG2 . VAL A 1 81  ? 3.998   3.325   3.916   1.00 21.59 ? 110 VAL A CG2 1 
ATOM   643  N N   . VAL A 1 82  ? 0.320   0.591   4.244   1.00 19.61 ? 111 VAL A N   1 
ATOM   644  C CA  . VAL A 1 82  ? -0.815  -0.132  4.815   1.00 19.74 ? 111 VAL A CA  1 
ATOM   645  C C   . VAL A 1 82  ? -0.629  -1.644  4.709   1.00 19.00 ? 111 VAL A C   1 
ATOM   646  O O   . VAL A 1 82  ? -0.890  -2.359  5.663   1.00 20.11 ? 111 VAL A O   1 
ATOM   647  C CB  . VAL A 1 82  ? -2.139  0.275   4.137   1.00 20.62 ? 111 VAL A CB  1 
ATOM   648  C CG1 . VAL A 1 82  ? -3.277  -0.646  4.558   1.00 21.94 ? 111 VAL A CG1 1 
ATOM   649  C CG2 . VAL A 1 82  ? -2.474  1.708   4.528   1.00 21.70 ? 111 VAL A CG2 1 
ATOM   650  N N   . ILE A 1 83  ? -0.199  -2.131  3.554   1.00 19.18 ? 112 ILE A N   1 
ATOM   651  C CA  . ILE A 1 83  ? 0.034   -3.570  3.393   1.00 19.18 ? 112 ILE A CA  1 
ATOM   652  C C   . ILE A 1 83  ? 1.110   -4.081  4.347   1.00 19.98 ? 112 ILE A C   1 
ATOM   653  O O   . ILE A 1 83  ? 0.918   -5.109  5.009   1.00 21.13 ? 112 ILE A O   1 
ATOM   654  C CB  . ILE A 1 83  ? 0.323   -3.930  1.928   1.00 19.78 ? 112 ILE A CB  1 
ATOM   655  C CG1 . ILE A 1 83  ? -0.967  -3.758  1.124   1.00 21.15 ? 112 ILE A CG1 1 
ATOM   656  C CG2 . ILE A 1 83  ? 0.825   -5.369  1.810   1.00 19.82 ? 112 ILE A CG2 1 
ATOM   657  C CD1 . ILE A 1 83  ? -0.749  -3.454  -0.336  1.00 23.12 ? 112 ILE A CD1 1 
ATOM   658  N N   . GLU A 1 84  ? 2.223   -3.361  4.446   1.00 21.13 ? 113 GLU A N   1 
ATOM   659  C CA  . GLU A 1 84  ? 3.261   -3.719  5.409   1.00 23.12 ? 113 GLU A CA  1 
ATOM   660  C C   . GLU A 1 84  ? 2.717   -3.723  6.834   1.00 21.51 ? 113 GLU A C   1 
ATOM   661  O O   . GLU A 1 84  ? 3.021   -4.624  7.615   1.00 21.85 ? 113 GLU A O   1 
ATOM   662  C CB  . GLU A 1 84  ? 4.445   -2.754  5.294   1.00 27.45 ? 113 GLU A CB  1 
ATOM   663  C CG  . GLU A 1 84  ? 5.598   -3.041  6.244   1.00 32.18 ? 113 GLU A CG  1 
ATOM   664  C CD  . GLU A 1 84  ? 6.573   -1.880  6.348   1.00 35.60 ? 113 GLU A CD  1 
ATOM   665  O OE1 . GLU A 1 84  ? 7.402   -1.894  7.280   1.00 39.58 ? 113 GLU A OE1 1 
ATOM   666  O OE2 . GLU A 1 84  ? 6.503   -0.957  5.505   1.00 38.22 ? 113 GLU A OE2 1 
ATOM   667  N N   . PHE A 1 85  ? 1.903   -2.725  7.174   1.00 20.12 ? 114 PHE A N   1 
ATOM   668  C CA  . PHE A 1 85  ? 1.364   -2.625  8.516   1.00 19.64 ? 114 PHE A CA  1 
ATOM   669  C C   . PHE A 1 85  ? 0.450   -3.830  8.832   1.00 19.32 ? 114 PHE A C   1 
ATOM   670  O O   . PHE A 1 85  ? 0.508   -4.407  9.910   1.00 20.26 ? 114 PHE A O   1 
ATOM   671  C CB  . PHE A 1 85  ? 0.602   -1.305  8.685   1.00 20.94 ? 114 PHE A CB  1 
ATOM   672  C CG  . PHE A 1 85  ? 0.017   -1.125  10.048  1.00 21.33 ? 114 PHE A CG  1 
ATOM   673  C CD1 . PHE A 1 85  ? 0.781   -0.621  11.086  1.00 22.63 ? 114 PHE A CD1 1 
ATOM   674  C CD2 . PHE A 1 85  ? -1.301  -1.476  10.297  1.00 22.29 ? 114 PHE A CD2 1 
ATOM   675  C CE1 . PHE A 1 85  ? 0.243   -0.472  12.353  1.00 23.30 ? 114 PHE A CE1 1 
ATOM   676  C CE2 . PHE A 1 85  ? -1.838  -1.332  11.557  1.00 22.66 ? 114 PHE A CE2 1 
ATOM   677  C CZ  . PHE A 1 85  ? -1.073  -0.827  12.587  1.00 22.80 ? 114 PHE A CZ  1 
ATOM   678  N N   . LEU A 1 86  ? -0.406  -4.196  7.888   1.00 19.46 ? 115 LEU A N   1 
ATOM   679  C CA  . LEU A 1 86  ? -1.295  -5.331  8.080   1.00 19.10 ? 115 LEU A CA  1 
ATOM   680  C C   . LEU A 1 86  ? -0.499  -6.621  8.275   1.00 18.59 ? 115 LEU A C   1 
ATOM   681  O O   . LEU A 1 86  ? -0.746  -7.371  9.216   1.00 19.08 ? 115 LEU A O   1 
ATOM   682  C CB  . LEU A 1 86  ? -2.261  -5.445  6.908   1.00 19.96 ? 115 LEU A CB  1 
ATOM   683  C CG  . LEU A 1 86  ? -3.292  -4.302  6.823   1.00 20.98 ? 115 LEU A CG  1 
ATOM   684  C CD1 . LEU A 1 86  ? -4.247  -4.475  5.653   1.00 22.32 ? 115 LEU A CD1 1 
ATOM   685  C CD2 . LEU A 1 86  ? -4.075  -4.193  8.128   1.00 21.95 ? 115 LEU A CD2 1 
ATOM   686  N N   . LEU A 1 87  ? 0.473   -6.864  7.407   1.00 18.56 ? 116 LEU A N   1 
ATOM   687  C CA  . LEU A 1 87  ? 1.340   -8.039  7.543   1.00 19.26 ? 116 LEU A CA  1 
ATOM   688  C C   . LEU A 1 87  ? 1.948   -8.158  8.926   1.00 20.12 ? 116 LEU A C   1 
ATOM   689  O O   . LEU A 1 87  ? 2.038   -9.244  9.472   1.00 20.55 ? 116 LEU A O   1 
ATOM   690  C CB  . LEU A 1 87  ? 2.444   -8.026  6.489   1.00 19.60 ? 116 LEU A CB  1 
ATOM   691  C CG  . LEU A 1 87  ? 1.945   -8.412  5.097   1.00 19.80 ? 116 LEU A CG  1 
ATOM   692  C CD1 . LEU A 1 87  ? 2.933   -8.000  4.015   1.00 20.33 ? 116 LEU A CD1 1 
ATOM   693  C CD2 . LEU A 1 87  ? 1.634   -9.908  5.027   1.00 20.54 ? 116 LEU A CD2 1 
ATOM   694  N N   . LEU A 1 88  ? 2.366   -7.041  9.495   1.00 21.39 ? 117 LEU A N   1 
ATOM   695  C CA  . LEU A 1 88  ? 3.035   -7.070  10.784  1.00 21.83 ? 117 LEU A CA  1 
ATOM   696  C C   . LEU A 1 88  ? 2.090   -7.186  11.974  1.00 21.67 ? 117 LEU A C   1 
ATOM   697  O O   . LEU A 1 88  ? 2.482   -7.691  13.028  1.00 23.44 ? 117 LEU A O   1 
ATOM   698  C CB  . LEU A 1 88  ? 3.918   -5.832  10.933  1.00 23.79 ? 117 LEU A CB  1 
ATOM   699  C CG  . LEU A 1 88  ? 5.157   -5.772  10.050  1.00 25.50 ? 117 LEU A CG  1 
ATOM   700  C CD1 . LEU A 1 88  ? 5.832   -4.428  10.286  1.00 27.31 ? 117 LEU A CD1 1 
ATOM   701  C CD2 . LEU A 1 88  ? 6.101   -6.929  10.344  1.00 26.69 ? 117 LEU A CD2 1 
ATOM   702  N N   . ASN A 1 89  ? 0.841   -6.765  11.805  1.00 20.78 ? 118 ASN A N   1 
ATOM   703  C CA  . ASN A 1 89  ? -0.048  -6.536  12.940  1.00 20.74 ? 118 ASN A CA  1 
ATOM   704  C C   . ASN A 1 89  ? -1.259  -7.459  13.055  1.00 21.16 ? 118 ASN A C   1 
ATOM   705  O O   . ASN A 1 89  ? -1.814  -7.581  14.137  1.00 21.96 ? 118 ASN A O   1 
ATOM   706  C CB  . ASN A 1 89  ? -0.491  -5.068  12.926  1.00 20.55 ? 118 ASN A CB  1 
ATOM   707  C CG  . ASN A 1 89  ? 0.620   -4.126  13.396  1.00 21.81 ? 118 ASN A CG  1 
ATOM   708  O OD1 . ASN A 1 89  ? 0.813   -3.958  14.606  1.00 23.13 ? 118 ASN A OD1 1 
ATOM   709  N ND2 . ASN A 1 89  ? 1.370   -3.544  12.462  1.00 20.92 ? 118 ASN A ND2 1 
ATOM   710  N N   . VAL A 1 90  ? -1.681  -8.100  11.965  1.00 21.31 ? 119 VAL A N   1 
ATOM   711  C CA  . VAL A 1 90  ? -2.842  -8.984  12.055  1.00 21.32 ? 119 VAL A CA  1 
ATOM   712  C C   . VAL A 1 90  ? -2.475  -10.277 12.796  1.00 22.27 ? 119 VAL A C   1 
ATOM   713  O O   . VAL A 1 90  ? -1.296  -10.583 13.023  1.00 21.10 ? 119 VAL A O   1 
ATOM   714  C CB  . VAL A 1 90  ? -3.462  -9.312  10.689  1.00 21.36 ? 119 VAL A CB  1 
ATOM   715  C CG1 . VAL A 1 90  ? -3.859  -8.030  9.960   1.00 21.47 ? 119 VAL A CG1 1 
ATOM   716  C CG2 . VAL A 1 90  ? -2.529  -10.178 9.873   1.00 22.01 ? 119 VAL A CG2 1 
ATOM   717  N N   . ASP A 1 91  ? -3.483  -11.039 13.183  1.00 22.73 ? 120 ASP A N   1 
ATOM   718  C CA  . ASP A 1 91  ? -3.213  -12.300 13.876  1.00 23.88 ? 120 ASP A CA  1 
ATOM   719  C C   . ASP A 1 91  ? -2.607  -13.370 12.959  1.00 23.45 ? 120 ASP A C   1 
ATOM   720  O O   . ASP A 1 91  ? -2.868  -13.414 11.748  1.00 23.31 ? 120 ASP A O   1 
ATOM   721  C CB  . ASP A 1 91  ? -4.486  -12.844 14.509  1.00 25.53 ? 120 ASP A CB  1 
ATOM   722  C CG  . ASP A 1 91  ? -4.978  -11.994 15.671  1.00 28.60 ? 120 ASP A CG  1 
ATOM   723  O OD1 . ASP A 1 91  ? -4.243  -11.087 16.142  1.00 29.99 ? 120 ASP A OD1 1 
ATOM   724  O OD2 . ASP A 1 91  ? -6.118  -12.261 16.116  1.00 32.37 ? 120 ASP A OD2 1 
ATOM   725  N N   . THR A 1 92  ? -1.798  -14.230 13.567  1.00 23.92 ? 121 THR A N   1 
ATOM   726  C CA  . THR A 1 92  ? -1.244  -15.401 12.908  1.00 24.46 ? 121 THR A CA  1 
ATOM   727  C C   . THR A 1 92  ? -2.407  -16.320 12.568  1.00 25.44 ? 121 THR A C   1 
ATOM   728  O O   . THR A 1 92  ? -3.446  -16.282 13.227  1.00 25.29 ? 121 THR A O   1 
ATOM   729  C CB  . THR A 1 92  ? -0.223  -16.087 13.835  1.00 26.31 ? 121 THR A CB  1 
ATOM   730  O OG1 . THR A 1 92  ? 0.787   -15.141 14.218  1.00 26.95 ? 121 THR A OG1 1 
ATOM   731  C CG2 . THR A 1 92  ? 0.438   -17.280 13.163  1.00 26.74 ? 121 THR A CG2 1 
ATOM   732  N N   . GLY A 1 93  ? -2.260  -17.103 11.505  1.00 26.17 ? 122 GLY A N   1 
ATOM   733  C CA  . GLY A 1 93  ? -3.325  -17.988 11.058  1.00 25.81 ? 122 GLY A CA  1 
ATOM   734  C C   . GLY A 1 93  ? -4.217  -17.332 10.023  1.00 26.09 ? 122 GLY A C   1 
ATOM   735  O O   . GLY A 1 93  ? -3.739  -16.737 9.051   1.00 24.02 ? 122 GLY A O   1 
ATOM   736  N N   . ASP A 1 94  ? -5.519  -17.443 10.231  1.00 25.60 ? 123 ASP A N   1 
ATOM   737  C CA  . ASP A 1 94  ? -6.516  -16.985 9.269   1.00 27.75 ? 123 ASP A CA  1 
ATOM   738  C C   . ASP A 1 94  ? -6.285  -15.572 8.688   1.00 25.17 ? 123 ASP A C   1 
ATOM   739  O O   . ASP A 1 94  ? -6.299  -15.395 7.463   1.00 24.22 ? 123 ASP A O   1 
ATOM   740  C CB  . ASP A 1 94  ? -7.888  -17.060 9.931   1.00 31.51 ? 123 ASP A CB  1 
ATOM   741  C CG  . ASP A 1 94  ? -8.981  -16.455 9.092   1.00 35.30 ? 123 ASP A CG  1 
ATOM   742  O OD1 . ASP A 1 94  ? -9.212  -16.932 7.963   1.00 37.33 ? 123 ASP A OD1 1 
ATOM   743  O OD2 . ASP A 1 94  ? -9.622  -15.491 9.568   1.00 43.38 ? 123 ASP A OD2 1 
ATOM   744  N N   . GLU A 1 95  ? -6.098  -14.579 9.562   1.00 22.48 ? 124 GLU A N   1 
ATOM   745  C CA  . GLU A 1 95  ? -5.946  -13.180 9.135   1.00 22.21 ? 124 GLU A CA  1 
ATOM   746  C C   . GLU A 1 95  ? -4.711  -12.989 8.250   1.00 21.15 ? 124 GLU A C   1 
ATOM   747  O O   . GLU A 1 95  ? -4.793  -12.446 7.137   1.00 20.41 ? 124 GLU A O   1 
ATOM   748  C CB  . GLU A 1 95  ? -5.890  -12.243 10.350  1.00 22.96 ? 124 GLU A CB  1 
ATOM   749  C CG  . GLU A 1 95  ? -7.235  -12.080 11.043  1.00 24.49 ? 124 GLU A CG  1 
ATOM   750  C CD  . GLU A 1 95  ? -7.231  -11.084 12.201  1.00 26.35 ? 124 GLU A CD  1 
ATOM   751  O OE1 . GLU A 1 95  ? -6.144  -10.599 12.610  1.00 25.15 ? 124 GLU A OE1 1 
ATOM   752  O OE2 . GLU A 1 95  ? -8.344  -10.775 12.704  1.00 26.91 ? 124 GLU A OE2 1 
ATOM   753  N N   . LEU A 1 96  ? -3.574  -13.456 8.754   1.00 21.23 ? 125 LEU A N   1 
ATOM   754  C CA  . LEU A 1 96  ? -2.309  -13.343 8.038   1.00 22.54 ? 125 LEU A CA  1 
ATOM   755  C C   . LEU A 1 96  ? -2.360  -14.115 6.724   1.00 23.09 ? 125 LEU A C   1 
ATOM   756  O O   . LEU A 1 96  ? -1.940  -13.609 5.686   1.00 21.41 ? 125 LEU A O   1 
ATOM   757  C CB  . LEU A 1 96  ? -1.142  -13.831 8.900   1.00 22.78 ? 125 LEU A CB  1 
ATOM   758  C CG  . LEU A 1 96  ? 0.247   -13.743 8.250   1.00 24.24 ? 125 LEU A CG  1 
ATOM   759  C CD1 . LEU A 1 96  ? 0.603   -12.313 7.875   1.00 24.55 ? 125 LEU A CD1 1 
ATOM   760  C CD2 . LEU A 1 96  ? 1.316   -14.340 9.160   1.00 25.36 ? 125 LEU A CD2 1 
ATOM   761  N N   . ASN A 1 97  ? -2.867  -15.343 6.769   1.00 22.76 ? 126 ASN A N   1 
ATOM   762  C CA  . ASN A 1 97  ? -2.996  -16.137 5.546   1.00 23.31 ? 126 ASN A CA  1 
ATOM   763  C C   . ASN A 1 97  ? -3.876  -15.495 4.473   1.00 22.63 ? 126 ASN A C   1 
ATOM   764  O O   . ASN A 1 97  ? -3.599  -15.624 3.273   1.00 22.95 ? 126 ASN A O   1 
ATOM   765  C CB  . ASN A 1 97  ? -3.492  -17.544 5.883   1.00 24.06 ? 126 ASN A CB  1 
ATOM   766  C CG  . ASN A 1 97  ? -2.487  -18.323 6.706   1.00 24.90 ? 126 ASN A CG  1 
ATOM   767  O OD1 . ASN A 1 97  ? -1.350  -17.888 6.888   1.00 28.53 ? 126 ASN A OD1 1 
ATOM   768  N ND2 . ASN A 1 97  ? -2.895  -19.489 7.208   1.00 26.17 ? 126 ASN A ND2 1 
ATOM   769  N N   . GLN A 1 98  ? -4.922  -14.797 4.890   1.00 21.87 ? 127 GLN A N   1 
ATOM   770  C CA  . GLN A 1 98  ? -5.772  -14.065 3.944   1.00 22.22 ? 127 GLN A CA  1 
ATOM   771  C C   . GLN A 1 98  ? -5.038  -12.934 3.231   1.00 21.14 ? 127 GLN A C   1 
ATOM   772  O O   . GLN A 1 98  ? -5.170  -12.778 2.011   1.00 20.32 ? 127 GLN A O   1 
ATOM   773  C CB  . GLN A 1 98  ? -7.014  -13.509 4.624   1.00 23.67 ? 127 GLN A CB  1 
ATOM   774  C CG  . GLN A 1 98  ? -8.118  -14.547 4.786   1.00 25.39 ? 127 GLN A CG  1 
ATOM   775  C CD  . GLN A 1 98  ? -9.370  -13.993 5.436   1.00 27.25 ? 127 GLN A CD  1 
ATOM   776  O OE1 . GLN A 1 98  ? -9.896  -14.564 6.395   1.00 35.00 ? 127 GLN A OE1 1 
ATOM   777  N NE2 . GLN A 1 98  ? -9.877  -12.922 4.902   1.00 25.24 ? 127 GLN A NE2 1 
ATOM   778  N N   . ILE A 1 99  ? -4.265  -12.156 3.980   1.00 20.79 ? 128 ILE A N   1 
ATOM   779  C CA  . ILE A 1 99  ? -3.444  -11.111 3.362   1.00 21.16 ? 128 ILE A CA  1 
ATOM   780  C C   . ILE A 1 99  ? -2.495  -11.749 2.373   1.00 21.01 ? 128 ILE A C   1 
ATOM   781  O O   . ILE A 1 99  ? -2.399  -11.316 1.229   1.00 21.06 ? 128 ILE A O   1 
ATOM   782  C CB  . ILE A 1 99  ? -2.584  -10.330 4.366   1.00 23.29 ? 128 ILE A CB  1 
ATOM   783  C CG1 . ILE A 1 99  ? -3.464  -9.657  5.407   1.00 25.45 ? 128 ILE A CG1 1 
ATOM   784  C CG2 . ILE A 1 99  ? -1.732  -9.270  3.642   1.00 22.39 ? 128 ILE A CG2 1 
ATOM   785  C CD1 . ILE A 1 99  ? -2.662  -9.197  6.596   1.00 27.87 ? 128 ILE A CD1 1 
ATOM   786  N N   . ARG A 1 100 ? -1.798  -12.793 2.803   1.00 21.21 ? 129 ARG A N   1 
ATOM   787  C CA  . ARG A 1 100 ? -0.783  -13.390 1.952   1.00 21.72 ? 129 ARG A CA  1 
ATOM   788  C C   . ARG A 1 100 ? -1.391  -13.994 0.710   1.00 22.57 ? 129 ARG A C   1 
ATOM   789  O O   . ARG A 1 100 ? -0.839  -13.845 -0.379  1.00 21.88 ? 129 ARG A O   1 
ATOM   790  C CB  . ARG A 1 100 ? 0.023   -14.432 2.706   1.00 23.39 ? 129 ARG A CB  1 
ATOM   791  C CG  . ARG A 1 100 ? 0.897   -13.795 3.760   1.00 24.76 ? 129 ARG A CG  1 
ATOM   792  C CD  . ARG A 1 100 ? 1.976   -14.734 4.227   1.00 26.48 ? 129 ARG A CD  1 
ATOM   793  N NE  . ARG A 1 100 ? 1.437   -15.781 5.087   1.00 27.15 ? 129 ARG A NE  1 
ATOM   794  C CZ  . ARG A 1 100 ? 2.150   -16.474 5.970   1.00 28.60 ? 129 ARG A CZ  1 
ATOM   795  N NH1 . ARG A 1 100 ? 3.452   -16.252 6.118   1.00 29.12 ? 129 ARG A NH1 1 
ATOM   796  N NH2 . ARG A 1 100 ? 1.553   -17.397 6.718   1.00 28.63 ? 129 ARG A NH2 1 
ATOM   797  N N   . SER A 1 101 ? -2.536  -14.651 0.850   1.00 23.30 ? 130 SER A N   1 
ATOM   798  C CA  . SER A 1 101 ? -3.161  -15.268 -0.312  1.00 25.12 ? 130 SER A CA  1 
ATOM   799  C C   . SER A 1 101 ? -3.586  -14.199 -1.321  1.00 23.03 ? 130 SER A C   1 
ATOM   800  O O   . SER A 1 101 ? -3.448  -14.399 -2.523  1.00 22.26 ? 130 SER A O   1 
ATOM   801  C CB  . SER A 1 101 ? -4.328  -16.187 0.065   1.00 28.48 ? 130 SER A CB  1 
ATOM   802  O OG  . SER A 1 101 ? -5.520  -15.471 0.323   1.00 34.96 ? 130 SER A OG  1 
ATOM   803  N N   . CYS A 1 102 ? -4.083  -13.063 -0.838  1.00 21.71 ? 131 CYS A N   1 
ATOM   804  C CA  . CYS A 1 102 ? -4.484  -11.981 -1.732  1.00 21.73 ? 131 CYS A CA  1 
ATOM   805  C C   . CYS A 1 102 ? -3.284  -11.400 -2.467  1.00 20.40 ? 131 CYS A C   1 
ATOM   806  O O   . CYS A 1 102 ? -3.316  -11.204 -3.680  1.00 20.06 ? 131 CYS A O   1 
ATOM   807  C CB  . CYS A 1 102 ? -5.210  -10.892 -0.945  1.00 22.06 ? 131 CYS A CB  1 
ATOM   808  S SG  . CYS A 1 102 ? -5.904  -9.576  -1.956  1.00 24.13 ? 131 CYS A SG  1 
ATOM   809  N N   . LEU A 1 103 ? -2.201  -11.155 -1.737  1.00 20.46 ? 132 LEU A N   1 
ATOM   810  C CA  . LEU A 1 103 ? -0.975  -10.665 -2.366  1.00 20.39 ? 132 LEU A CA  1 
ATOM   811  C C   . LEU A 1 103 ? -0.390  -11.648 -3.391  1.00 21.16 ? 132 LEU A C   1 
ATOM   812  O O   . LEU A 1 103 ? 0.045   -11.230 -4.458  1.00 21.96 ? 132 LEU A O   1 
ATOM   813  C CB  . LEU A 1 103 ? 0.073   -10.330 -1.313  1.00 20.36 ? 132 LEU A CB  1 
ATOM   814  C CG  . LEU A 1 103 ? -0.286  -9.194  -0.376  1.00 20.64 ? 132 LEU A CG  1 
ATOM   815  C CD1 . LEU A 1 103 ? 0.734   -9.137  0.739   1.00 20.36 ? 132 LEU A CD1 1 
ATOM   816  C CD2 . LEU A 1 103 ? -0.336  -7.877  -1.135  1.00 21.64 ? 132 LEU A CD2 1 
ATOM   817  N N   . LEU A 1 104 ? -0.387  -12.944 -3.078  1.00 21.86 ? 133 LEU A N   1 
ATOM   818  C CA  . LEU A 1 104 ? 0.114   -13.940 -4.009  1.00 23.81 ? 133 LEU A CA  1 
ATOM   819  C C   . LEU A 1 104 ? -0.737  -14.046 -5.275  1.00 23.65 ? 133 LEU A C   1 
ATOM   820  O O   . LEU A 1 104 ? -0.194  -14.160 -6.379  1.00 24.49 ? 133 LEU A O   1 
ATOM   821  C CB  . LEU A 1 104 ? 0.277   -15.298 -3.310  1.00 24.84 ? 133 LEU A CB  1 
ATOM   822  C CG  . LEU A 1 104 ? 1.469   -15.301 -2.352  1.00 27.16 ? 133 LEU A CG  1 
ATOM   823  C CD1 . LEU A 1 104 ? 1.424   -16.490 -1.415  1.00 28.44 ? 133 LEU A CD1 1 
ATOM   824  C CD2 . LEU A 1 104 ? 2.762   -15.314 -3.151  1.00 29.20 ? 133 LEU A CD2 1 
ATOM   825  N N   . THR A 1 105 ? -2.053  -13.955 -5.116  1.00 24.24 ? 134 THR A N   1 
ATOM   826  C CA  . THR A 1 105 ? -2.990  -13.966 -6.235  1.00 25.79 ? 134 THR A CA  1 
ATOM   827  C C   . THR A 1 105 ? -2.697  -12.819 -7.196  1.00 24.83 ? 134 THR A C   1 
ATOM   828  O O   . THR A 1 105 ? -2.792  -12.979 -8.415  1.00 26.83 ? 134 THR A O   1 
ATOM   829  C CB  . THR A 1 105 ? -4.438  -13.892 -5.701  1.00 27.84 ? 134 THR A CB  1 
ATOM   830  O OG1 . THR A 1 105 ? -4.742  -15.130 -5.046  1.00 31.02 ? 134 THR A OG1 1 
ATOM   831  C CG2 . THR A 1 105 ? -5.462  -13.652 -6.807  1.00 28.60 ? 134 THR A CG2 1 
ATOM   832  N N   . HIS A 1 106 ? -2.308  -11.679 -6.637  1.00 22.68 ? 135 HIS A N   1 
ATOM   833  C CA  . HIS A 1 106 ? -1.990  -10.476 -7.401  1.00 22.63 ? 135 HIS A CA  1 
ATOM   834  C C   . HIS A 1 106 ? -0.505  -10.139 -7.388  1.00 22.68 ? 135 HIS A C   1 
ATOM   835  O O   . HIS A 1 106 ? -0.122  -8.969  -7.421  1.00 22.43 ? 135 HIS A O   1 
ATOM   836  C CB  . HIS A 1 106 ? -2.780  -9.322  -6.808  1.00 22.91 ? 135 HIS A CB  1 
ATOM   837  C CG  . HIS A 1 106 ? -4.255  -9.534  -6.878  1.00 24.39 ? 135 HIS A CG  1 
ATOM   838  N ND1 . HIS A 1 106 ? -4.940  -9.504  -8.070  1.00 25.95 ? 135 HIS A ND1 1 
ATOM   839  C CD2 . HIS A 1 106 ? -5.167  -9.811  -5.921  1.00 25.21 ? 135 HIS A CD2 1 
ATOM   840  C CE1 . HIS A 1 106 ? -6.220  -9.741  -7.841  1.00 26.77 ? 135 HIS A CE1 1 
ATOM   841  N NE2 . HIS A 1 106 ? -6.384  -9.936  -6.546  1.00 25.22 ? 135 HIS A NE2 1 
ATOM   842  N N   . LYS A 1 107 ? 0.333   -11.167 -7.363  1.00 22.53 ? 136 LYS A N   1 
ATOM   843  C CA  . LYS A 1 107 ? 1.773   -10.967 -7.166  1.00 23.40 ? 136 LYS A CA  1 
ATOM   844  C C   . LYS A 1 107 ? 2.433   -10.078 -8.229  1.00 22.28 ? 136 LYS A C   1 
ATOM   845  O O   . LYS A 1 107 ? 3.406   -9.408  -7.930  1.00 20.44 ? 136 LYS A O   1 
ATOM   846  C CB  . LYS A 1 107 ? 2.503   -12.305 -7.041  1.00 26.47 ? 136 LYS A CB  1 
ATOM   847  C CG  . LYS A 1 107 ? 2.363   -13.231 -8.231  1.00 31.72 ? 136 LYS A CG  1 
ATOM   848  C CD  . LYS A 1 107 ? 2.981   -14.585 -7.905  1.00 36.57 ? 136 LYS A CD  1 
ATOM   849  C CE  . LYS A 1 107 ? 3.187   -15.426 -9.149  1.00 40.98 ? 136 LYS A CE  1 
ATOM   850  N NZ  . LYS A 1 107 ? 1.999   -15.433 -10.054 1.00 44.85 ? 136 LYS A NZ  1 
ATOM   851  N N   A HIS A 1 108 ? 1.883   -10.033 -9.443  1.00 22.28 ? 137 HIS A N   1 
ATOM   852  C CA  A HIS A 1 108 ? 2.420   -9.143  -10.476 1.00 23.90 ? 137 HIS A CA  1 
ATOM   853  C C   A HIS A 1 108 ? 2.472   -7.658  -10.115 1.00 23.22 ? 137 HIS A C   1 
ATOM   854  O O   A HIS A 1 108 ? 3.316   -6.917  -10.641 1.00 21.76 ? 137 HIS A O   1 
ATOM   855  C CB  A HIS A 1 108 ? 1.601   -9.278  -11.778 0.50 25.10 ? 137 HIS A CB  1 
ATOM   856  C CB  B HIS A 1 108 ? 1.691   -9.343  -12.238 0.50 29.99 ? 137 HIS A CB  1 
ATOM   857  C CG  A HIS A 1 108 ? 0.464   -8.303  -11.875 0.50 26.32 ? 137 HIS A CG  1 
ATOM   858  C CG  B HIS A 1 108 ? 1.952   -10.769 -12.605 0.50 29.51 ? 137 HIS A CG  1 
ATOM   859  N ND1 A HIS A 1 108 ? -0.826  -8.615  -11.495 0.50 27.56 ? 137 HIS A ND1 1 
ATOM   860  N ND1 B HIS A 1 108 ? 3.141   -11.416 -12.338 0.50 30.58 ? 137 HIS A ND1 1 
ATOM   861  C CD2 A HIS A 1 108 ? 0.434   -7.007  -12.272 0.50 27.11 ? 137 HIS A CD2 1 
ATOM   862  C CD2 B HIS A 1 108 ? 1.164   -11.671 -13.231 0.50 29.65 ? 137 HIS A CD2 1 
ATOM   863  C CE1 A HIS A 1 108 ? -1.600  -7.556  -11.667 0.50 27.30 ? 137 HIS A CE1 1 
ATOM   864  C CE1 B HIS A 1 108 ? 3.070   -12.658 -12.784 0.50 30.37 ? 137 HIS A CE1 1 
ATOM   865  N NE2 A HIS A 1 108 ? -0.858  -6.566  -12.128 0.50 27.07 ? 137 HIS A NE2 1 
ATOM   866  N NE2 B HIS A 1 108 ? 1.885   -12.834 -13.338 0.50 29.48 ? 137 HIS A NE2 1 
ATOM   867  N N   . ILE A 1 109 ? 1.552   -7.221  -9.259  1.00 22.60 ? 138 ILE A N   1 
ATOM   868  C CA  . ILE A 1 109 ? 1.586   -5.849  -8.761  1.00 22.94 ? 138 ILE A CA  1 
ATOM   869  C C   . ILE A 1 109 ? 2.942   -5.576  -8.105  1.00 22.19 ? 138 ILE A C   1 
ATOM   870  O O   . ILE A 1 109 ? 3.539   -4.528  -8.320  1.00 23.31 ? 138 ILE A O   1 
ATOM   871  C CB  . ILE A 1 109 ? 0.450   -5.530  -7.753  1.00 23.31 ? 138 ILE A CB  1 
ATOM   872  C CG1 . ILE A 1 109 ? -0.929  -5.674  -8.395  1.00 24.17 ? 138 ILE A CG1 1 
ATOM   873  C CG2 . ILE A 1 109 ? 0.618   -4.112  -7.239  1.00 24.58 ? 138 ILE A CG2 1 
ATOM   874  C CD1 . ILE A 1 109 ? -2.097  -5.584  -7.429  1.00 24.51 ? 138 ILE A CD1 1 
ATOM   875  N N   . LEU A 1 110 ? 3.431   -6.526  -7.322  1.00 20.62 ? 139 LEU A N   1 
ATOM   876  C CA  . LEU A 1 110 ? 4.729   -6.381  -6.667  1.00 21.21 ? 139 LEU A CA  1 
ATOM   877  C C   . LEU A 1 110 ? 5.916   -6.707  -7.547  1.00 21.34 ? 139 LEU A C   1 
ATOM   878  O O   . LEU A 1 110 ? 6.961   -6.050  -7.463  1.00 23.36 ? 139 LEU A O   1 
ATOM   879  C CB  . LEU A 1 110 ? 4.793   -7.306  -5.440  1.00 21.87 ? 139 LEU A CB  1 
ATOM   880  C CG  . LEU A 1 110 ? 3.935   -6.910  -4.232  1.00 22.79 ? 139 LEU A CG  1 
ATOM   881  C CD1 . LEU A 1 110 ? 4.000   -8.014  -3.184  1.00 23.47 ? 139 LEU A CD1 1 
ATOM   882  C CD2 . LEU A 1 110 ? 4.394   -5.607  -3.602  1.00 23.54 ? 139 LEU A CD2 1 
ATOM   883  N N   . THR A 1 111 ? 5.786   -7.747  -8.365  1.00 21.48 ? 140 THR A N   1 
ATOM   884  C CA  . THR A 1 111 ? 6.949   -8.288  -9.077  1.00 22.06 ? 140 THR A CA  1 
ATOM   885  C C   . THR A 1 111 ? 7.178   -7.570  -10.395 1.00 23.11 ? 140 THR A C   1 
ATOM   886  O O   . THR A 1 111 ? 8.263   -7.647  -10.961 1.00 23.68 ? 140 THR A O   1 
ATOM   887  C CB  . THR A 1 111 ? 6.823   -9.803  -9.339  1.00 21.48 ? 140 THR A CB  1 
ATOM   888  O OG1 . THR A 1 111 ? 5.703   -10.069 -10.202 1.00 20.92 ? 140 THR A OG1 1 
ATOM   889  C CG2 . THR A 1 111 ? 6.657   -10.543 -8.029  1.00 21.64 ? 140 THR A CG2 1 
ATOM   890  N N   . ARG A 1 112 ? 6.153   -6.871  -10.874 1.00 23.58 ? 141 ARG A N   1 
ATOM   891  C CA  . ARG A 1 112 ? 6.264   -6.104  -12.092 1.00 24.88 ? 141 ARG A CA  1 
ATOM   892  C C   . ARG A 1 112 ? 5.952   -4.616  -11.913 1.00 23.90 ? 141 ARG A C   1 
ATOM   893  O O   . ARG A 1 112 ? 6.836   -3.778  -12.127 1.00 24.48 ? 141 ARG A O   1 
ATOM   894  C CB  . ARG A 1 112 ? 5.416   -6.756  -13.184 1.00 28.08 ? 141 ARG A CB  1 
ATOM   895  C CG  . ARG A 1 112 ? 6.031   -8.095  -13.554 1.00 32.53 ? 141 ARG A CG  1 
ATOM   896  C CD  . ARG A 1 112 ? 5.197   -8.939  -14.478 1.00 37.76 ? 141 ARG A CD  1 
ATOM   897  N NE  . ARG A 1 112 ? 5.704   -10.315 -14.445 1.00 40.46 ? 141 ARG A NE  1 
ATOM   898  C CZ  . ARG A 1 112 ? 6.526   -10.856 -15.339 1.00 43.13 ? 141 ARG A CZ  1 
ATOM   899  N NH1 . ARG A 1 112 ? 6.962   -10.160 -16.388 1.00 44.49 ? 141 ARG A NH1 1 
ATOM   900  N NH2 . ARG A 1 112 ? 6.914   -12.117 -15.184 1.00 45.28 ? 141 ARG A NH2 1 
ATOM   901  N N   . GLU A 1 113 ? 4.731   -4.279  -11.513 1.00 22.26 ? 142 GLU A N   1 
ATOM   902  C CA  . GLU A 1 113 ? 4.312   -2.866  -11.483 1.00 21.67 ? 142 GLU A CA  1 
ATOM   903  C C   . GLU A 1 113 ? 5.140   -2.026  -10.508 1.00 20.95 ? 142 GLU A C   1 
ATOM   904  O O   . GLU A 1 113 ? 5.645   -0.953  -10.870 1.00 22.32 ? 142 GLU A O   1 
ATOM   905  C CB  . GLU A 1 113 ? 2.835   -2.741  -11.123 1.00 22.98 ? 142 GLU A CB  1 
ATOM   906  N N   . ILE A 1 114 ? 5.268   -2.509  -9.277  1.00 20.31 ? 143 ILE A N   1 
ATOM   907  C CA  . ILE A 1 114 ? 6.061   -1.802  -8.266  1.00 19.91 ? 143 ILE A CA  1 
ATOM   908  C C   . ILE A 1 114 ? 7.566   -1.932  -8.524  1.00 19.85 ? 143 ILE A C   1 
ATOM   909  O O   . ILE A 1 114 ? 8.302   -0.942  -8.387  1.00 20.88 ? 143 ILE A O   1 
ATOM   910  C CB  . ILE A 1 114 ? 5.682   -2.241  -6.833  1.00 19.92 ? 143 ILE A CB  1 
ATOM   911  C CG1 . ILE A 1 114 ? 4.222   -1.860  -6.513  1.00 20.21 ? 143 ILE A CG1 1 
ATOM   912  C CG2 . ILE A 1 114 ? 6.605   -1.623  -5.798  1.00 20.22 ? 143 ILE A CG2 1 
ATOM   913  C CD1 . ILE A 1 114 ? 3.846   -0.414  -6.783  1.00 20.85 ? 143 ILE A CD1 1 
ATOM   914  N N   . ALA A 1 115 ? 8.017   -3.123  -8.923  1.00 19.14 ? 144 ALA A N   1 
ATOM   915  C CA  . ALA A 1 115 ? 9.437   -3.393  -9.183  1.00 20.80 ? 144 ALA A CA  1 
ATOM   916  C C   . ALA A 1 115 ? 9.987   -2.430  -10.243 1.00 20.49 ? 144 ALA A C   1 
ATOM   917  O O   . ALA A 1 115 ? 11.122  -1.928  -10.151 1.00 20.95 ? 144 ALA A O   1 
ATOM   918  C CB  . ALA A 1 115 ? 9.609   -4.831  -9.646  1.00 20.03 ? 144 ALA A CB  1 
ATOM   919  N N   . GLN A 1 116 ? 9.155   -2.201  -11.254 1.00 20.60 ? 145 GLN A N   1 
ATOM   920  C CA  . GLN A 1 116 ? 9.476   -1.327  -12.371 1.00 21.88 ? 145 GLN A CA  1 
ATOM   921  C C   . GLN A 1 116 ? 8.923   0.094   -12.260 1.00 21.72 ? 145 GLN A C   1 
ATOM   922  O O   . GLN A 1 116 ? 8.907   0.819   -13.269 1.00 20.85 ? 145 GLN A O   1 
ATOM   923  C CB  . GLN A 1 116 ? 8.936   -1.950  -13.659 1.00 23.90 ? 145 GLN A CB  1 
ATOM   924  C CG  . GLN A 1 116 ? 9.490   -3.327  -13.936 1.00 25.25 ? 145 GLN A CG  1 
ATOM   925  C CD  . GLN A 1 116 ? 8.820   -4.001  -15.117 1.00 29.06 ? 145 GLN A CD  1 
ATOM   926  O OE1 . GLN A 1 116 ? 8.310   -3.340  -16.027 1.00 31.24 ? 145 GLN A OE1 1 
ATOM   927  N NE2 . GLN A 1 116 ? 8.809   -5.327  -15.104 1.00 30.03 ? 145 GLN A NE2 1 
ATOM   928  N N   . PHE A 1 117 ? 8.485   0.503   -11.072 1.00 21.03 ? 146 PHE A N   1 
ATOM   929  C CA  . PHE A 1 117 ? 7.744   1.756   -10.936 1.00 21.59 ? 146 PHE A CA  1 
ATOM   930  C C   . PHE A 1 117 ? 8.576   2.979   -11.338 1.00 21.91 ? 146 PHE A C   1 
ATOM   931  O O   . PHE A 1 117 ? 9.755   3.069   -11.019 1.00 20.94 ? 146 PHE A O   1 
ATOM   932  C CB  . PHE A 1 117 ? 7.207   1.938   -9.520  1.00 21.77 ? 146 PHE A CB  1 
ATOM   933  C CG  . PHE A 1 117 ? 6.102   2.940   -9.435  1.00 23.51 ? 146 PHE A CG  1 
ATOM   934  C CD1 . PHE A 1 117 ? 4.826   2.617   -9.879  1.00 25.85 ? 146 PHE A CD1 1 
ATOM   935  C CD2 . PHE A 1 117 ? 6.334   4.208   -8.943  1.00 24.97 ? 146 PHE A CD2 1 
ATOM   936  C CE1 . PHE A 1 117 ? 3.798   3.541   -9.794  1.00 26.26 ? 146 PHE A CE1 1 
ATOM   937  C CE2 . PHE A 1 117 ? 5.310   5.142   -8.858  1.00 26.08 ? 146 PHE A CE2 1 
ATOM   938  C CZ  . PHE A 1 117 ? 4.048   4.813   -9.301  1.00 25.88 ? 146 PHE A CZ  1 
ATOM   939  N N   . LYS A 1 118 ? 7.950   3.900   -12.064 1.00 22.37 ? 147 LYS A N   1 
ATOM   940  C CA  . LYS A 1 118 ? 8.572   5.161   -12.433 1.00 24.51 ? 147 LYS A CA  1 
ATOM   941  C C   . LYS A 1 118 ? 7.677   6.304   -12.004 1.00 25.14 ? 147 LYS A C   1 
ATOM   942  O O   . LYS A 1 118 ? 6.477   6.290   -12.291 1.00 23.86 ? 147 LYS A O   1 
ATOM   943  C CB  . LYS A 1 118 ? 8.792   5.244   -13.943 1.00 26.62 ? 147 LYS A CB  1 
ATOM   944  C CG  . LYS A 1 118 ? 9.694   4.164   -14.522 1.00 28.10 ? 147 LYS A CG  1 
ATOM   945  C CD  . LYS A 1 118 ? 11.098  4.158   -13.935 1.00 30.25 ? 147 LYS A CD  1 
ATOM   946  C CE  . LYS A 1 118 ? 11.903  5.414   -14.252 1.00 31.95 ? 147 LYS A CE  1 
ATOM   947  N NZ  . LYS A 1 118 ? 13.266  5.347   -13.655 1.00 34.10 ? 147 LYS A NZ  1 
ATOM   948  N N   . VAL A 1 119 ? 8.238   7.280   -11.293 1.00 26.78 ? 148 VAL A N   1 
ATOM   949  C CA  . VAL A 1 119 ? 7.522   8.545   -11.106 1.00 30.80 ? 148 VAL A CA  1 
ATOM   950  C C   . VAL A 1 119 ? 8.128   9.583   -12.073 1.00 33.81 ? 148 VAL A C   1 
ATOM   951  O O   . VAL A 1 119 ? 9.217   10.107  -11.854 1.00 38.44 ? 148 VAL A O   1 
ATOM   952  C CB  . VAL A 1 119 ? 7.337   8.987   -9.611  1.00 31.57 ? 148 VAL A CB  1 
ATOM   953  C CG1 . VAL A 1 119 ? 7.996   8.038   -8.613  1.00 30.13 ? 148 VAL A CG1 1 
ATOM   954  C CG2 . VAL A 1 119 ? 7.684   10.447  -9.363  1.00 31.62 ? 148 VAL A CG2 1 
ATOM   955  N N   . LYS A 1 120 ? 7.400   9.821   -13.159 1.00 38.08 ? 149 LYS A N   1 
ATOM   956  C CA  . LYS A 1 120 ? 7.801   10.746  -14.224 1.00 41.53 ? 149 LYS A CA  1 
ATOM   957  C C   . LYS A 1 120 ? 7.809   12.185  -13.739 1.00 43.02 ? 149 LYS A C   1 
ATOM   958  O O   . LYS A 1 120 ? 8.756   12.940  -13.999 1.00 45.60 ? 149 LYS A O   1 
ATOM   959  C CB  . LYS A 1 120 ? 6.848   10.628  -15.411 1.00 42.25 ? 149 LYS A CB  1 
ATOM   960  N N   . PHE A 1 121 ? 6.750   12.566  -13.038 0.70 41.70 ? 150 PHE A N   1 
ATOM   961  C CA  . PHE A 1 121 ? 6.706   13.877  -12.426 0.70 42.87 ? 150 PHE A CA  1 
ATOM   962  C C   . PHE A 1 121 ? 6.057   13.845  -11.057 0.70 41.47 ? 150 PHE A C   1 
ATOM   963  O O   . PHE A 1 121 ? 5.059   13.156  -10.833 0.70 38.50 ? 150 PHE A O   1 
ATOM   964  C CB  . PHE A 1 121 ? 5.977   14.882  -13.317 0.70 43.13 ? 150 PHE A CB  1 
ATOM   965  C CG  . PHE A 1 121 ? 5.692   16.190  -12.633 0.70 42.94 ? 150 PHE A CG  1 
ATOM   966  C CD1 . PHE A 1 121 ? 4.430   16.458  -12.126 0.70 43.06 ? 150 PHE A CD1 1 
ATOM   967  C CD2 . PHE A 1 121 ? 6.695   17.133  -12.456 0.70 44.49 ? 150 PHE A CD2 1 
ATOM   968  C CE1 . PHE A 1 121 ? 4.161   17.652  -11.485 0.70 43.16 ? 150 PHE A CE1 1 
ATOM   969  C CE2 . PHE A 1 121 ? 6.433   18.333  -11.812 0.70 43.53 ? 150 PHE A CE2 1 
ATOM   970  C CZ  . PHE A 1 121 ? 5.164   18.592  -11.327 0.70 43.22 ? 150 PHE A CZ  1 
ATOM   971  N N   . SER A 1 122 ? 6.659   14.610  -10.151 1.00 43.39 ? 151 SER A N   1 
ATOM   972  C CA  . SER A 1 122 ? 6.072   14.914  -8.861  1.00 44.35 ? 151 SER A CA  1 
ATOM   973  C C   . SER A 1 122 ? 6.210   16.415  -8.610  1.00 46.00 ? 151 SER A C   1 
ATOM   974  O O   . SER A 1 122 ? 7.134   17.052  -9.112  1.00 43.11 ? 151 SER A O   1 
ATOM   975  C CB  . SER A 1 122 ? 6.743   14.090  -7.757  1.00 44.04 ? 151 SER A CB  1 
ATOM   976  O OG  . SER A 1 122 ? 8.033   14.580  -7.436  1.00 44.39 ? 151 SER A OG  1 
ATOM   977  N N   . ASN A 1 123 ? 5.291   16.969  -7.826  1.00 49.29 ? 152 ASN A N   1 
ATOM   978  C CA  . ASN A 1 123 ? 5.163   18.420  -7.682  1.00 51.44 ? 152 ASN A CA  1 
ATOM   979  C C   . ASN A 1 123 ? 6.352   19.153  -7.028  1.00 53.10 ? 152 ASN A C   1 
ATOM   980  O O   . ASN A 1 123 ? 6.419   20.382  -7.105  1.00 54.26 ? 152 ASN A O   1 
ATOM   981  C CB  . ASN A 1 123 ? 3.849   18.762  -6.959  1.00 51.81 ? 152 ASN A CB  1 
ATOM   982  C CG  . ASN A 1 123 ? 2.622   18.529  -7.837  1.00 52.47 ? 152 ASN A CG  1 
ATOM   983  O OD1 . ASN A 1 123 ? 2.611   18.913  -9.006  1.00 52.53 ? 152 ASN A OD1 1 
ATOM   984  N ND2 . ASN A 1 123 ? 1.584   17.902  -7.276  1.00 52.41 ? 152 ASN A ND2 1 
ATOM   985  N N   . ASP A 1 124 ? 7.290   18.420  -6.418  1.00 51.61 ? 153 ASP A N   1 
ATOM   986  C CA  . ASP A 1 124 ? 8.441   19.047  -5.734  1.00 50.11 ? 153 ASP A CA  1 
ATOM   987  C C   . ASP A 1 124 ? 9.828   18.752  -6.343  1.00 48.62 ? 153 ASP A C   1 
ATOM   988  O O   . ASP A 1 124 ? 10.852  19.032  -5.715  1.00 48.47 ? 153 ASP A O   1 
ATOM   989  C CB  . ASP A 1 124 ? 8.442   18.650  -4.252  1.00 49.66 ? 153 ASP A CB  1 
ATOM   990  N N   . GLY A 1 125 ? 9.869   18.194  -7.552  1.00 47.84 ? 154 GLY A N   1 
ATOM   991  C CA  . GLY A 1 125 ? 11.139  17.908  -8.230  1.00 46.12 ? 154 GLY A CA  1 
ATOM   992  C C   . GLY A 1 125 ? 11.908  16.696  -7.719  1.00 45.92 ? 154 GLY A C   1 
ATOM   993  O O   . GLY A 1 125 ? 12.992  16.393  -8.220  1.00 45.98 ? 154 GLY A O   1 
ATOM   994  N N   . LYS A 1 126 ? 11.342  15.979  -6.751  1.00 44.88 ? 155 LYS A N   1 
ATOM   995  C CA  . LYS A 1 126 ? 12.058  14.907  -6.055  1.00 42.94 ? 155 LYS A CA  1 
ATOM   996  C C   . LYS A 1 126 ? 11.626  13.519  -6.528  1.00 40.54 ? 155 LYS A C   1 
ATOM   997  O O   . LYS A 1 126 ? 11.495  12.587  -5.731  1.00 36.37 ? 155 LYS A O   1 
ATOM   998  C CB  . LYS A 1 126 ? 11.869  15.072  -4.547  1.00 45.56 ? 155 LYS A CB  1 
ATOM   999  C CG  . LYS A 1 126 ? 12.347  16.435  -4.079  1.00 49.67 ? 155 LYS A CG  1 
ATOM   1000 C CD  . LYS A 1 126 ? 11.665  16.913  -2.809  1.00 52.75 ? 155 LYS A CD  1 
ATOM   1001 C CE  . LYS A 1 126 ? 12.333  16.357  -1.561  1.00 55.54 ? 155 LYS A CE  1 
ATOM   1002 N NZ  . LYS A 1 126 ? 12.510  17.424  -0.537  1.00 59.36 ? 155 LYS A NZ  1 
ATOM   1003 N N   . MET A 1 127 ? 11.449  13.381  -7.841  1.00 38.64 ? 156 MET A N   1 
ATOM   1004 C CA  . MET A 1 127 ? 10.967  12.136  -8.423  1.00 37.94 ? 156 MET A CA  1 
ATOM   1005 C C   . MET A 1 127 ? 11.832  10.934  -8.051  1.00 37.34 ? 156 MET A C   1 
ATOM   1006 O O   . MET A 1 127 ? 11.306  9.856   -7.792  1.00 34.40 ? 156 MET A O   1 
ATOM   1007 C CB  . MET A 1 127 ? 10.872  12.254  -9.945  1.00 39.62 ? 156 MET A CB  1 
ATOM   1008 C CG  . MET A 1 127 ? 9.712   13.121  -10.407 1.00 41.76 ? 156 MET A CG  1 
ATOM   1009 S SD  . MET A 1 127 ? 10.142  14.871  -10.394 1.00 43.40 ? 156 MET A SD  1 
ATOM   1010 C CE  . MET A 1 127 ? 10.960  14.983  -11.986 1.00 44.61 ? 156 MET A CE  1 
ATOM   1011 N N   . GLU A 1 128 ? 13.149  11.128  -8.005  1.00 35.88 ? 157 GLU A N   1 
ATOM   1012 C CA  . GLU A 1 128 ? 14.090  10.026  -7.773  1.00 35.55 ? 157 GLU A CA  1 
ATOM   1013 C C   . GLU A 1 128 ? 13.901  9.369   -6.412  1.00 34.11 ? 157 GLU A C   1 
ATOM   1014 O O   . GLU A 1 128 ? 13.842  8.139   -6.309  1.00 32.60 ? 157 GLU A O   1 
ATOM   1015 C CB  . GLU A 1 128 ? 15.531  10.527  -7.888  1.00 35.98 ? 157 GLU A CB  1 
ATOM   1016 N N   . ILE A 1 129 ? 13.791  10.190  -5.373  1.00 32.50 ? 158 ILE A N   1 
ATOM   1017 C CA  . ILE A 1 129 ? 13.656  9.694   -4.010  1.00 32.89 ? 158 ILE A CA  1 
ATOM   1018 C C   . ILE A 1 129 ? 12.290  9.023   -3.762  1.00 30.33 ? 158 ILE A C   1 
ATOM   1019 O O   . ILE A 1 129 ? 12.191  8.050   -3.004  1.00 26.91 ? 158 ILE A O   1 
ATOM   1020 C CB  . ILE A 1 129 ? 13.942  10.834  -3.004  1.00 37.89 ? 158 ILE A CB  1 
ATOM   1021 C CG1 . ILE A 1 129 ? 14.318  10.284  -1.639  1.00 40.74 ? 158 ILE A CG1 1 
ATOM   1022 C CG2 . ILE A 1 129 ? 12.772  11.800  -2.875  1.00 37.95 ? 158 ILE A CG2 1 
ATOM   1023 C CD1 . ILE A 1 129 ? 15.083  11.310  -0.842  1.00 43.00 ? 158 ILE A CD1 1 
ATOM   1024 N N   . HIS A 1 130 ? 11.250  9.537   -4.409  1.00 27.45 ? 159 HIS A N   1 
ATOM   1025 C CA  . HIS A 1 130 ? 9.913   8.938   -4.306  1.00 26.85 ? 159 HIS A CA  1 
ATOM   1026 C C   . HIS A 1 130 ? 9.869   7.577   -5.000  1.00 25.07 ? 159 HIS A C   1 
ATOM   1027 O O   . HIS A 1 130 ? 9.309   6.626   -4.460  1.00 26.26 ? 159 HIS A O   1 
ATOM   1028 C CB  . HIS A 1 130 ? 8.837   9.845   -4.905  1.00 27.27 ? 159 HIS A CB  1 
ATOM   1029 C CG  . HIS A 1 130 ? 8.782   11.210  -4.293  1.00 29.17 ? 159 HIS A CG  1 
ATOM   1030 N ND1 . HIS A 1 130 ? 8.988   11.435  -2.950  1.00 30.78 ? 159 HIS A ND1 1 
ATOM   1031 C CD2 . HIS A 1 130 ? 8.532   12.421  -4.844  1.00 29.34 ? 159 HIS A CD2 1 
ATOM   1032 C CE1 . HIS A 1 130 ? 8.866   12.727  -2.699  1.00 30.75 ? 159 HIS A CE1 1 
ATOM   1033 N NE2 . HIS A 1 130 ? 8.589   13.346  -3.831  1.00 30.72 ? 159 HIS A NE2 1 
ATOM   1034 N N   . GLU A 1 131 ? 10.445  7.505   -6.194  1.00 24.87 ? 160 GLU A N   1 
ATOM   1035 C CA  . GLU A 1 131 ? 10.582  6.252   -6.921  1.00 25.17 ? 160 GLU A CA  1 
ATOM   1036 C C   . GLU A 1 131 ? 11.322  5.196   -6.097  1.00 24.73 ? 160 GLU A C   1 
ATOM   1037 O O   . GLU A 1 131 ? 10.867  4.046   -5.971  1.00 21.79 ? 160 GLU A O   1 
ATOM   1038 C CB  . GLU A 1 131 ? 11.313  6.496   -8.244  1.00 26.89 ? 160 GLU A CB  1 
ATOM   1039 C CG  . GLU A 1 131 ? 11.386  5.286   -9.145  1.00 28.82 ? 160 GLU A CG  1 
ATOM   1040 C CD  . GLU A 1 131 ? 11.796  5.640   -10.558 1.00 30.33 ? 160 GLU A CD  1 
ATOM   1041 O OE1 . GLU A 1 131 ? 12.779  5.036   -11.045 1.00 32.18 ? 160 GLU A OE1 1 
ATOM   1042 O OE2 . GLU A 1 131 ? 11.144  6.521   -11.173 1.00 29.36 ? 160 GLU A OE2 1 
ATOM   1043 N N   . ARG A 1 132 ? 12.456  5.593   -5.532  1.00 25.55 ? 161 ARG A N   1 
ATOM   1044 C CA  . ARG A 1 132 ? 13.246  4.716   -4.672  1.00 27.85 ? 161 ARG A CA  1 
ATOM   1045 C C   . ARG A 1 132 ? 12.453  4.230   -3.458  1.00 25.20 ? 161 ARG A C   1 
ATOM   1046 O O   . ARG A 1 132 ? 12.509  3.052   -3.101  1.00 24.64 ? 161 ARG A O   1 
ATOM   1047 C CB  . ARG A 1 132 ? 14.504  5.447   -4.188  1.00 31.78 ? 161 ARG A CB  1 
ATOM   1048 C CG  . ARG A 1 132 ? 15.524  4.557   -3.497  1.00 36.32 ? 161 ARG A CG  1 
ATOM   1049 C CD  . ARG A 1 132 ? 16.714  5.367   -2.990  1.00 40.89 ? 161 ARG A CD  1 
ATOM   1050 N NE  . ARG A 1 132 ? 16.403  6.042   -1.728  1.00 46.64 ? 161 ARG A NE  1 
ATOM   1051 C CZ  . ARG A 1 132 ? 16.951  5.772   -0.540  1.00 51.40 ? 161 ARG A CZ  1 
ATOM   1052 N NH1 . ARG A 1 132 ? 17.887  4.832   -0.389  1.00 53.11 ? 161 ARG A NH1 1 
ATOM   1053 N NH2 . ARG A 1 132 ? 16.559  6.469   0.521   1.00 56.37 ? 161 ARG A NH2 1 
ATOM   1054 N N   . GLY A 1 133 ? 11.729  5.147   -2.821  1.00 24.88 ? 162 GLY A N   1 
ATOM   1055 C CA  . GLY A 1 133 ? 10.909  4.834   -1.650  1.00 23.79 ? 162 GLY A CA  1 
ATOM   1056 C C   . GLY A 1 133 ? 9.861   3.776   -1.949  1.00 22.15 ? 162 GLY A C   1 
ATOM   1057 O O   . GLY A 1 133 ? 9.677   2.840   -1.182  1.00 21.80 ? 162 GLY A O   1 
ATOM   1058 N N   . ILE A 1 134 ? 9.210   3.923   -3.093  1.00 20.91 ? 163 ILE A N   1 
ATOM   1059 C CA  . ILE A 1 134 ? 8.188   2.990   -3.538  1.00 20.69 ? 163 ILE A CA  1 
ATOM   1060 C C   . ILE A 1 134 ? 8.796   1.637   -3.869  1.00 20.14 ? 163 ILE A C   1 
ATOM   1061 O O   . ILE A 1 134 ? 8.290   0.612   -3.409  1.00 18.98 ? 163 ILE A O   1 
ATOM   1062 C CB  . ILE A 1 134 ? 7.403   3.540   -4.734  1.00 20.86 ? 163 ILE A CB  1 
ATOM   1063 C CG1 . ILE A 1 134 ? 6.440   4.651   -4.269  1.00 21.38 ? 163 ILE A CG1 1 
ATOM   1064 C CG2 . ILE A 1 134 ? 6.613   2.439   -5.415  1.00 20.44 ? 163 ILE A CG2 1 
ATOM   1065 C CD1 . ILE A 1 134 ? 5.838   5.462   -5.411  1.00 22.11 ? 163 ILE A CD1 1 
ATOM   1066 N N   . ARG A 1 135 ? 9.880   1.605   -4.641  1.00 19.60 ? 164 ARG A N   1 
ATOM   1067 C CA  . ARG A 1 135 ? 10.490  0.308   -4.953  1.00 19.80 ? 164 ARG A CA  1 
ATOM   1068 C C   . ARG A 1 135 ? 10.991  -0.392  -3.691  1.00 20.09 ? 164 ARG A C   1 
ATOM   1069 O O   . ARG A 1 135 ? 10.816  -1.597  -3.545  1.00 20.55 ? 164 ARG A O   1 
ATOM   1070 C CB  . ARG A 1 135 ? 11.599  0.426   -5.994  1.00 20.49 ? 164 ARG A CB  1 
ATOM   1071 C CG  . ARG A 1 135 ? 11.133  0.960   -7.339  1.00 20.87 ? 164 ARG A CG  1 
ATOM   1072 C CD  . ARG A 1 135 ? 12.242  0.863   -8.367  1.00 22.21 ? 164 ARG A CD  1 
ATOM   1073 N NE  . ARG A 1 135 ? 11.799  1.297   -9.672  1.00 21.84 ? 164 ARG A NE  1 
ATOM   1074 C CZ  . ARG A 1 135 ? 12.430  1.062   -10.807 1.00 21.63 ? 164 ARG A CZ  1 
ATOM   1075 N NH1 . ARG A 1 135 ? 13.576  0.385   -10.844 1.00 23.02 ? 164 ARG A NH1 1 
ATOM   1076 N NH2 . ARG A 1 135 ? 11.905  1.522   -11.929 1.00 22.54 ? 164 ARG A NH2 1 
ATOM   1077 N N   . LYS A 1 136 ? 11.554  0.361   -2.752  1.00 21.05 ? 165 LYS A N   1 
ATOM   1078 C CA  . LYS A 1 136 ? 12.033  -0.232  -1.504  1.00 21.91 ? 165 LYS A CA  1 
ATOM   1079 C C   . LYS A 1 136 ? 10.924  -0.878  -0.695  1.00 21.58 ? 165 LYS A C   1 
ATOM   1080 O O   . LYS A 1 136 ? 11.104  -1.968  -0.159  1.00 21.54 ? 165 LYS A O   1 
ATOM   1081 C CB  . LYS A 1 136 ? 12.738  0.798   -0.641  1.00 23.46 ? 165 LYS A CB  1 
ATOM   1082 C CG  . LYS A 1 136 ? 14.145  1.096   -1.126  1.00 26.57 ? 165 LYS A CG  1 
ATOM   1083 C CD  . LYS A 1 136 ? 14.875  2.100   -0.242  1.00 27.62 ? 165 LYS A CD  1 
ATOM   1084 C CE  . LYS A 1 136 ? 14.990  1.686   1.220   1.00 29.18 ? 165 LYS A CE  1 
ATOM   1085 N NZ  . LYS A 1 136 ? 15.607  0.343   1.475   1.00 30.61 ? 165 LYS A NZ  1 
ATOM   1086 N N   . LYS A 1 137 ? 9.796   -0.195  -0.568  1.00 21.66 ? 166 LYS A N   1 
ATOM   1087 C CA  . LYS A 1 137 ? 8.665   -0.739  0.172   1.00 24.37 ? 166 LYS A CA  1 
ATOM   1088 C C   . LYS A 1 137 ? 8.140   -1.997  -0.501  1.00 23.13 ? 166 LYS A C   1 
ATOM   1089 O O   . LYS A 1 137 ? 7.778   -2.956  0.179   1.00 22.12 ? 166 LYS A O   1 
ATOM   1090 C CB  . LYS A 1 137 ? 7.546   0.297   0.302   1.00 26.65 ? 166 LYS A CB  1 
ATOM   1091 C CG  . LYS A 1 137 ? 6.495   -0.029  1.343   1.00 30.41 ? 166 LYS A CG  1 
ATOM   1092 C CD  . LYS A 1 137 ? 6.970   0.077   2.783   1.00 32.19 ? 166 LYS A CD  1 
ATOM   1093 C CE  . LYS A 1 137 ? 7.674   1.377   3.145   1.00 33.89 ? 166 LYS A CE  1 
ATOM   1094 N NZ  . LYS A 1 137 ? 8.023   1.310   4.591   1.00 35.04 ? 166 LYS A NZ  1 
ATOM   1095 N N   . GLY A 1 138 ? 8.070   -1.987  -1.832  1.00 22.47 ? 167 GLY A N   1 
ATOM   1096 C CA  . GLY A 1 138 ? 7.707   -3.188  -2.575  1.00 22.23 ? 167 GLY A CA  1 
ATOM   1097 C C   . GLY A 1 138 ? 8.646   -4.361  -2.302  1.00 22.47 ? 167 GLY A C   1 
ATOM   1098 O O   . GLY A 1 138 ? 8.191   -5.503  -2.185  1.00 22.58 ? 167 GLY A O   1 
ATOM   1099 N N   . GLU A 1 139 ? 9.939   -4.065  -2.167  1.00 22.92 ? 168 GLU A N   1 
ATOM   1100 C CA  . GLU A 1 139 ? 10.976  -5.074  -1.910  1.00 22.38 ? 168 GLU A CA  1 
ATOM   1101 C C   . GLU A 1 139 ? 10.771  -5.712  -0.560  1.00 22.06 ? 168 GLU A C   1 
ATOM   1102 O O   . GLU A 1 139 ? 10.947  -6.916  -0.406  1.00 21.42 ? 168 GLU A O   1 
ATOM   1103 C CB  . GLU A 1 139 ? 12.388  -4.446  -1.897  1.00 25.24 ? 168 GLU A CB  1 
ATOM   1104 C CG  . GLU A 1 139 ? 12.973  -4.132  -3.259  1.00 26.66 ? 168 GLU A CG  1 
ATOM   1105 C CD  . GLU A 1 139 ? 14.213  -3.225  -3.235  1.00 27.92 ? 168 GLU A CD  1 
ATOM   1106 O OE1 . GLU A 1 139 ? 14.728  -2.880  -2.143  1.00 25.30 ? 168 GLU A OE1 1 
ATOM   1107 O OE2 . GLU A 1 139 ? 14.661  -2.832  -4.343  1.00 28.71 ? 168 GLU A OE2 1 
ATOM   1108 N N   . LEU A 1 140 ? 10.431  -4.889  0.427   1.00 20.91 ? 169 LEU A N   1 
ATOM   1109 C CA  . LEU A 1 140 ? 10.241  -5.372  1.778   1.00 22.52 ? 169 LEU A CA  1 
ATOM   1110 C C   . LEU A 1 140 ? 9.032   -6.301  1.844   1.00 20.59 ? 169 LEU A C   1 
ATOM   1111 O O   . LEU A 1 140 ? 9.076   -7.361  2.467   1.00 19.44 ? 169 LEU A O   1 
ATOM   1112 C CB  . LEU A 1 140 ? 10.050  -4.195  2.717   1.00 24.84 ? 169 LEU A CB  1 
ATOM   1113 C CG  . LEU A 1 140 ? 9.851   -4.544  4.183   1.00 28.27 ? 169 LEU A CG  1 
ATOM   1114 C CD1 . LEU A 1 140 ? 11.142  -5.108  4.754   1.00 29.92 ? 169 LEU A CD1 1 
ATOM   1115 C CD2 . LEU A 1 140 ? 9.390   -3.301  4.922   1.00 30.76 ? 169 LEU A CD2 1 
ATOM   1116 N N   . ILE A 1 141 ? 7.950   -5.903  1.194   1.00 20.58 ? 170 ILE A N   1 
ATOM   1117 C CA  . ILE A 1 141 ? 6.771   -6.746  1.171   1.00 20.88 ? 170 ILE A CA  1 
ATOM   1118 C C   . ILE A 1 141 ? 7.093   -8.091  0.504   1.00 20.93 ? 170 ILE A C   1 
ATOM   1119 O O   . ILE A 1 141 ? 6.705   -9.137  1.001   1.00 21.45 ? 170 ILE A O   1 
ATOM   1120 C CB  . ILE A 1 141 ? 5.583   -6.064  0.489   1.00 21.25 ? 170 ILE A CB  1 
ATOM   1121 C CG1 . ILE A 1 141 ? 5.104   -4.869  1.328   1.00 21.85 ? 170 ILE A CG1 1 
ATOM   1122 C CG2 . ILE A 1 141 ? 4.467   -7.075  0.298   1.00 20.81 ? 170 ILE A CG2 1 
ATOM   1123 C CD1 . ILE A 1 141 ? 4.234   -3.911  0.542   1.00 22.10 ? 170 ILE A CD1 1 
ATOM   1124 N N   . LEU A 1 142 ? 7.813   -8.068  -0.605  1.00 21.72 ? 171 LEU A N   1 
ATOM   1125 C CA  . LEU A 1 142 ? 8.233   -9.314  -1.264  1.00 22.46 ? 171 LEU A CA  1 
ATOM   1126 C C   . LEU A 1 142 ? 9.090   -10.174 -0.344  1.00 22.74 ? 171 LEU A C   1 
ATOM   1127 O O   . LEU A 1 142 ? 8.963   -11.391 -0.339  1.00 23.13 ? 171 LEU A O   1 
ATOM   1128 C CB  . LEU A 1 142 ? 9.027   -9.025  -2.532  1.00 23.64 ? 171 LEU A CB  1 
ATOM   1129 C CG  . LEU A 1 142 ? 8.242   -8.668  -3.784  1.00 24.14 ? 171 LEU A CG  1 
ATOM   1130 C CD1 . LEU A 1 142 ? 9.207   -8.230  -4.876  1.00 25.00 ? 171 LEU A CD1 1 
ATOM   1131 C CD2 . LEU A 1 142 ? 7.430   -9.875  -4.232  1.00 26.03 ? 171 LEU A CD2 1 
ATOM   1132 N N   . GLN A 1 143 ? 9.959   -9.551  0.435   1.00 22.58 ? 172 GLN A N   1 
ATOM   1133 C CA  . GLN A 1 143 ? 10.776  -10.317 1.387   1.00 23.51 ? 172 GLN A CA  1 
ATOM   1134 C C   . GLN A 1 143 ? 9.918   -11.017 2.431   1.00 22.90 ? 172 GLN A C   1 
ATOM   1135 O O   . GLN A 1 143 ? 10.192  -12.155 2.811   1.00 22.36 ? 172 GLN A O   1 
ATOM   1136 C CB  . GLN A 1 143 ? 11.771  -9.417  2.113   1.00 25.84 ? 172 GLN A CB  1 
ATOM   1137 C CG  . GLN A 1 143 ? 13.053  -9.122  1.377   1.00 27.76 ? 172 GLN A CG  1 
ATOM   1138 C CD  . GLN A 1 143 ? 13.891  -8.132  2.163   1.00 29.08 ? 172 GLN A CD  1 
ATOM   1139 O OE1 . GLN A 1 143 ? 13.650  -6.930  2.098   1.00 32.36 ? 172 GLN A OE1 1 
ATOM   1140 N NE2 . GLN A 1 143 ? 14.831  -8.631  2.954   1.00 29.67 ? 172 GLN A NE2 1 
ATOM   1141 N N   . TYR A 1 144 ? 8.895   -10.323 2.921   1.00 22.02 ? 173 TYR A N   1 
ATOM   1142 C CA  . TYR A 1 144 ? 7.998   -10.913 3.894   1.00 22.73 ? 173 TYR A CA  1 
ATOM   1143 C C   . TYR A 1 144 ? 7.273   -12.122 3.324   1.00 23.09 ? 173 TYR A C   1 
ATOM   1144 O O   . TYR A 1 144 ? 7.010   -13.064 4.052   1.00 24.58 ? 173 TYR A O   1 
ATOM   1145 C CB  . TYR A 1 144 ? 6.937   -9.910  4.355   1.00 23.21 ? 173 TYR A CB  1 
ATOM   1146 C CG  . TYR A 1 144 ? 7.412   -8.782  5.246   1.00 25.64 ? 173 TYR A CG  1 
ATOM   1147 C CD1 . TYR A 1 144 ? 8.489   -8.938  6.121   1.00 28.01 ? 173 TYR A CD1 1 
ATOM   1148 C CD2 . TYR A 1 144 ? 6.738   -7.569  5.246   1.00 27.74 ? 173 TYR A CD2 1 
ATOM   1149 C CE1 . TYR A 1 144 ? 8.894   -7.896  6.948   1.00 29.61 ? 173 TYR A CE1 1 
ATOM   1150 C CE2 . TYR A 1 144 ? 7.134   -6.534  6.066   1.00 30.64 ? 173 TYR A CE2 1 
ATOM   1151 C CZ  . TYR A 1 144 ? 8.211   -6.703  6.912   1.00 30.35 ? 173 TYR A CZ  1 
ATOM   1152 O OH  . TYR A 1 144 ? 8.593   -5.659  7.721   1.00 34.25 ? 173 TYR A OH  1 
ATOM   1153 N N   . LEU A 1 145 ? 6.937   -12.074 2.036   1.00 21.76 ? 174 LEU A N   1 
ATOM   1154 C CA  . LEU A 1 145 ? 6.245   -13.176 1.371   1.00 23.75 ? 174 LEU A CA  1 
ATOM   1155 C C   . LEU A 1 145 ? 7.216   -14.311 1.038   1.00 25.05 ? 174 LEU A C   1 
ATOM   1156 O O   . LEU A 1 145 ? 6.847   -15.471 1.144   1.00 27.42 ? 174 LEU A O   1 
ATOM   1157 C CB  . LEU A 1 145 ? 5.535   -12.697 0.101   1.00 23.71 ? 174 LEU A CB  1 
ATOM   1158 C CG  . LEU A 1 145 ? 4.402   -11.695 0.312   1.00 23.93 ? 174 LEU A CG  1 
ATOM   1159 C CD1 . LEU A 1 145 ? 3.927   -11.113 -1.009  1.00 24.20 ? 174 LEU A CD1 1 
ATOM   1160 C CD2 . LEU A 1 145 ? 3.231   -12.339 1.034   1.00 24.21 ? 174 LEU A CD2 1 
ATOM   1161 N N   . GLU A 1 146 ? 8.452   -13.969 0.667   1.00 25.80 ? 175 GLU A N   1 
ATOM   1162 C CA  . GLU A 1 146 ? 9.450   -14.972 0.259   1.00 28.46 ? 175 GLU A CA  1 
ATOM   1163 C C   . GLU A 1 146 ? 10.063  -15.696 1.451   1.00 30.40 ? 175 GLU A C   1 
ATOM   1164 O O   . GLU A 1 146 ? 10.392  -16.887 1.360   1.00 29.88 ? 175 GLU A O   1 
ATOM   1165 C CB  . GLU A 1 146 ? 10.570  -14.312 -0.545  1.00 30.51 ? 175 GLU A CB  1 
ATOM   1166 C CG  . GLU A 1 146 ? 10.108  -13.708 -1.860  1.00 32.67 ? 175 GLU A CG  1 
ATOM   1167 C CD  . GLU A 1 146 ? 11.094  -12.718 -2.470  1.00 35.35 ? 175 GLU A CD  1 
ATOM   1168 O OE1 . GLU A 1 146 ? 12.001  -12.200 -1.768  1.00 37.76 ? 175 GLU A OE1 1 
ATOM   1169 O OE2 . GLU A 1 146 ? 10.945  -12.438 -3.676  1.00 36.43 ? 175 GLU A OE2 1 
ATOM   1170 N N   . ASP A 1 147 ? 10.262  -14.973 2.554   1.00 30.46 ? 176 ASP A N   1 
ATOM   1171 C CA  . ASP A 1 147 ? 10.893  -15.561 3.729   1.00 32.74 ? 176 ASP A CA  1 
ATOM   1172 C C   . ASP A 1 147 ? 9.990   -15.502 4.936   1.00 32.21 ? 176 ASP A C   1 
ATOM   1173 O O   . ASP A 1 147 ? 9.950   -14.503 5.656   1.00 30.29 ? 176 ASP A O   1 
ATOM   1174 C CB  . ASP A 1 147 ? 12.208  -14.892 4.073   1.00 34.10 ? 176 ASP A CB  1 
ATOM   1175 C CG  . ASP A 1 147 ? 13.156  -15.840 4.814   1.00 37.08 ? 176 ASP A CG  1 
ATOM   1176 O OD1 . ASP A 1 147 ? 12.689  -16.673 5.634   1.00 37.19 ? 176 ASP A OD1 1 
ATOM   1177 O OD2 . ASP A 1 147 ? 14.373  -15.767 4.556   1.00 38.25 ? 176 ASP A OD2 1 
ATOM   1178 N N   . SER A 1 148 ? 9.286   -16.603 5.153   1.00 32.87 ? 177 SER A N   1 
ATOM   1179 C CA  . SER A 1 148 ? 8.364   -16.732 6.267   1.00 34.03 ? 177 SER A CA  1 
ATOM   1180 C C   . SER A 1 148 ? 9.037   -16.542 7.622   1.00 30.75 ? 177 SER A C   1 
ATOM   1181 O O   . SER A 1 148 ? 8.429   -15.992 8.538   1.00 28.57 ? 177 SER A O   1 
ATOM   1182 C CB  . SER A 1 148 ? 7.673   -18.093 6.213   1.00 37.25 ? 177 SER A CB  1 
ATOM   1183 O OG  . SER A 1 148 ? 6.751   -18.122 5.138   1.00 42.32 ? 177 SER A OG  1 
ATOM   1184 N N   . GLN A 1 149 ? 10.283  -16.977 7.760   1.00 27.86 ? 178 GLN A N   1 
ATOM   1185 C CA  . GLN A 1 149 ? 10.961  -16.863 9.053   1.00 28.94 ? 178 GLN A CA  1 
ATOM   1186 C C   . GLN A 1 149 ? 11.287  -15.428 9.383   1.00 26.68 ? 178 GLN A C   1 
ATOM   1187 O O   . GLN A 1 149 ? 11.215  -15.033 10.539  1.00 26.36 ? 178 GLN A O   1 
ATOM   1188 C CB  . GLN A 1 149 ? 12.231  -17.720 9.085   1.00 32.64 ? 178 GLN A CB  1 
ATOM   1189 C CG  . GLN A 1 149 ? 11.909  -19.195 9.135   1.00 36.09 ? 178 GLN A CG  1 
ATOM   1190 C CD  . GLN A 1 149 ? 11.025  -19.519 10.324  1.00 39.39 ? 178 GLN A CD  1 
ATOM   1191 O OE1 . GLN A 1 149 ? 11.440  -19.337 11.471  1.00 43.08 ? 178 GLN A OE1 1 
ATOM   1192 N NE2 . GLN A 1 149 ? 9.787   -19.946 10.062  1.00 41.72 ? 178 GLN A NE2 1 
ATOM   1193 N N   . PHE A 1 150 ? 11.648  -14.651 8.366   1.00 25.19 ? 179 PHE A N   1 
ATOM   1194 C CA  . PHE A 1 150 ? 11.883  -13.232 8.536   1.00 24.98 ? 179 PHE A CA  1 
ATOM   1195 C C   . PHE A 1 150 ? 10.586  -12.551 8.969   1.00 22.78 ? 179 PHE A C   1 
ATOM   1196 O O   . PHE A 1 150 ? 10.581  -11.800 9.932   1.00 22.33 ? 179 PHE A O   1 
ATOM   1197 C CB  . PHE A 1 150 ? 12.449  -12.640 7.242   1.00 25.65 ? 179 PHE A CB  1 
ATOM   1198 C CG  . PHE A 1 150 ? 12.560  -11.145 7.235   1.00 25.29 ? 179 PHE A CG  1 
ATOM   1199 C CD1 . PHE A 1 150 ? 13.334  -10.480 8.173   1.00 26.50 ? 179 PHE A CD1 1 
ATOM   1200 C CD2 . PHE A 1 150 ? 11.922  -10.401 6.249   1.00 26.26 ? 179 PHE A CD2 1 
ATOM   1201 C CE1 . PHE A 1 150 ? 13.442  -9.100  8.140   1.00 27.07 ? 179 PHE A CE1 1 
ATOM   1202 C CE2 . PHE A 1 150 ? 12.031  -9.021  6.218   1.00 26.63 ? 179 PHE A CE2 1 
ATOM   1203 C CZ  . PHE A 1 150 ? 12.791  -8.370  7.163   1.00 26.47 ? 179 PHE A CZ  1 
ATOM   1204 N N   . LEU A 1 151 ? 9.487   -12.841 8.274   1.00 21.67 ? 180 LEU A N   1 
ATOM   1205 C CA  . LEU A 1 151 ? 8.178   -12.282 8.636   1.00 22.00 ? 180 LEU A CA  1 
ATOM   1206 C C   . LEU A 1 151 ? 7.773   -12.663 10.060  1.00 21.69 ? 180 LEU A C   1 
ATOM   1207 O O   . LEU A 1 151 ? 7.338   -11.808 10.839  1.00 21.45 ? 180 LEU A O   1 
ATOM   1208 C CB  . LEU A 1 151 ? 7.085   -12.751 7.678   1.00 22.09 ? 180 LEU A CB  1 
ATOM   1209 C CG  . LEU A 1 151 ? 5.680   -12.197 7.973   1.00 22.01 ? 180 LEU A CG  1 
ATOM   1210 C CD1 . LEU A 1 151 ? 5.686   -10.685 8.155   1.00 22.84 ? 180 LEU A CD1 1 
ATOM   1211 C CD2 . LEU A 1 151 ? 4.724   -12.575 6.856   1.00 22.46 ? 180 LEU A CD2 1 
ATOM   1212 N N   . LYS A 1 152 ? 7.908   -13.945 10.387  1.00 22.65 ? 181 LYS A N   1 
ATOM   1213 C CA  . LYS A 1 152 ? 7.649   -14.429 11.747  1.00 23.70 ? 181 LYS A CA  1 
ATOM   1214 C C   . LYS A 1 152 ? 8.416   -13.622 12.814  1.00 23.05 ? 181 LYS A C   1 
ATOM   1215 O O   . LYS A 1 152 ? 7.818   -13.172 13.790  1.00 23.55 ? 181 LYS A O   1 
ATOM   1216 C CB  . LYS A 1 152 ? 7.992   -15.920 11.859  1.00 25.21 ? 181 LYS A CB  1 
ATOM   1217 C CG  . LYS A 1 152 ? 7.780   -16.534 13.238  1.00 26.43 ? 181 LYS A CG  1 
ATOM   1218 C CD  . LYS A 1 152 ? 7.878   -18.051 13.159  1.00 28.30 ? 181 LYS A CD  1 
ATOM   1219 C CE  . LYS A 1 152 ? 7.932   -18.693 14.533  1.00 30.66 ? 181 LYS A CE  1 
ATOM   1220 N NZ  . LYS A 1 152 ? 7.836   -20.186 14.441  1.00 32.24 ? 181 LYS A NZ  1 
ATOM   1221 N N   . LYS A 1 153 ? 9.726   -13.437 12.633  1.00 22.53 ? 182 LYS A N   1 
ATOM   1222 C CA  . LYS A 1 153 ? 10.538  -12.700 13.614  1.00 22.45 ? 182 LYS A CA  1 
ATOM   1223 C C   . LYS A 1 153 ? 10.159  -11.236 13.690  1.00 21.76 ? 182 LYS A C   1 
ATOM   1224 O O   . LYS A 1 153 ? 10.114  -10.667 14.781  1.00 21.57 ? 182 LYS A O   1 
ATOM   1225 C CB  . LYS A 1 153 ? 12.040  -12.821 13.314  1.00 24.51 ? 182 LYS A CB  1 
ATOM   1226 C CG  . LYS A 1 153 ? 12.934  -12.326 14.446  1.00 26.94 ? 182 LYS A CG  1 
ATOM   1227 N N   . GLU A 1 154 ? 9.874   -10.613 12.546  1.00 21.04 ? 183 GLU A N   1 
ATOM   1228 C CA  . GLU A 1 154 ? 9.500   -9.201  12.552  1.00 23.53 ? 183 GLU A CA  1 
ATOM   1229 C C   . GLU A 1 154 ? 8.163   -9.005  13.267  1.00 22.23 ? 183 GLU A C   1 
ATOM   1230 O O   . GLU A 1 154 ? 7.980   -8.040  14.010  1.00 22.22 ? 183 GLU A O   1 
ATOM   1231 C CB  . GLU A 1 154 ? 9.456   -8.623  11.136  1.00 26.30 ? 183 GLU A CB  1 
ATOM   1232 C CG  . GLU A 1 154 ? 10.832  -8.535  10.474  1.00 29.33 ? 183 GLU A CG  1 
ATOM   1233 C CD  . GLU A 1 154 ? 11.800  -7.589  11.186  1.00 33.09 ? 183 GLU A CD  1 
ATOM   1234 O OE1 . GLU A 1 154 ? 12.838  -8.053  11.713  1.00 36.89 ? 183 GLU A OE1 1 
ATOM   1235 O OE2 . GLU A 1 154 ? 11.529  -6.375  11.217  1.00 35.81 ? 183 GLU A OE2 1 
ATOM   1236 N N   . ARG A 1 155 ? 7.251   -9.948  13.059  1.00 21.72 ? 184 ARG A N   1 
ATOM   1237 C CA  . ARG A 1 155 ? 5.976   -9.949  13.765  1.00 21.16 ? 184 ARG A CA  1 
ATOM   1238 C C   . ARG A 1 155 ? 6.172   -10.087 15.280  1.00 21.26 ? 184 ARG A C   1 
ATOM   1239 O O   . ARG A 1 155 ? 5.505   -9.425  16.058  1.00 21.00 ? 184 ARG A O   1 
ATOM   1240 C CB  . ARG A 1 155 ? 5.080   -11.054 13.211  1.00 21.14 ? 184 ARG A CB  1 
ATOM   1241 C CG  . ARG A 1 155 ? 4.521   -10.701 11.838  1.00 20.89 ? 184 ARG A CG  1 
ATOM   1242 C CD  . ARG A 1 155 ? 3.816   -11.860 11.166  1.00 21.25 ? 184 ARG A CD  1 
ATOM   1243 N NE  . ARG A 1 155 ? 2.767   -12.406 12.021  1.00 20.56 ? 184 ARG A NE  1 
ATOM   1244 C CZ  . ARG A 1 155 ? 1.585   -11.836 12.250  1.00 21.51 ? 184 ARG A CZ  1 
ATOM   1245 N NH1 . ARG A 1 155 ? 1.233   -10.686 11.681  1.00 21.67 ? 184 ARG A NH1 1 
ATOM   1246 N NH2 . ARG A 1 155 ? 0.733   -12.444 13.062  1.00 22.82 ? 184 ARG A NH2 1 
ATOM   1247 N N   . ALA A 1 156 ? 7.082   -10.957 15.696  1.00 22.05 ? 185 ALA A N   1 
ATOM   1248 C CA  . ALA A 1 156 ? 7.374   -11.105 17.121  1.00 23.49 ? 185 ALA A CA  1 
ATOM   1249 C C   . ALA A 1 156 ? 7.981   -9.811  17.687  1.00 24.62 ? 185 ALA A C   1 
ATOM   1250 O O   . ALA A 1 156 ? 7.556   -9.333  18.747  1.00 25.19 ? 185 ALA A O   1 
ATOM   1251 C CB  . ALA A 1 156 ? 8.295   -12.301 17.360  1.00 24.15 ? 185 ALA A CB  1 
ATOM   1252 N N   . LYS A 1 157 ? 8.942   -9.226  16.970  1.00 24.69 ? 186 LYS A N   1 
ATOM   1253 C CA  . LYS A 1 157 ? 9.575   -7.970  17.397  1.00 27.93 ? 186 LYS A CA  1 
ATOM   1254 C C   . LYS A 1 157 ? 8.555   -6.849  17.505  1.00 27.12 ? 186 LYS A C   1 
ATOM   1255 O O   . LYS A 1 157 ? 8.624   -6.005  18.402  1.00 26.19 ? 186 LYS A O   1 
ATOM   1256 C CB  . LYS A 1 157 ? 10.663  -7.530  16.416  1.00 31.35 ? 186 LYS A CB  1 
ATOM   1257 C CG  . LYS A 1 157 ? 11.968  -8.297  16.496  1.00 35.64 ? 186 LYS A CG  1 
ATOM   1258 C CD  . LYS A 1 157 ? 12.839  -7.879  15.324  1.00 40.48 ? 186 LYS A CD  1 
ATOM   1259 C CE  . LYS A 1 157 ? 14.224  -8.489  15.352  1.00 44.79 ? 186 LYS A CE  1 
ATOM   1260 N NZ  . LYS A 1 157 ? 15.129  -7.658  14.508  1.00 46.59 ? 186 LYS A NZ  1 
ATOM   1261 N N   . ASN A 1 158 ? 7.600   -6.861  16.581  1.00 24.57 ? 187 ASN A N   1 
ATOM   1262 C CA  . ASN A 1 158 ? 6.572   -5.859  16.528  1.00 25.53 ? 187 ASN A CA  1 
ATOM   1263 C C   . ASN A 1 158 ? 5.690   -5.835  17.779  1.00 23.67 ? 187 ASN A C   1 
ATOM   1264 O O   . ASN A 1 158 ? 5.076   -4.818  18.064  1.00 23.38 ? 187 ASN A O   1 
ATOM   1265 C CB  . ASN A 1 158 ? 5.701   -6.078  15.289  1.00 25.99 ? 187 ASN A CB  1 
ATOM   1266 C CG  . ASN A 1 158 ? 4.723   -4.952  15.066  1.00 28.12 ? 187 ASN A CG  1 
ATOM   1267 O OD1 . ASN A 1 158 ? 5.109   -3.856  14.680  1.00 31.37 ? 187 ASN A OD1 1 
ATOM   1268 N ND2 . ASN A 1 158 ? 3.453   -5.212  15.319  1.00 27.84 ? 187 ASN A ND2 1 
ATOM   1269 N N   . LYS A 1 159 ? 5.625   -6.944  18.518  1.00 22.69 ? 188 LYS A N   1 
ATOM   1270 C CA  . LYS A 1 159 ? 4.802   -7.007  19.718  1.00 23.71 ? 188 LYS A CA  1 
ATOM   1271 C C   . LYS A 1 159 ? 5.508   -6.432  20.954  1.00 23.35 ? 188 LYS A C   1 
ATOM   1272 O O   . LYS A 1 159 ? 4.855   -6.214  21.957  1.00 24.13 ? 188 LYS A O   1 
ATOM   1273 C CB  . LYS A 1 159 ? 4.337   -8.456  19.986  1.00 24.60 ? 188 LYS A CB  1 
ATOM   1274 C CG  . LYS A 1 159 ? 3.254   -8.955  19.021  1.00 27.16 ? 188 LYS A CG  1 
ATOM   1275 C CD  . LYS A 1 159 ? 3.075   -10.462 19.104  1.00 29.15 ? 188 LYS A CD  1 
ATOM   1276 C CE  . LYS A 1 159 ? 2.171   -11.041 18.012  1.00 30.03 ? 188 LYS A CE  1 
ATOM   1277 N NZ  . LYS A 1 159 ? 2.240   -12.537 18.129  1.00 31.32 ? 188 LYS A NZ  1 
ATOM   1278 N N   . LYS A 1 160 ? 6.815   -6.161  20.874  1.00 25.45 ? 189 LYS A N   1 
ATOM   1279 C CA  . LYS A 1 160 ? 7.626   -5.815  22.069  1.00 27.81 ? 189 LYS A CA  1 
ATOM   1280 C C   . LYS A 1 160 ? 7.040   -4.719  22.945  1.00 30.98 ? 189 LYS A C   1 
ATOM   1281 O O   . LYS A 1 160 ? 7.121   -4.793  24.175  1.00 35.74 ? 189 LYS A O   1 
ATOM   1282 C CB  . LYS A 1 160 ? 9.055   -5.424  21.659  1.00 26.94 ? 189 LYS A CB  1 
ATOM   1283 N N   . ASN A 1 161 ? 6.455   -3.703  22.318  1.00 32.30 ? 190 ASN A N   1 
ATOM   1284 C CA  . ASN A 1 161 ? 5.807   -2.618  23.048  1.00 34.33 ? 190 ASN A CA  1 
ATOM   1285 C C   . ASN A 1 161 ? 4.314   -2.509  22.704  1.00 35.71 ? 190 ASN A C   1 
ATOM   1286 O O   . ASN A 1 161 ? 3.771   -1.408  22.612  1.00 38.26 ? 190 ASN A O   1 
ATOM   1287 C CB  . ASN A 1 161 ? 6.526   -1.286  22.760  1.00 33.21 ? 190 ASN A CB  1 
ATOM   1288 N N   . ALA A 1 162 ? 3.650   -3.656  22.548  1.00 34.16 ? 191 ALA A N   1 
ATOM   1289 C CA  . ALA A 1 162 ? 2.239   -3.697  22.132  1.00 35.04 ? 191 ALA A CA  1 
ATOM   1290 C C   . ALA A 1 162 ? 1.267   -2.969  23.068  1.00 36.45 ? 191 ALA A C   1 
ATOM   1291 O O   . ALA A 1 162 ? 0.204   -2.526  22.633  1.00 40.10 ? 191 ALA A O   1 
ATOM   1292 C CB  . ALA A 1 162 ? 1.791   -5.137  21.948  1.00 35.03 ? 191 ALA A CB  1 
ATOM   1293 N N   . LEU A 1 163 ? 1.611   -2.859  24.346  1.00 34.49 ? 192 LEU A N   1 
ATOM   1294 C CA  . LEU A 1 163 ? 0.724   -2.217  25.304  1.00 36.02 ? 192 LEU A CA  1 
ATOM   1295 C C   . LEU A 1 163 ? 1.364   -0.920  25.802  1.00 38.12 ? 192 LEU A C   1 
ATOM   1296 O O   . LEU A 1 163 ? 1.481   -0.704  27.003  1.00 42.02 ? 192 LEU A O   1 
ATOM   1297 C CB  . LEU A 1 163 ? 0.426   -3.178  26.462  1.00 35.29 ? 192 LEU A CB  1 
ATOM   1298 C CG  . LEU A 1 163 ? -0.337  -4.447  26.057  1.00 34.89 ? 192 LEU A CG  1 
ATOM   1299 C CD1 . LEU A 1 163 ? -0.251  -5.511  27.137  1.00 34.60 ? 192 LEU A CD1 1 
ATOM   1300 C CD2 . LEU A 1 163 ? -1.780  -4.112  25.737  1.00 35.48 ? 192 LEU A CD2 1 
HETATM 1301 O O   . HOH B 2 .   ? 15.073  -15.995 6.880   1.00 34.81 ? 201 HOH A O   1 
HETATM 1302 O O   . HOH B 2 .   ? 2.853   -8.287  15.500  1.00 29.28 ? 202 HOH A O   1 
HETATM 1303 O O   . HOH B 2 .   ? 5.083   0.215   -13.133 1.00 26.87 ? 203 HOH A O   1 
HETATM 1304 O O   . HOH B 2 .   ? -8.000  -4.545  18.546  1.00 30.22 ? 204 HOH A O   1 
HETATM 1305 O O   . HOH B 2 .   ? -8.907  -10.806 15.265  1.00 33.46 ? 205 HOH A O   1 
HETATM 1306 O O   . HOH B 2 .   ? 13.224  -2.820  -8.841  1.00 25.37 ? 206 HOH A O   1 
HETATM 1307 O O   . HOH B 2 .   ? 8.081   -4.844  -5.380  1.00 23.41 ? 207 HOH A O   1 
HETATM 1308 O O   . HOH B 2 .   ? -8.873  -10.548 -5.766  1.00 27.94 ? 208 HOH A O   1 
HETATM 1309 O O   . HOH B 2 .   ? -0.985  2.155   15.046  1.00 27.98 ? 209 HOH A O   1 
HETATM 1310 O O   . HOH B 2 .   ? 10.384  -20.855 13.424  1.00 42.67 ? 210 HOH A O   1 
HETATM 1311 O O   . HOH B 2 .   ? 8.505   -9.516  21.279  1.00 23.83 ? 211 HOH A O   1 
HETATM 1312 O O   . HOH B 2 .   ? 5.404   -15.230 4.388   1.00 25.62 ? 212 HOH A O   1 
HETATM 1313 O O   . HOH B 2 .   ? 10.167  3.213   1.465   1.00 32.44 ? 213 HOH A O   1 
HETATM 1314 O O   . HOH B 2 .   ? -9.307  -1.943  -10.812 1.00 37.21 ? 214 HOH A O   1 
HETATM 1315 O O   . HOH B 2 .   ? 13.632  -15.713 1.899   1.00 37.15 ? 215 HOH A O   1 
HETATM 1316 O O   . HOH B 2 .   ? 5.729   -14.278 15.236  1.00 21.96 ? 216 HOH A O   1 
HETATM 1317 O O   . HOH B 2 .   ? 3.561   -2.001  13.184  1.00 30.11 ? 217 HOH A O   1 
HETATM 1318 O O   . HOH B 2 .   ? 9.113   -5.528  13.573  1.00 33.86 ? 218 HOH A O   1 
HETATM 1319 O O   . HOH B 2 .   ? 8.302   16.152  -5.139  1.00 34.33 ? 219 HOH A O   1 
HETATM 1320 O O   . HOH B 2 .   ? 4.070   13.158  0.732   1.00 43.30 ? 220 HOH A O   1 
HETATM 1321 O O   . HOH B 2 .   ? 13.843  6.921   -0.983  1.00 37.77 ? 221 HOH A O   1 
HETATM 1322 O O   . HOH B 2 .   ? -11.750 8.620   3.968   1.00 31.73 ? 222 HOH A O   1 
HETATM 1323 O O   . HOH B 2 .   ? 10.361  -3.377  -5.682  1.00 20.07 ? 223 HOH A O   1 
HETATM 1324 O O   . HOH B 2 .   ? 14.058  -2.102  0.488   1.00 35.60 ? 224 HOH A O   1 
HETATM 1325 O O   . HOH B 2 .   ? -6.415  -18.608 12.673  1.00 32.43 ? 225 HOH A O   1 
HETATM 1326 O O   . HOH B 2 .   ? -2.996  -8.578  16.742  0.70 38.73 ? 226 HOH A O   1 
HETATM 1327 O O   . HOH B 2 .   ? -2.445  -18.111 2.425   1.00 42.50 ? 227 HOH A O   1 
HETATM 1328 O O   . HOH B 2 .   ? 5.475   3.109   -13.573 1.00 22.90 ? 228 HOH A O   1 
HETATM 1329 O O   . HOH B 2 .   ? -0.247  -17.826 9.554   1.00 27.06 ? 229 HOH A O   1 
HETATM 1330 O O   . HOH B 2 .   ? -6.077  -15.013 12.419  1.00 25.02 ? 230 HOH A O   1 
HETATM 1331 O O   . HOH B 2 .   ? -5.670  -20.108 7.739   1.00 34.88 ? 231 HOH A O   1 
HETATM 1332 O O   . HOH B 2 .   ? -7.855  5.414   8.821   1.00 23.38 ? 232 HOH A O   1 
HETATM 1333 O O   . HOH B 2 .   ? 3.665   -14.887 13.324  1.00 32.41 ? 233 HOH A O   1 
HETATM 1334 O O   . HOH B 2 .   ? 3.619   11.240  4.836   1.00 36.31 ? 234 HOH A O   1 
HETATM 1335 O O   . HOH B 2 .   ? 2.546   5.857   11.155  1.00 36.07 ? 235 HOH A O   1 
HETATM 1336 O O   . HOH B 2 .   ? -1.524  -5.789  16.478  0.50 28.38 ? 236 HOH A O   1 
HETATM 1337 O O   . HOH B 2 .   ? -6.086  -1.816  15.677  1.00 30.12 ? 237 HOH A O   1 
HETATM 1338 O O   . HOH B 2 .   ? -4.664  10.857  13.531  1.00 30.46 ? 238 HOH A O   1 
HETATM 1339 O O   . HOH B 2 .   ? -0.241  -17.871 3.754   1.00 32.70 ? 239 HOH A O   1 
HETATM 1340 O O   . HOH B 2 .   ? -7.326  -4.181  15.871  1.00 24.26 ? 240 HOH A O   1 
HETATM 1341 O O   . HOH B 2 .   ? -9.904  -12.123 8.332   1.00 29.90 ? 241 HOH A O   1 
HETATM 1342 O O   . HOH B 2 .   ? -2.589  9.405   5.116   1.00 31.96 ? 242 HOH A O   1 
HETATM 1343 O O   . HOH B 2 .   ? 5.122   -3.833  26.252  0.50 30.54 ? 243 HOH A O   1 
HETATM 1344 O O   . HOH B 2 .   ? -16.818 -1.933  6.871   1.00 30.50 ? 244 HOH A O   1 
HETATM 1345 O O   . HOH B 2 .   ? -9.998  2.326   -5.869  0.80 37.37 ? 245 HOH A O   1 
HETATM 1346 O O   . HOH B 2 .   ? 14.018  0.159   -13.970 1.00 28.62 ? 246 HOH A O   1 
HETATM 1347 O O   . HOH B 2 .   ? 3.084   11.139  -9.357  1.00 28.89 ? 247 HOH A O   1 
HETATM 1348 O O   . HOH B 2 .   ? 5.271   -16.217 9.074   1.00 35.16 ? 248 HOH A O   1 
HETATM 1349 O O   . HOH B 2 .   ? 0.551   11.763  -11.820 1.00 36.25 ? 249 HOH A O   1 
HETATM 1350 O O   . HOH B 2 .   ? -8.731  12.145  4.852   1.00 30.27 ? 250 HOH A O   1 
HETATM 1351 O O   . HOH B 2 .   ? -6.180  -17.739 3.451   1.00 38.37 ? 251 HOH A O   1 
HETATM 1352 O O   . HOH B 2 .   ? 3.276   11.787  -19.233 1.00 38.99 ? 252 HOH A O   1 
HETATM 1353 O O   . HOH B 2 .   ? -7.636  20.317  -21.479 1.00 35.93 ? 253 HOH A O   1 
HETATM 1354 O O   . HOH B 2 .   ? -17.752 -3.455  -1.984  1.00 36.25 ? 254 HOH A O   1 
HETATM 1355 O O   . HOH B 2 .   ? 3.852   8.898   -10.049 1.00 26.13 ? 255 HOH A O   1 
HETATM 1356 O O   . HOH B 2 .   ? 4.887   16.104  -4.513  1.00 31.02 ? 256 HOH A O   1 
HETATM 1357 O O   . HOH B 2 .   ? -10.823 11.641  6.671   1.00 45.31 ? 257 HOH A O   1 
HETATM 1358 O O   . HOH B 2 .   ? 1.293   2.254   25.050  1.00 48.11 ? 258 HOH A O   1 
HETATM 1359 O O   . HOH B 2 .   ? 9.821   8.647   -0.399  1.00 36.68 ? 259 HOH A O   1 
HETATM 1360 O O   . HOH B 2 .   ? 11.083  0.252   3.050   1.00 36.58 ? 260 HOH A O   1 
HETATM 1361 O O   . HOH B 2 .   ? 12.264  -4.467  -15.993 1.00 37.23 ? 261 HOH A O   1 
HETATM 1362 O O   . HOH B 2 .   ? 1.314   16.233  -27.627 1.00 37.67 ? 262 HOH A O   1 
HETATM 1363 O O   . HOH B 2 .   ? -8.472  7.442   12.370  1.00 31.28 ? 263 HOH A O   1 
HETATM 1364 O O   . HOH B 2 .   ? 3.566   7.081   3.289   0.70 35.94 ? 264 HOH A O   1 
HETATM 1365 O O   . HOH B 2 .   ? -1.369  9.467   15.976  1.00 21.77 ? 265 HOH A O   1 
HETATM 1366 O O   . HOH B 2 .   ? -2.834  18.288  -15.545 0.50 36.93 ? 266 HOH A O   1 
HETATM 1367 O O   . HOH B 2 .   ? -11.393 -11.100 15.043  0.50 32.44 ? 267 HOH A O   1 
HETATM 1368 O O   . HOH B 2 .   ? -15.491 -5.289  18.016  1.00 34.49 ? 268 HOH A O   1 
HETATM 1369 O O   . HOH B 2 .   ? 4.114   0.025   9.181   0.50 41.38 ? 269 HOH A O   1 
HETATM 1370 O O   . HOH B 2 .   ? 3.944   -18.824 14.908  1.00 34.22 ? 270 HOH A O   1 
HETATM 1371 O O   . HOH B 2 .   ? -1.945  11.813  -12.268 1.00 40.17 ? 271 HOH A O   1 
HETATM 1372 O O   . HOH B 2 .   ? 2.393   0.130   -14.256 1.00 45.79 ? 272 HOH A O   1 
HETATM 1373 O O   . HOH B 2 .   ? 12.521  -1.618  -15.303 1.00 42.93 ? 273 HOH A O   1 
# 
loop_
_pdbx_poly_seq_scheme.asym_id 
_pdbx_poly_seq_scheme.entity_id 
_pdbx_poly_seq_scheme.seq_id 
_pdbx_poly_seq_scheme.mon_id 
_pdbx_poly_seq_scheme.ndb_seq_num 
_pdbx_poly_seq_scheme.pdb_seq_num 
_pdbx_poly_seq_scheme.auth_seq_num 
_pdbx_poly_seq_scheme.pdb_mon_id 
_pdbx_poly_seq_scheme.auth_mon_id 
_pdbx_poly_seq_scheme.pdb_strand_id 
_pdbx_poly_seq_scheme.pdb_ins_code 
_pdbx_poly_seq_scheme.hetero 
A 1 1   SER 1   30  30  SER SER A . n 
A 1 2   GLU 2   31  31  GLU GLU A . n 
A 1 3   PRO 3   32  32  PRO PRO A . n 
A 1 4   TYR 4   33  33  TYR TYR A . n 
A 1 5   GLN 5   34  34  GLN GLN A . n 
A 1 6   ILE 6   35  35  ILE ILE A . n 
A 1 7   ASP 7   36  36  ASP ASP A . n 
A 1 8   ILE 8   37  37  ILE ILE A . n 
A 1 9   ARG 9   38  38  ARG ARG A . n 
A 1 10  ARG 10  39  39  ARG ARG A . n 
A 1 11  ALA 11  40  40  ALA ALA A . n 
A 1 12  THR 12  41  41  THR THR A . n 
A 1 13  ASN 13  42  42  ASN ASN A . n 
A 1 14  THR 14  43  43  THR THR A . n 
A 1 15  ASP 15  44  44  ASP ASP A . n 
A 1 16  ALA 16  45  45  ALA ALA A . n 
A 1 17  TRP 17  46  46  TRP TRP A . n 
A 1 18  GLY 18  47  47  GLY GLY A . n 
A 1 19  PRO 19  48  48  PRO PRO A . n 
A 1 20  THR 20  49  49  THR THR A . n 
A 1 21  PRO 21  50  50  PRO PRO A . n 
A 1 22  LYS 22  51  51  LYS LYS A . n 
A 1 23  HIS 23  52  52  HIS HIS A . n 
A 1 24  LEU 24  53  53  LEU LEU A . n 
A 1 25  ALA 25  54  54  ALA ALA A . n 
A 1 26  LYS 26  55  55  LYS LYS A . n 
A 1 27  VAL 27  56  56  VAL VAL A . n 
A 1 28  LEU 28  57  57  LEU LEU A . n 
A 1 29  ARG 29  58  58  ARG ARG A . n 
A 1 30  ASN 30  59  59  ASN ASN A . n 
A 1 31  ARG 31  60  60  ARG ARG A . n 
A 1 32  TYR 32  61  61  TYR TYR A . n 
A 1 33  GLN 33  62  62  GLN GLN A . n 
A 1 34  VAL 34  63  63  VAL VAL A . n 
A 1 35  PRO 35  64  64  PRO PRO A . n 
A 1 36  LEU 36  65  65  LEU LEU A . n 
A 1 37  TYR 37  66  66  TYR TYR A . n 
A 1 38  LEU 38  67  67  LEU LEU A . n 
A 1 39  MET 39  68  68  MET MET A . n 
A 1 40  THR 40  69  69  THR THR A . n 
A 1 41  GLU 41  70  70  GLU GLU A . n 
A 1 42  TYR 42  71  71  TYR TYR A . n 
A 1 43  THR 43  72  72  THR THR A . n 
A 1 44  LEU 44  73  73  LEU LEU A . n 
A 1 45  LYS 45  74  74  LYS LYS A . n 
A 1 46  ARG 46  75  75  ARG ARG A . n 
A 1 47  LEU 47  76  76  LEU LEU A . n 
A 1 48  VAL 48  77  77  VAL VAL A . n 
A 1 49  ASP 49  78  78  ASP ASP A . n 
A 1 50  HIS 50  79  79  HIS HIS A . n 
A 1 51  ILE 51  80  80  ILE ILE A . n 
A 1 52  ALA 52  81  81  ALA ALA A . n 
A 1 53  THR 53  82  82  THR THR A . n 
A 1 54  ARG 54  83  83  ARG ARG A . n 
A 1 55  PRO 55  84  84  PRO PRO A . n 
A 1 56  LYS 56  85  85  LYS LYS A . n 
A 1 57  ASN 57  86  86  ASN ASN A . n 
A 1 58  LEU 58  87  87  LEU LEU A . n 
A 1 59  TYR 59  88  88  TYR TYR A . n 
A 1 60  GLU 60  89  89  GLU GLU A . n 
A 1 61  LYS 61  90  90  LYS LYS A . n 
A 1 62  ALA 62  91  91  ALA ALA A . n 
A 1 63  ARG 63  92  92  ARG ARG A . n 
A 1 64  LYS 64  93  93  LYS LYS A . n 
A 1 65  ASP 65  94  94  ASP ASP A . n 
A 1 66  TYR 66  95  95  TYR TYR A . n 
A 1 67  VAL 67  96  96  VAL VAL A . n 
A 1 68  ASN 68  97  97  ASN ASN A . n 
A 1 69  TYR 69  98  98  TYR TYR A . n 
A 1 70  GLY 70  99  99  GLY GLY A . n 
A 1 71  SER 71  100 100 SER SER A . n 
A 1 72  GLU 72  101 101 GLU GLU A . n 
A 1 73  TRP 73  102 102 TRP TRP A . n 
A 1 74  ARG 74  103 103 ARG ARG A . n 
A 1 75  VAL 75  104 104 VAL VAL A . n 
A 1 76  VAL 76  105 105 VAL VAL A . n 
A 1 77  LEU 77  106 106 LEU LEU A . n 
A 1 78  LYS 78  107 107 LYS LYS A . n 
A 1 79  CYS 79  108 108 CYS CYS A . n 
A 1 80  LEU 80  109 109 LEU LEU A . n 
A 1 81  VAL 81  110 110 VAL VAL A . n 
A 1 82  VAL 82  111 111 VAL VAL A . n 
A 1 83  ILE 83  112 112 ILE ILE A . n 
A 1 84  GLU 84  113 113 GLU GLU A . n 
A 1 85  PHE 85  114 114 PHE PHE A . n 
A 1 86  LEU 86  115 115 LEU LEU A . n 
A 1 87  LEU 87  116 116 LEU LEU A . n 
A 1 88  LEU 88  117 117 LEU LEU A . n 
A 1 89  ASN 89  118 118 ASN ASN A . n 
A 1 90  VAL 90  119 119 VAL VAL A . n 
A 1 91  ASP 91  120 120 ASP ASP A . n 
A 1 92  THR 92  121 121 THR THR A . n 
A 1 93  GLY 93  122 122 GLY GLY A . n 
A 1 94  ASP 94  123 123 ASP ASP A . n 
A 1 95  GLU 95  124 124 GLU GLU A . n 
A 1 96  LEU 96  125 125 LEU LEU A . n 
A 1 97  ASN 97  126 126 ASN ASN A . n 
A 1 98  GLN 98  127 127 GLN GLN A . n 
A 1 99  ILE 99  128 128 ILE ILE A . n 
A 1 100 ARG 100 129 129 ARG ARG A . n 
A 1 101 SER 101 130 130 SER SER A . n 
A 1 102 CYS 102 131 131 CYS CYS A . n 
A 1 103 LEU 103 132 132 LEU LEU A . n 
A 1 104 LEU 104 133 133 LEU LEU A . n 
A 1 105 THR 105 134 134 THR THR A . n 
A 1 106 HIS 106 135 135 HIS HIS A . n 
A 1 107 LYS 107 136 136 LYS LYS A . n 
A 1 108 HIS 108 137 137 HIS HIS A . n 
A 1 109 ILE 109 138 138 ILE ILE A . n 
A 1 110 LEU 110 139 139 LEU LEU A . n 
A 1 111 THR 111 140 140 THR THR A . n 
A 1 112 ARG 112 141 141 ARG ARG A . n 
A 1 113 GLU 113 142 142 GLU GLU A . n 
A 1 114 ILE 114 143 143 ILE ILE A . n 
A 1 115 ALA 115 144 144 ALA ALA A . n 
A 1 116 GLN 116 145 145 GLN GLN A . n 
A 1 117 PHE 117 146 146 PHE PHE A . n 
A 1 118 LYS 118 147 147 LYS LYS A . n 
A 1 119 VAL 119 148 148 VAL VAL A . n 
A 1 120 LYS 120 149 149 LYS LYS A . n 
A 1 121 PHE 121 150 150 PHE PHE A . n 
A 1 122 SER 122 151 151 SER SER A . n 
A 1 123 ASN 123 152 152 ASN ASN A . n 
A 1 124 ASP 124 153 153 ASP ASP A . n 
A 1 125 GLY 125 154 154 GLY GLY A . n 
A 1 126 LYS 126 155 155 LYS LYS A . n 
A 1 127 MET 127 156 156 MET MET A . n 
A 1 128 GLU 128 157 157 GLU GLU A . n 
A 1 129 ILE 129 158 158 ILE ILE A . n 
A 1 130 HIS 130 159 159 HIS HIS A . n 
A 1 131 GLU 131 160 160 GLU GLU A . n 
A 1 132 ARG 132 161 161 ARG ARG A . n 
A 1 133 GLY 133 162 162 GLY GLY A . n 
A 1 134 ILE 134 163 163 ILE ILE A . n 
A 1 135 ARG 135 164 164 ARG ARG A . n 
A 1 136 LYS 136 165 165 LYS LYS A . n 
A 1 137 LYS 137 166 166 LYS LYS A . n 
A 1 138 GLY 138 167 167 GLY GLY A . n 
A 1 139 GLU 139 168 168 GLU GLU A . n 
A 1 140 LEU 140 169 169 LEU LEU A . n 
A 1 141 ILE 141 170 170 ILE ILE A . n 
A 1 142 LEU 142 171 171 LEU LEU A . n 
A 1 143 GLN 143 172 172 GLN GLN A . n 
A 1 144 TYR 144 173 173 TYR TYR A . n 
A 1 145 LEU 145 174 174 LEU LEU A . n 
A 1 146 GLU 146 175 175 GLU GLU A . n 
A 1 147 ASP 147 176 176 ASP ASP A . n 
A 1 148 SER 148 177 177 SER SER A . n 
A 1 149 GLN 149 178 178 GLN GLN A . n 
A 1 150 PHE 150 179 179 PHE PHE A . n 
A 1 151 LEU 151 180 180 LEU LEU A . n 
A 1 152 LYS 152 181 181 LYS LYS A . n 
A 1 153 LYS 153 182 182 LYS LYS A . n 
A 1 154 GLU 154 183 183 GLU GLU A . n 
A 1 155 ARG 155 184 184 ARG ARG A . n 
A 1 156 ALA 156 185 185 ALA ALA A . n 
A 1 157 LYS 157 186 186 LYS LYS A . n 
A 1 158 ASN 158 187 187 ASN ASN A . n 
A 1 159 LYS 159 188 188 LYS LYS A . n 
A 1 160 LYS 160 189 189 LYS LYS A . n 
A 1 161 ASN 161 190 190 ASN ASN A . n 
A 1 162 ALA 162 191 191 ALA ALA A . n 
A 1 163 LEU 163 192 192 LEU LEU A . n 
A 1 164 GLU 164 193 ?   ?   ?   A . n 
A 1 165 HIS 165 194 ?   ?   ?   A . n 
A 1 166 HIS 166 195 ?   ?   ?   A . n 
A 1 167 HIS 167 196 ?   ?   ?   A . n 
A 1 168 HIS 168 197 ?   ?   ?   A . n 
A 1 169 HIS 169 198 ?   ?   ?   A . n 
A 1 170 HIS 170 199 ?   ?   ?   A . n 
# 
loop_
_pdbx_nonpoly_scheme.asym_id 
_pdbx_nonpoly_scheme.entity_id 
_pdbx_nonpoly_scheme.mon_id 
_pdbx_nonpoly_scheme.ndb_seq_num 
_pdbx_nonpoly_scheme.pdb_seq_num 
_pdbx_nonpoly_scheme.auth_seq_num 
_pdbx_nonpoly_scheme.pdb_mon_id 
_pdbx_nonpoly_scheme.auth_mon_id 
_pdbx_nonpoly_scheme.pdb_strand_id 
_pdbx_nonpoly_scheme.pdb_ins_code 
B 2 HOH 1  201 49 HOH HOH A . 
B 2 HOH 2  202 12 HOH HOH A . 
B 2 HOH 3  203 63 HOH HOH A . 
B 2 HOH 4  204 5  HOH HOH A . 
B 2 HOH 5  205 1  HOH HOH A . 
B 2 HOH 6  206 18 HOH HOH A . 
B 2 HOH 7  207 6  HOH HOH A . 
B 2 HOH 8  208 20 HOH HOH A . 
B 2 HOH 9  209 23 HOH HOH A . 
B 2 HOH 10 210 71 HOH HOH A . 
B 2 HOH 11 211 13 HOH HOH A . 
B 2 HOH 12 212 22 HOH HOH A . 
B 2 HOH 13 213 26 HOH HOH A . 
B 2 HOH 14 214 39 HOH HOH A . 
B 2 HOH 15 215 25 HOH HOH A . 
B 2 HOH 16 216 9  HOH HOH A . 
B 2 HOH 17 217 24 HOH HOH A . 
B 2 HOH 18 218 72 HOH HOH A . 
B 2 HOH 19 219 46 HOH HOH A . 
B 2 HOH 20 220 67 HOH HOH A . 
B 2 HOH 21 221 65 HOH HOH A . 
B 2 HOH 22 222 17 HOH HOH A . 
B 2 HOH 23 223 3  HOH HOH A . 
B 2 HOH 24 224 31 HOH HOH A . 
B 2 HOH 25 225 35 HOH HOH A . 
B 2 HOH 26 226 75 HOH HOH A . 
B 2 HOH 27 227 27 HOH HOH A . 
B 2 HOH 28 228 44 HOH HOH A . 
B 2 HOH 29 229 7  HOH HOH A . 
B 2 HOH 30 230 58 HOH HOH A . 
B 2 HOH 31 231 16 HOH HOH A . 
B 2 HOH 32 232 2  HOH HOH A . 
B 2 HOH 33 233 28 HOH HOH A . 
B 2 HOH 34 234 14 HOH HOH A . 
B 2 HOH 35 235 37 HOH HOH A . 
B 2 HOH 36 236 74 HOH HOH A . 
B 2 HOH 37 237 36 HOH HOH A . 
B 2 HOH 38 238 21 HOH HOH A . 
B 2 HOH 39 239 40 HOH HOH A . 
B 2 HOH 40 240 33 HOH HOH A . 
B 2 HOH 41 241 70 HOH HOH A . 
B 2 HOH 42 242 38 HOH HOH A . 
B 2 HOH 43 243 19 HOH HOH A . 
B 2 HOH 44 244 57 HOH HOH A . 
B 2 HOH 45 245 32 HOH HOH A . 
B 2 HOH 46 246 54 HOH HOH A . 
B 2 HOH 47 247 4  HOH HOH A . 
B 2 HOH 48 248 11 HOH HOH A . 
B 2 HOH 49 249 42 HOH HOH A . 
B 2 HOH 50 250 10 HOH HOH A . 
B 2 HOH 51 251 41 HOH HOH A . 
B 2 HOH 52 252 45 HOH HOH A . 
B 2 HOH 53 253 60 HOH HOH A . 
B 2 HOH 54 254 15 HOH HOH A . 
B 2 HOH 55 255 43 HOH HOH A . 
B 2 HOH 56 256 8  HOH HOH A . 
B 2 HOH 57 257 69 HOH HOH A . 
B 2 HOH 58 258 59 HOH HOH A . 
B 2 HOH 59 259 47 HOH HOH A . 
B 2 HOH 60 260 48 HOH HOH A . 
B 2 HOH 61 261 53 HOH HOH A . 
B 2 HOH 62 262 68 HOH HOH A . 
B 2 HOH 63 263 61 HOH HOH A . 
B 2 HOH 64 264 56 HOH HOH A . 
B 2 HOH 65 265 62 HOH HOH A . 
B 2 HOH 66 266 30 HOH HOH A . 
B 2 HOH 67 267 73 HOH HOH A . 
B 2 HOH 68 268 51 HOH HOH A . 
B 2 HOH 69 269 66 HOH HOH A . 
B 2 HOH 70 270 52 HOH HOH A . 
B 2 HOH 71 271 34 HOH HOH A . 
B 2 HOH 72 272 64 HOH HOH A . 
B 2 HOH 73 273 55 HOH HOH A . 
# 
_pdbx_struct_assembly.id                   1 
_pdbx_struct_assembly.details              author_and_software_defined_assembly 
_pdbx_struct_assembly.method_details       PISA 
_pdbx_struct_assembly.oligomeric_details   monomeric 
_pdbx_struct_assembly.oligomeric_count     1 
# 
_pdbx_struct_assembly_gen.assembly_id       1 
_pdbx_struct_assembly_gen.oper_expression   1 
_pdbx_struct_assembly_gen.asym_id_list      A,B 
# 
loop_
_pdbx_struct_assembly_prop.biol_id 
_pdbx_struct_assembly_prop.type 
_pdbx_struct_assembly_prop.value 
_pdbx_struct_assembly_prop.details 
1 'ABSA (A^2)' 0    ? 
1 MORE         0    ? 
1 'SSA (A^2)'  9350 ? 
# 
_pdbx_struct_oper_list.id                   1 
_pdbx_struct_oper_list.type                 'identity operation' 
_pdbx_struct_oper_list.name                 1_555 
_pdbx_struct_oper_list.symmetry_operation   x,y,z 
_pdbx_struct_oper_list.matrix[1][1]         1.0000000000 
_pdbx_struct_oper_list.matrix[1][2]         0.0000000000 
_pdbx_struct_oper_list.matrix[1][3]         0.0000000000 
_pdbx_struct_oper_list.vector[1]            0.0000000000 
_pdbx_struct_oper_list.matrix[2][1]         0.0000000000 
_pdbx_struct_oper_list.matrix[2][2]         1.0000000000 
_pdbx_struct_oper_list.matrix[2][3]         0.0000000000 
_pdbx_struct_oper_list.vector[2]            0.0000000000 
_pdbx_struct_oper_list.matrix[3][1]         0.0000000000 
_pdbx_struct_oper_list.matrix[3][2]         0.0000000000 
_pdbx_struct_oper_list.matrix[3][3]         1.0000000000 
_pdbx_struct_oper_list.vector[3]            0.0000000000 
# 
loop_
_pdbx_audit_revision_history.ordinal 
_pdbx_audit_revision_history.data_content_type 
_pdbx_audit_revision_history.major_revision 
_pdbx_audit_revision_history.minor_revision 
_pdbx_audit_revision_history.revision_date 
1 'Structure model' 1 0 2016-10-05 
2 'Structure model' 1 1 2023-11-08 
# 
_pdbx_audit_revision_details.ordinal             1 
_pdbx_audit_revision_details.revision_ordinal    1 
_pdbx_audit_revision_details.data_content_type   'Structure model' 
_pdbx_audit_revision_details.provider            repository 
_pdbx_audit_revision_details.type                'Initial release' 
_pdbx_audit_revision_details.description         ? 
_pdbx_audit_revision_details.details             ? 
# 
loop_
_pdbx_audit_revision_group.ordinal 
_pdbx_audit_revision_group.revision_ordinal 
_pdbx_audit_revision_group.data_content_type 
_pdbx_audit_revision_group.group 
1 2 'Structure model' 'Data collection'        
2 2 'Structure model' 'Database references'    
3 2 'Structure model' 'Derived calculations'   
4 2 'Structure model' 'Refinement description' 
# 
loop_
_pdbx_audit_revision_category.ordinal 
_pdbx_audit_revision_category.revision_ordinal 
_pdbx_audit_revision_category.data_content_type 
_pdbx_audit_revision_category.category 
1 2 'Structure model' chem_comp_atom                
2 2 'Structure model' chem_comp_bond                
3 2 'Structure model' citation                      
4 2 'Structure model' database_2                    
5 2 'Structure model' pdbx_initial_refinement_model 
6 2 'Structure model' pdbx_struct_oper_list         
# 
loop_
_pdbx_audit_revision_item.ordinal 
_pdbx_audit_revision_item.revision_ordinal 
_pdbx_audit_revision_item.data_content_type 
_pdbx_audit_revision_item.item 
1 2 'Structure model' '_citation.journal_id_CSD'                  
2 2 'Structure model' '_database_2.pdbx_DOI'                      
3 2 'Structure model' '_database_2.pdbx_database_accession'       
4 2 'Structure model' '_pdbx_struct_oper_list.symmetry_operation' 
# 
loop_
_software.citation_id 
_software.classification 
_software.compiler_name 
_software.compiler_version 
_software.contact_author 
_software.contact_author_email 
_software.date 
_software.description 
_software.dependencies 
_software.hardware 
_software.language 
_software.location 
_software.mods 
_software.name 
_software.os 
_software.os_version 
_software.type 
_software.version 
_software.pdbx_ordinal 
? refinement     ? ? ? ? ? ? ? ? ? ? ? REFMAC   ? ? ? 5.7.0032 1 
? 'data scaling' ? ? ? ? ? ? ? ? ? ? ? HKL-2000 ? ? ? .        2 
# 
loop_
_pdbx_validate_torsion.id 
_pdbx_validate_torsion.PDB_model_num 
_pdbx_validate_torsion.auth_comp_id 
_pdbx_validate_torsion.auth_asym_id 
_pdbx_validate_torsion.auth_seq_id 
_pdbx_validate_torsion.PDB_ins_code 
_pdbx_validate_torsion.label_alt_id 
_pdbx_validate_torsion.phi 
_pdbx_validate_torsion.psi 
1 1 TYR A 95  ? ? 60.66   65.00  
2 1 ARG A 141 ? ? -122.20 -62.08 
3 1 LYS A 155 ? ? -103.47 41.56  
# 
loop_
_pdbx_unobs_or_zero_occ_atoms.id 
_pdbx_unobs_or_zero_occ_atoms.PDB_model_num 
_pdbx_unobs_or_zero_occ_atoms.polymer_flag 
_pdbx_unobs_or_zero_occ_atoms.occupancy_flag 
_pdbx_unobs_or_zero_occ_atoms.auth_asym_id 
_pdbx_unobs_or_zero_occ_atoms.auth_comp_id 
_pdbx_unobs_or_zero_occ_atoms.auth_seq_id 
_pdbx_unobs_or_zero_occ_atoms.PDB_ins_code 
_pdbx_unobs_or_zero_occ_atoms.auth_atom_id 
_pdbx_unobs_or_zero_occ_atoms.label_alt_id 
_pdbx_unobs_or_zero_occ_atoms.label_asym_id 
_pdbx_unobs_or_zero_occ_atoms.label_comp_id 
_pdbx_unobs_or_zero_occ_atoms.label_seq_id 
_pdbx_unobs_or_zero_occ_atoms.label_atom_id 
1  1 Y 1 A SER 30  ? OG  ? A SER 1   OG  
2  1 Y 1 A ARG 38  ? CG  ? A ARG 9   CG  
3  1 Y 1 A ARG 38  ? CD  ? A ARG 9   CD  
4  1 Y 1 A ARG 38  ? NE  ? A ARG 9   NE  
5  1 Y 1 A ARG 38  ? CZ  ? A ARG 9   CZ  
6  1 Y 1 A ARG 38  ? NH1 ? A ARG 9   NH1 
7  1 Y 1 A ARG 38  ? NH2 ? A ARG 9   NH2 
8  1 Y 1 A ASP 44  ? CG  ? A ASP 15  CG  
9  1 Y 1 A ASP 44  ? OD1 ? A ASP 15  OD1 
10 1 Y 1 A ASP 44  ? OD2 ? A ASP 15  OD2 
11 1 Y 1 A ARG 58  ? NE  ? A ARG 29  NE  
12 1 Y 1 A ARG 58  ? CZ  ? A ARG 29  CZ  
13 1 Y 1 A ARG 58  ? NH1 ? A ARG 29  NH1 
14 1 Y 1 A ARG 58  ? NH2 ? A ARG 29  NH2 
15 1 Y 1 A LYS 85  ? CG  ? A LYS 56  CG  
16 1 Y 1 A LYS 85  ? CD  ? A LYS 56  CD  
17 1 Y 1 A LYS 85  ? CE  ? A LYS 56  CE  
18 1 Y 1 A LYS 85  ? NZ  ? A LYS 56  NZ  
19 1 Y 1 A LEU 87  ? CG  ? A LEU 58  CG  
20 1 Y 1 A LEU 87  ? CD1 ? A LEU 58  CD1 
21 1 Y 1 A LEU 87  ? CD2 ? A LEU 58  CD2 
22 1 Y 1 A LYS 90  ? CG  ? A LYS 61  CG  
23 1 Y 1 A LYS 90  ? CD  ? A LYS 61  CD  
24 1 Y 1 A LYS 90  ? CE  ? A LYS 61  CE  
25 1 Y 1 A LYS 90  ? NZ  ? A LYS 61  NZ  
26 1 Y 1 A ASP 94  ? CG  ? A ASP 65  CG  
27 1 Y 1 A ASP 94  ? OD1 ? A ASP 65  OD1 
28 1 Y 1 A ASP 94  ? OD2 ? A ASP 65  OD2 
29 1 Y 1 A TYR 95  ? CG  ? A TYR 66  CG  
30 1 Y 1 A TYR 95  ? CD1 ? A TYR 66  CD1 
31 1 Y 1 A TYR 95  ? CD2 ? A TYR 66  CD2 
32 1 Y 1 A TYR 95  ? CE1 ? A TYR 66  CE1 
33 1 Y 1 A TYR 95  ? CE2 ? A TYR 66  CE2 
34 1 Y 1 A TYR 95  ? CZ  ? A TYR 66  CZ  
35 1 Y 1 A TYR 95  ? OH  ? A TYR 66  OH  
36 1 Y 1 A VAL 96  ? CG1 ? A VAL 67  CG1 
37 1 Y 1 A VAL 96  ? CG2 ? A VAL 67  CG2 
38 1 Y 1 A ASN 97  ? CG  ? A ASN 68  CG  
39 1 Y 1 A ASN 97  ? OD1 ? A ASN 68  OD1 
40 1 Y 1 A ASN 97  ? ND2 ? A ASN 68  ND2 
41 1 Y 1 A GLU 142 ? CG  ? A GLU 113 CG  
42 1 Y 1 A GLU 142 ? CD  ? A GLU 113 CD  
43 1 Y 1 A GLU 142 ? OE1 ? A GLU 113 OE1 
44 1 Y 1 A GLU 142 ? OE2 ? A GLU 113 OE2 
45 1 Y 1 A LYS 149 ? CG  ? A LYS 120 CG  
46 1 Y 1 A LYS 149 ? CD  ? A LYS 120 CD  
47 1 Y 1 A LYS 149 ? CE  ? A LYS 120 CE  
48 1 Y 1 A LYS 149 ? NZ  ? A LYS 120 NZ  
49 1 Y 1 A ASP 153 ? CG  ? A ASP 124 CG  
50 1 Y 1 A ASP 153 ? OD1 ? A ASP 124 OD1 
51 1 Y 1 A ASP 153 ? OD2 ? A ASP 124 OD2 
52 1 Y 1 A GLU 157 ? CG  ? A GLU 128 CG  
53 1 Y 1 A GLU 157 ? CD  ? A GLU 128 CD  
54 1 Y 1 A GLU 157 ? OE1 ? A GLU 128 OE1 
55 1 Y 1 A GLU 157 ? OE2 ? A GLU 128 OE2 
56 1 Y 1 A LYS 182 ? CD  ? A LYS 153 CD  
57 1 Y 1 A LYS 182 ? CE  ? A LYS 153 CE  
58 1 Y 1 A LYS 182 ? NZ  ? A LYS 153 NZ  
59 1 Y 1 A LYS 189 ? CG  ? A LYS 160 CG  
60 1 Y 1 A LYS 189 ? CD  ? A LYS 160 CD  
61 1 Y 1 A LYS 189 ? CE  ? A LYS 160 CE  
62 1 Y 1 A LYS 189 ? NZ  ? A LYS 160 NZ  
63 1 Y 1 A ASN 190 ? CG  ? A ASN 161 CG  
64 1 Y 1 A ASN 190 ? OD1 ? A ASN 161 OD1 
65 1 Y 1 A ASN 190 ? ND2 ? A ASN 161 ND2 
# 
loop_
_pdbx_unobs_or_zero_occ_residues.id 
_pdbx_unobs_or_zero_occ_residues.PDB_model_num 
_pdbx_unobs_or_zero_occ_residues.polymer_flag 
_pdbx_unobs_or_zero_occ_residues.occupancy_flag 
_pdbx_unobs_or_zero_occ_residues.auth_asym_id 
_pdbx_unobs_or_zero_occ_residues.auth_comp_id 
_pdbx_unobs_or_zero_occ_residues.auth_seq_id 
_pdbx_unobs_or_zero_occ_residues.PDB_ins_code 
_pdbx_unobs_or_zero_occ_residues.label_asym_id 
_pdbx_unobs_or_zero_occ_residues.label_comp_id 
_pdbx_unobs_or_zero_occ_residues.label_seq_id 
1 1 Y 1 A GLU 193 ? A GLU 164 
2 1 Y 1 A HIS 194 ? A HIS 165 
3 1 Y 1 A HIS 195 ? A HIS 166 
4 1 Y 1 A HIS 196 ? A HIS 167 
5 1 Y 1 A HIS 197 ? A HIS 168 
6 1 Y 1 A HIS 198 ? A HIS 169 
7 1 Y 1 A HIS 199 ? A HIS 170 
# 
loop_
_chem_comp_atom.comp_id 
_chem_comp_atom.atom_id 
_chem_comp_atom.type_symbol 
_chem_comp_atom.pdbx_aromatic_flag 
_chem_comp_atom.pdbx_stereo_config 
_chem_comp_atom.pdbx_ordinal 
ALA N    N N N 1   
ALA CA   C N S 2   
ALA C    C N N 3   
ALA O    O N N 4   
ALA CB   C N N 5   
ALA OXT  O N N 6   
ALA H    H N N 7   
ALA H2   H N N 8   
ALA HA   H N N 9   
ALA HB1  H N N 10  
ALA HB2  H N N 11  
ALA HB3  H N N 12  
ALA HXT  H N N 13  
ARG N    N N N 14  
ARG CA   C N S 15  
ARG C    C N N 16  
ARG O    O N N 17  
ARG CB   C N N 18  
ARG CG   C N N 19  
ARG CD   C N N 20  
ARG NE   N N N 21  
ARG CZ   C N N 22  
ARG NH1  N N N 23  
ARG NH2  N N N 24  
ARG OXT  O N N 25  
ARG H    H N N 26  
ARG H2   H N N 27  
ARG HA   H N N 28  
ARG HB2  H N N 29  
ARG HB3  H N N 30  
ARG HG2  H N N 31  
ARG HG3  H N N 32  
ARG HD2  H N N 33  
ARG HD3  H N N 34  
ARG HE   H N N 35  
ARG HH11 H N N 36  
ARG HH12 H N N 37  
ARG HH21 H N N 38  
ARG HH22 H N N 39  
ARG HXT  H N N 40  
ASN N    N N N 41  
ASN CA   C N S 42  
ASN C    C N N 43  
ASN O    O N N 44  
ASN CB   C N N 45  
ASN CG   C N N 46  
ASN OD1  O N N 47  
ASN ND2  N N N 48  
ASN OXT  O N N 49  
ASN H    H N N 50  
ASN H2   H N N 51  
ASN HA   H N N 52  
ASN HB2  H N N 53  
ASN HB3  H N N 54  
ASN HD21 H N N 55  
ASN HD22 H N N 56  
ASN HXT  H N N 57  
ASP N    N N N 58  
ASP CA   C N S 59  
ASP C    C N N 60  
ASP O    O N N 61  
ASP CB   C N N 62  
ASP CG   C N N 63  
ASP OD1  O N N 64  
ASP OD2  O N N 65  
ASP OXT  O N N 66  
ASP H    H N N 67  
ASP H2   H N N 68  
ASP HA   H N N 69  
ASP HB2  H N N 70  
ASP HB3  H N N 71  
ASP HD2  H N N 72  
ASP HXT  H N N 73  
CYS N    N N N 74  
CYS CA   C N R 75  
CYS C    C N N 76  
CYS O    O N N 77  
CYS CB   C N N 78  
CYS SG   S N N 79  
CYS OXT  O N N 80  
CYS H    H N N 81  
CYS H2   H N N 82  
CYS HA   H N N 83  
CYS HB2  H N N 84  
CYS HB3  H N N 85  
CYS HG   H N N 86  
CYS HXT  H N N 87  
GLN N    N N N 88  
GLN CA   C N S 89  
GLN C    C N N 90  
GLN O    O N N 91  
GLN CB   C N N 92  
GLN CG   C N N 93  
GLN CD   C N N 94  
GLN OE1  O N N 95  
GLN NE2  N N N 96  
GLN OXT  O N N 97  
GLN H    H N N 98  
GLN H2   H N N 99  
GLN HA   H N N 100 
GLN HB2  H N N 101 
GLN HB3  H N N 102 
GLN HG2  H N N 103 
GLN HG3  H N N 104 
GLN HE21 H N N 105 
GLN HE22 H N N 106 
GLN HXT  H N N 107 
GLU N    N N N 108 
GLU CA   C N S 109 
GLU C    C N N 110 
GLU O    O N N 111 
GLU CB   C N N 112 
GLU CG   C N N 113 
GLU CD   C N N 114 
GLU OE1  O N N 115 
GLU OE2  O N N 116 
GLU OXT  O N N 117 
GLU H    H N N 118 
GLU H2   H N N 119 
GLU HA   H N N 120 
GLU HB2  H N N 121 
GLU HB3  H N N 122 
GLU HG2  H N N 123 
GLU HG3  H N N 124 
GLU HE2  H N N 125 
GLU HXT  H N N 126 
GLY N    N N N 127 
GLY CA   C N N 128 
GLY C    C N N 129 
GLY O    O N N 130 
GLY OXT  O N N 131 
GLY H    H N N 132 
GLY H2   H N N 133 
GLY HA2  H N N 134 
GLY HA3  H N N 135 
GLY HXT  H N N 136 
HIS N    N N N 137 
HIS CA   C N S 138 
HIS C    C N N 139 
HIS O    O N N 140 
HIS CB   C N N 141 
HIS CG   C Y N 142 
HIS ND1  N Y N 143 
HIS CD2  C Y N 144 
HIS CE1  C Y N 145 
HIS NE2  N Y N 146 
HIS OXT  O N N 147 
HIS H    H N N 148 
HIS H2   H N N 149 
HIS HA   H N N 150 
HIS HB2  H N N 151 
HIS HB3  H N N 152 
HIS HD1  H N N 153 
HIS HD2  H N N 154 
HIS HE1  H N N 155 
HIS HE2  H N N 156 
HIS HXT  H N N 157 
HOH O    O N N 158 
HOH H1   H N N 159 
HOH H2   H N N 160 
ILE N    N N N 161 
ILE CA   C N S 162 
ILE C    C N N 163 
ILE O    O N N 164 
ILE CB   C N S 165 
ILE CG1  C N N 166 
ILE CG2  C N N 167 
ILE CD1  C N N 168 
ILE OXT  O N N 169 
ILE H    H N N 170 
ILE H2   H N N 171 
ILE HA   H N N 172 
ILE HB   H N N 173 
ILE HG12 H N N 174 
ILE HG13 H N N 175 
ILE HG21 H N N 176 
ILE HG22 H N N 177 
ILE HG23 H N N 178 
ILE HD11 H N N 179 
ILE HD12 H N N 180 
ILE HD13 H N N 181 
ILE HXT  H N N 182 
LEU N    N N N 183 
LEU CA   C N S 184 
LEU C    C N N 185 
LEU O    O N N 186 
LEU CB   C N N 187 
LEU CG   C N N 188 
LEU CD1  C N N 189 
LEU CD2  C N N 190 
LEU OXT  O N N 191 
LEU H    H N N 192 
LEU H2   H N N 193 
LEU HA   H N N 194 
LEU HB2  H N N 195 
LEU HB3  H N N 196 
LEU HG   H N N 197 
LEU HD11 H N N 198 
LEU HD12 H N N 199 
LEU HD13 H N N 200 
LEU HD21 H N N 201 
LEU HD22 H N N 202 
LEU HD23 H N N 203 
LEU HXT  H N N 204 
LYS N    N N N 205 
LYS CA   C N S 206 
LYS C    C N N 207 
LYS O    O N N 208 
LYS CB   C N N 209 
LYS CG   C N N 210 
LYS CD   C N N 211 
LYS CE   C N N 212 
LYS NZ   N N N 213 
LYS OXT  O N N 214 
LYS H    H N N 215 
LYS H2   H N N 216 
LYS HA   H N N 217 
LYS HB2  H N N 218 
LYS HB3  H N N 219 
LYS HG2  H N N 220 
LYS HG3  H N N 221 
LYS HD2  H N N 222 
LYS HD3  H N N 223 
LYS HE2  H N N 224 
LYS HE3  H N N 225 
LYS HZ1  H N N 226 
LYS HZ2  H N N 227 
LYS HZ3  H N N 228 
LYS HXT  H N N 229 
MET N    N N N 230 
MET CA   C N S 231 
MET C    C N N 232 
MET O    O N N 233 
MET CB   C N N 234 
MET CG   C N N 235 
MET SD   S N N 236 
MET CE   C N N 237 
MET OXT  O N N 238 
MET H    H N N 239 
MET H2   H N N 240 
MET HA   H N N 241 
MET HB2  H N N 242 
MET HB3  H N N 243 
MET HG2  H N N 244 
MET HG3  H N N 245 
MET HE1  H N N 246 
MET HE2  H N N 247 
MET HE3  H N N 248 
MET HXT  H N N 249 
PHE N    N N N 250 
PHE CA   C N S 251 
PHE C    C N N 252 
PHE O    O N N 253 
PHE CB   C N N 254 
PHE CG   C Y N 255 
PHE CD1  C Y N 256 
PHE CD2  C Y N 257 
PHE CE1  C Y N 258 
PHE CE2  C Y N 259 
PHE CZ   C Y N 260 
PHE OXT  O N N 261 
PHE H    H N N 262 
PHE H2   H N N 263 
PHE HA   H N N 264 
PHE HB2  H N N 265 
PHE HB3  H N N 266 
PHE HD1  H N N 267 
PHE HD2  H N N 268 
PHE HE1  H N N 269 
PHE HE2  H N N 270 
PHE HZ   H N N 271 
PHE HXT  H N N 272 
PRO N    N N N 273 
PRO CA   C N S 274 
PRO C    C N N 275 
PRO O    O N N 276 
PRO CB   C N N 277 
PRO CG   C N N 278 
PRO CD   C N N 279 
PRO OXT  O N N 280 
PRO H    H N N 281 
PRO HA   H N N 282 
PRO HB2  H N N 283 
PRO HB3  H N N 284 
PRO HG2  H N N 285 
PRO HG3  H N N 286 
PRO HD2  H N N 287 
PRO HD3  H N N 288 
PRO HXT  H N N 289 
SER N    N N N 290 
SER CA   C N S 291 
SER C    C N N 292 
SER O    O N N 293 
SER CB   C N N 294 
SER OG   O N N 295 
SER OXT  O N N 296 
SER H    H N N 297 
SER H2   H N N 298 
SER HA   H N N 299 
SER HB2  H N N 300 
SER HB3  H N N 301 
SER HG   H N N 302 
SER HXT  H N N 303 
THR N    N N N 304 
THR CA   C N S 305 
THR C    C N N 306 
THR O    O N N 307 
THR CB   C N R 308 
THR OG1  O N N 309 
THR CG2  C N N 310 
THR OXT  O N N 311 
THR H    H N N 312 
THR H2   H N N 313 
THR HA   H N N 314 
THR HB   H N N 315 
THR HG1  H N N 316 
THR HG21 H N N 317 
THR HG22 H N N 318 
THR HG23 H N N 319 
THR HXT  H N N 320 
TRP N    N N N 321 
TRP CA   C N S 322 
TRP C    C N N 323 
TRP O    O N N 324 
TRP CB   C N N 325 
TRP CG   C Y N 326 
TRP CD1  C Y N 327 
TRP CD2  C Y N 328 
TRP NE1  N Y N 329 
TRP CE2  C Y N 330 
TRP CE3  C Y N 331 
TRP CZ2  C Y N 332 
TRP CZ3  C Y N 333 
TRP CH2  C Y N 334 
TRP OXT  O N N 335 
TRP H    H N N 336 
TRP H2   H N N 337 
TRP HA   H N N 338 
TRP HB2  H N N 339 
TRP HB3  H N N 340 
TRP HD1  H N N 341 
TRP HE1  H N N 342 
TRP HE3  H N N 343 
TRP HZ2  H N N 344 
TRP HZ3  H N N 345 
TRP HH2  H N N 346 
TRP HXT  H N N 347 
TYR N    N N N 348 
TYR CA   C N S 349 
TYR C    C N N 350 
TYR O    O N N 351 
TYR CB   C N N 352 
TYR CG   C Y N 353 
TYR CD1  C Y N 354 
TYR CD2  C Y N 355 
TYR CE1  C Y N 356 
TYR CE2  C Y N 357 
TYR CZ   C Y N 358 
TYR OH   O N N 359 
TYR OXT  O N N 360 
TYR H    H N N 361 
TYR H2   H N N 362 
TYR HA   H N N 363 
TYR HB2  H N N 364 
TYR HB3  H N N 365 
TYR HD1  H N N 366 
TYR HD2  H N N 367 
TYR HE1  H N N 368 
TYR HE2  H N N 369 
TYR HH   H N N 370 
TYR HXT  H N N 371 
VAL N    N N N 372 
VAL CA   C N S 373 
VAL C    C N N 374 
VAL O    O N N 375 
VAL CB   C N N 376 
VAL CG1  C N N 377 
VAL CG2  C N N 378 
VAL OXT  O N N 379 
VAL H    H N N 380 
VAL H2   H N N 381 
VAL HA   H N N 382 
VAL HB   H N N 383 
VAL HG11 H N N 384 
VAL HG12 H N N 385 
VAL HG13 H N N 386 
VAL HG21 H N N 387 
VAL HG22 H N N 388 
VAL HG23 H N N 389 
VAL HXT  H N N 390 
# 
loop_
_chem_comp_bond.comp_id 
_chem_comp_bond.atom_id_1 
_chem_comp_bond.atom_id_2 
_chem_comp_bond.value_order 
_chem_comp_bond.pdbx_aromatic_flag 
_chem_comp_bond.pdbx_stereo_config 
_chem_comp_bond.pdbx_ordinal 
ALA N   CA   sing N N 1   
ALA N   H    sing N N 2   
ALA N   H2   sing N N 3   
ALA CA  C    sing N N 4   
ALA CA  CB   sing N N 5   
ALA CA  HA   sing N N 6   
ALA C   O    doub N N 7   
ALA C   OXT  sing N N 8   
ALA CB  HB1  sing N N 9   
ALA CB  HB2  sing N N 10  
ALA CB  HB3  sing N N 11  
ALA OXT HXT  sing N N 12  
ARG N   CA   sing N N 13  
ARG N   H    sing N N 14  
ARG N   H2   sing N N 15  
ARG CA  C    sing N N 16  
ARG CA  CB   sing N N 17  
ARG CA  HA   sing N N 18  
ARG C   O    doub N N 19  
ARG C   OXT  sing N N 20  
ARG CB  CG   sing N N 21  
ARG CB  HB2  sing N N 22  
ARG CB  HB3  sing N N 23  
ARG CG  CD   sing N N 24  
ARG CG  HG2  sing N N 25  
ARG CG  HG3  sing N N 26  
ARG CD  NE   sing N N 27  
ARG CD  HD2  sing N N 28  
ARG CD  HD3  sing N N 29  
ARG NE  CZ   sing N N 30  
ARG NE  HE   sing N N 31  
ARG CZ  NH1  sing N N 32  
ARG CZ  NH2  doub N N 33  
ARG NH1 HH11 sing N N 34  
ARG NH1 HH12 sing N N 35  
ARG NH2 HH21 sing N N 36  
ARG NH2 HH22 sing N N 37  
ARG OXT HXT  sing N N 38  
ASN N   CA   sing N N 39  
ASN N   H    sing N N 40  
ASN N   H2   sing N N 41  
ASN CA  C    sing N N 42  
ASN CA  CB   sing N N 43  
ASN CA  HA   sing N N 44  
ASN C   O    doub N N 45  
ASN C   OXT  sing N N 46  
ASN CB  CG   sing N N 47  
ASN CB  HB2  sing N N 48  
ASN CB  HB3  sing N N 49  
ASN CG  OD1  doub N N 50  
ASN CG  ND2  sing N N 51  
ASN ND2 HD21 sing N N 52  
ASN ND2 HD22 sing N N 53  
ASN OXT HXT  sing N N 54  
ASP N   CA   sing N N 55  
ASP N   H    sing N N 56  
ASP N   H2   sing N N 57  
ASP CA  C    sing N N 58  
ASP CA  CB   sing N N 59  
ASP CA  HA   sing N N 60  
ASP C   O    doub N N 61  
ASP C   OXT  sing N N 62  
ASP CB  CG   sing N N 63  
ASP CB  HB2  sing N N 64  
ASP CB  HB3  sing N N 65  
ASP CG  OD1  doub N N 66  
ASP CG  OD2  sing N N 67  
ASP OD2 HD2  sing N N 68  
ASP OXT HXT  sing N N 69  
CYS N   CA   sing N N 70  
CYS N   H    sing N N 71  
CYS N   H2   sing N N 72  
CYS CA  C    sing N N 73  
CYS CA  CB   sing N N 74  
CYS CA  HA   sing N N 75  
CYS C   O    doub N N 76  
CYS C   OXT  sing N N 77  
CYS CB  SG   sing N N 78  
CYS CB  HB2  sing N N 79  
CYS CB  HB3  sing N N 80  
CYS SG  HG   sing N N 81  
CYS OXT HXT  sing N N 82  
GLN N   CA   sing N N 83  
GLN N   H    sing N N 84  
GLN N   H2   sing N N 85  
GLN CA  C    sing N N 86  
GLN CA  CB   sing N N 87  
GLN CA  HA   sing N N 88  
GLN C   O    doub N N 89  
GLN C   OXT  sing N N 90  
GLN CB  CG   sing N N 91  
GLN CB  HB2  sing N N 92  
GLN CB  HB3  sing N N 93  
GLN CG  CD   sing N N 94  
GLN CG  HG2  sing N N 95  
GLN CG  HG3  sing N N 96  
GLN CD  OE1  doub N N 97  
GLN CD  NE2  sing N N 98  
GLN NE2 HE21 sing N N 99  
GLN NE2 HE22 sing N N 100 
GLN OXT HXT  sing N N 101 
GLU N   CA   sing N N 102 
GLU N   H    sing N N 103 
GLU N   H2   sing N N 104 
GLU CA  C    sing N N 105 
GLU CA  CB   sing N N 106 
GLU CA  HA   sing N N 107 
GLU C   O    doub N N 108 
GLU C   OXT  sing N N 109 
GLU CB  CG   sing N N 110 
GLU CB  HB2  sing N N 111 
GLU CB  HB3  sing N N 112 
GLU CG  CD   sing N N 113 
GLU CG  HG2  sing N N 114 
GLU CG  HG3  sing N N 115 
GLU CD  OE1  doub N N 116 
GLU CD  OE2  sing N N 117 
GLU OE2 HE2  sing N N 118 
GLU OXT HXT  sing N N 119 
GLY N   CA   sing N N 120 
GLY N   H    sing N N 121 
GLY N   H2   sing N N 122 
GLY CA  C    sing N N 123 
GLY CA  HA2  sing N N 124 
GLY CA  HA3  sing N N 125 
GLY C   O    doub N N 126 
GLY C   OXT  sing N N 127 
GLY OXT HXT  sing N N 128 
HIS N   CA   sing N N 129 
HIS N   H    sing N N 130 
HIS N   H2   sing N N 131 
HIS CA  C    sing N N 132 
HIS CA  CB   sing N N 133 
HIS CA  HA   sing N N 134 
HIS C   O    doub N N 135 
HIS C   OXT  sing N N 136 
HIS CB  CG   sing N N 137 
HIS CB  HB2  sing N N 138 
HIS CB  HB3  sing N N 139 
HIS CG  ND1  sing Y N 140 
HIS CG  CD2  doub Y N 141 
HIS ND1 CE1  doub Y N 142 
HIS ND1 HD1  sing N N 143 
HIS CD2 NE2  sing Y N 144 
HIS CD2 HD2  sing N N 145 
HIS CE1 NE2  sing Y N 146 
HIS CE1 HE1  sing N N 147 
HIS NE2 HE2  sing N N 148 
HIS OXT HXT  sing N N 149 
HOH O   H1   sing N N 150 
HOH O   H2   sing N N 151 
ILE N   CA   sing N N 152 
ILE N   H    sing N N 153 
ILE N   H2   sing N N 154 
ILE CA  C    sing N N 155 
ILE CA  CB   sing N N 156 
ILE CA  HA   sing N N 157 
ILE C   O    doub N N 158 
ILE C   OXT  sing N N 159 
ILE CB  CG1  sing N N 160 
ILE CB  CG2  sing N N 161 
ILE CB  HB   sing N N 162 
ILE CG1 CD1  sing N N 163 
ILE CG1 HG12 sing N N 164 
ILE CG1 HG13 sing N N 165 
ILE CG2 HG21 sing N N 166 
ILE CG2 HG22 sing N N 167 
ILE CG2 HG23 sing N N 168 
ILE CD1 HD11 sing N N 169 
ILE CD1 HD12 sing N N 170 
ILE CD1 HD13 sing N N 171 
ILE OXT HXT  sing N N 172 
LEU N   CA   sing N N 173 
LEU N   H    sing N N 174 
LEU N   H2   sing N N 175 
LEU CA  C    sing N N 176 
LEU CA  CB   sing N N 177 
LEU CA  HA   sing N N 178 
LEU C   O    doub N N 179 
LEU C   OXT  sing N N 180 
LEU CB  CG   sing N N 181 
LEU CB  HB2  sing N N 182 
LEU CB  HB3  sing N N 183 
LEU CG  CD1  sing N N 184 
LEU CG  CD2  sing N N 185 
LEU CG  HG   sing N N 186 
LEU CD1 HD11 sing N N 187 
LEU CD1 HD12 sing N N 188 
LEU CD1 HD13 sing N N 189 
LEU CD2 HD21 sing N N 190 
LEU CD2 HD22 sing N N 191 
LEU CD2 HD23 sing N N 192 
LEU OXT HXT  sing N N 193 
LYS N   CA   sing N N 194 
LYS N   H    sing N N 195 
LYS N   H2   sing N N 196 
LYS CA  C    sing N N 197 
LYS CA  CB   sing N N 198 
LYS CA  HA   sing N N 199 
LYS C   O    doub N N 200 
LYS C   OXT  sing N N 201 
LYS CB  CG   sing N N 202 
LYS CB  HB2  sing N N 203 
LYS CB  HB3  sing N N 204 
LYS CG  CD   sing N N 205 
LYS CG  HG2  sing N N 206 
LYS CG  HG3  sing N N 207 
LYS CD  CE   sing N N 208 
LYS CD  HD2  sing N N 209 
LYS CD  HD3  sing N N 210 
LYS CE  NZ   sing N N 211 
LYS CE  HE2  sing N N 212 
LYS CE  HE3  sing N N 213 
LYS NZ  HZ1  sing N N 214 
LYS NZ  HZ2  sing N N 215 
LYS NZ  HZ3  sing N N 216 
LYS OXT HXT  sing N N 217 
MET N   CA   sing N N 218 
MET N   H    sing N N 219 
MET N   H2   sing N N 220 
MET CA  C    sing N N 221 
MET CA  CB   sing N N 222 
MET CA  HA   sing N N 223 
MET C   O    doub N N 224 
MET C   OXT  sing N N 225 
MET CB  CG   sing N N 226 
MET CB  HB2  sing N N 227 
MET CB  HB3  sing N N 228 
MET CG  SD   sing N N 229 
MET CG  HG2  sing N N 230 
MET CG  HG3  sing N N 231 
MET SD  CE   sing N N 232 
MET CE  HE1  sing N N 233 
MET CE  HE2  sing N N 234 
MET CE  HE3  sing N N 235 
MET OXT HXT  sing N N 236 
PHE N   CA   sing N N 237 
PHE N   H    sing N N 238 
PHE N   H2   sing N N 239 
PHE CA  C    sing N N 240 
PHE CA  CB   sing N N 241 
PHE CA  HA   sing N N 242 
PHE C   O    doub N N 243 
PHE C   OXT  sing N N 244 
PHE CB  CG   sing N N 245 
PHE CB  HB2  sing N N 246 
PHE CB  HB3  sing N N 247 
PHE CG  CD1  doub Y N 248 
PHE CG  CD2  sing Y N 249 
PHE CD1 CE1  sing Y N 250 
PHE CD1 HD1  sing N N 251 
PHE CD2 CE2  doub Y N 252 
PHE CD2 HD2  sing N N 253 
PHE CE1 CZ   doub Y N 254 
PHE CE1 HE1  sing N N 255 
PHE CE2 CZ   sing Y N 256 
PHE CE2 HE2  sing N N 257 
PHE CZ  HZ   sing N N 258 
PHE OXT HXT  sing N N 259 
PRO N   CA   sing N N 260 
PRO N   CD   sing N N 261 
PRO N   H    sing N N 262 
PRO CA  C    sing N N 263 
PRO CA  CB   sing N N 264 
PRO CA  HA   sing N N 265 
PRO C   O    doub N N 266 
PRO C   OXT  sing N N 267 
PRO CB  CG   sing N N 268 
PRO CB  HB2  sing N N 269 
PRO CB  HB3  sing N N 270 
PRO CG  CD   sing N N 271 
PRO CG  HG2  sing N N 272 
PRO CG  HG3  sing N N 273 
PRO CD  HD2  sing N N 274 
PRO CD  HD3  sing N N 275 
PRO OXT HXT  sing N N 276 
SER N   CA   sing N N 277 
SER N   H    sing N N 278 
SER N   H2   sing N N 279 
SER CA  C    sing N N 280 
SER CA  CB   sing N N 281 
SER CA  HA   sing N N 282 
SER C   O    doub N N 283 
SER C   OXT  sing N N 284 
SER CB  OG   sing N N 285 
SER CB  HB2  sing N N 286 
SER CB  HB3  sing N N 287 
SER OG  HG   sing N N 288 
SER OXT HXT  sing N N 289 
THR N   CA   sing N N 290 
THR N   H    sing N N 291 
THR N   H2   sing N N 292 
THR CA  C    sing N N 293 
THR CA  CB   sing N N 294 
THR CA  HA   sing N N 295 
THR C   O    doub N N 296 
THR C   OXT  sing N N 297 
THR CB  OG1  sing N N 298 
THR CB  CG2  sing N N 299 
THR CB  HB   sing N N 300 
THR OG1 HG1  sing N N 301 
THR CG2 HG21 sing N N 302 
THR CG2 HG22 sing N N 303 
THR CG2 HG23 sing N N 304 
THR OXT HXT  sing N N 305 
TRP N   CA   sing N N 306 
TRP N   H    sing N N 307 
TRP N   H2   sing N N 308 
TRP CA  C    sing N N 309 
TRP CA  CB   sing N N 310 
TRP CA  HA   sing N N 311 
TRP C   O    doub N N 312 
TRP C   OXT  sing N N 313 
TRP CB  CG   sing N N 314 
TRP CB  HB2  sing N N 315 
TRP CB  HB3  sing N N 316 
TRP CG  CD1  doub Y N 317 
TRP CG  CD2  sing Y N 318 
TRP CD1 NE1  sing Y N 319 
TRP CD1 HD1  sing N N 320 
TRP CD2 CE2  doub Y N 321 
TRP CD2 CE3  sing Y N 322 
TRP NE1 CE2  sing Y N 323 
TRP NE1 HE1  sing N N 324 
TRP CE2 CZ2  sing Y N 325 
TRP CE3 CZ3  doub Y N 326 
TRP CE3 HE3  sing N N 327 
TRP CZ2 CH2  doub Y N 328 
TRP CZ2 HZ2  sing N N 329 
TRP CZ3 CH2  sing Y N 330 
TRP CZ3 HZ3  sing N N 331 
TRP CH2 HH2  sing N N 332 
TRP OXT HXT  sing N N 333 
TYR N   CA   sing N N 334 
TYR N   H    sing N N 335 
TYR N   H2   sing N N 336 
TYR CA  C    sing N N 337 
TYR CA  CB   sing N N 338 
TYR CA  HA   sing N N 339 
TYR C   O    doub N N 340 
TYR C   OXT  sing N N 341 
TYR CB  CG   sing N N 342 
TYR CB  HB2  sing N N 343 
TYR CB  HB3  sing N N 344 
TYR CG  CD1  doub Y N 345 
TYR CG  CD2  sing Y N 346 
TYR CD1 CE1  sing Y N 347 
TYR CD1 HD1  sing N N 348 
TYR CD2 CE2  doub Y N 349 
TYR CD2 HD2  sing N N 350 
TYR CE1 CZ   doub Y N 351 
TYR CE1 HE1  sing N N 352 
TYR CE2 CZ   sing Y N 353 
TYR CE2 HE2  sing N N 354 
TYR CZ  OH   sing N N 355 
TYR OH  HH   sing N N 356 
TYR OXT HXT  sing N N 357 
VAL N   CA   sing N N 358 
VAL N   H    sing N N 359 
VAL N   H2   sing N N 360 
VAL CA  C    sing N N 361 
VAL CA  CB   sing N N 362 
VAL CA  HA   sing N N 363 
VAL C   O    doub N N 364 
VAL C   OXT  sing N N 365 
VAL CB  CG1  sing N N 366 
VAL CB  CG2  sing N N 367 
VAL CB  HB   sing N N 368 
VAL CG1 HG11 sing N N 369 
VAL CG1 HG12 sing N N 370 
VAL CG1 HG13 sing N N 371 
VAL CG2 HG21 sing N N 372 
VAL CG2 HG22 sing N N 373 
VAL CG2 HG23 sing N N 374 
VAL OXT HXT  sing N N 375 
# 
loop_
_pdbx_audit_support.funding_organization 
_pdbx_audit_support.country 
_pdbx_audit_support.grant_number 
_pdbx_audit_support.ordinal 
'the Chinese Ministry of Science and Technology'  China '2012CB917200 and 2009CB825500'             1 
'the Chinese National Natural Science Foundation' China '31270014, 31130018, 30900224 and 10979039' 2 
# 
_pdbx_entity_nonpoly.entity_id   2 
_pdbx_entity_nonpoly.name        water 
_pdbx_entity_nonpoly.comp_id     HOH 
# 
_pdbx_initial_refinement_model.id               1 
_pdbx_initial_refinement_model.entity_id_list   ? 
_pdbx_initial_refinement_model.type             'experimental model' 
_pdbx_initial_refinement_model.source_name      PDB 
_pdbx_initial_refinement_model.accession_code   5CMW 
_pdbx_initial_refinement_model.details          ? 
# 
